data_8W0Y
#
_entry.id   8W0Y
#
_cell.length_a   179.410
_cell.length_b   179.410
_cell.length_c   168.762
_cell.angle_alpha   90.00
_cell.angle_beta   90.00
_cell.angle_gamma   120.00
#
_symmetry.space_group_name_H-M   'P 3 2 1'
#
loop_
_entity.id
_entity.type
_entity.pdbx_description
1 polymer 'hcab17 Fab Heavy Chain'
2 polymer 'hcab17 Fab Light Chain'
3 polymer 'Envelope glycoprotein E2'
4 branched 2-acetamido-2-deoxy-beta-D-glucopyranose-(1-4)-2-acetamido-2-deoxy-beta-D-glucopyranose
5 branched alpha-D-mannopyranose-(1-3)-[alpha-D-mannopyranose-(1-6)]beta-D-mannopyranose-(1-4)-2-acetamido-2-deoxy-beta-D-glucopyranose-(1-4)-2-acetamido-2-deoxy-beta-D-glucopyranose
6 branched beta-D-mannopyranose-(1-4)-2-acetamido-2-deoxy-beta-D-glucopyranose-(1-4)-2-acetamido-2-deoxy-beta-D-glucopyranose
7 non-polymer 2-acetamido-2-deoxy-beta-D-glucopyranose
8 water water
#
loop_
_entity_poly.entity_id
_entity_poly.type
_entity_poly.pdbx_seq_one_letter_code
_entity_poly.pdbx_strand_id
1 'polypeptide(L)'
;QVQLNQWGAGLLKPSETLSLTCAVYGDAFSGNYWSWIRQPPGKGLQWIGEINHSGNTNYDPSLESRVSISLDTSKNQLSL
KLNSVTAADTALYYCARGQRNCSGGNCYSGLWAWGQGTLVTVSSASTKGPSVFPLAPSSKSTSGGTAALGCLVKDYFPEP
VTVSWNSGALTSGVHTFPAVLQSSGLYSLSSVVTVPSSSLGTQTYICNVNHKPSNTKVDKRVEPKSCDKTHHHHHH
;
A,H
2 'polypeptide(L)'
;AIHMTQSPFSLSASVGDRVTITCRASQGIRNDLAWYQHKPGTAPKVLIYAASSLQDGVSSRFSGSGSGTLFTLTISSLQP
EDFATYYCLQGYNYPRTFGQGTKVEMKRTVAAPSVFIFPPSDEQLKSGTASVVCLLNNFYPREAKVQWKVDNALQSGNSQ
ESVTEQDSKDSTYSLSSTLTLSKADYEKHKVYACEVTHQGLSSPVTKSFNRGEC
;
B,L
3 'polypeptide(L)'
;STHVTGGTASHTTRHFASLFSSGASQRVQLINTNGSWHINRTALNCNDSLHTGFLAALFYTHKFNASGCPERMAHCRPID
EFAQGWGPITYAEGHGSDQRPYCWHYAPRQCGTIPASQVCGPVYCFTPSPVVVGTTDRFGAPTYTWGENETDVLILNNTR
PPQGNWFGCTWMNSTGFTKTCGGPPCNIGGVGNNTLTCPTDCFRKHPEATYTKCGSGPWLTPRCLVDYPYRLWHYPCTVN
FTIFKVRMYVGGVEHRLNAACN
;
C,D
#
# COMPACT_ATOMS: atom_id res chain seq x y z
N GLN A 1 -18.20 12.77 18.31
CA GLN A 1 -18.07 12.07 19.59
C GLN A 1 -18.85 10.78 19.53
N VAL A 2 -18.23 9.72 20.02
CA VAL A 2 -18.65 8.35 19.76
C VAL A 2 -19.12 7.71 21.06
N GLN A 3 -20.34 7.20 21.06
CA GLN A 3 -20.91 6.54 22.21
C GLN A 3 -21.53 5.20 21.80
N LEU A 4 -21.36 4.20 22.65
CA LEU A 4 -21.64 2.83 22.30
C LEU A 4 -23.03 2.46 22.82
N ASN A 5 -23.46 1.24 22.55
CA ASN A 5 -24.83 0.82 22.88
C ASN A 5 -24.82 -0.59 23.46
N GLN A 6 -25.36 -0.76 24.67
CA GLN A 6 -25.39 -2.06 25.34
C GLN A 6 -26.80 -2.62 25.41
N TRP A 7 -26.91 -3.93 25.24
CA TRP A 7 -28.18 -4.64 25.21
C TRP A 7 -28.13 -5.66 26.34
N GLY A 8 -29.19 -6.44 26.46
CA GLY A 8 -29.10 -7.60 27.31
C GLY A 8 -30.04 -7.59 28.49
N ALA A 9 -30.43 -8.79 28.93
CA ALA A 9 -31.28 -8.90 30.10
C ALA A 9 -30.49 -8.62 31.37
N GLY A 10 -30.99 -7.71 32.20
CA GLY A 10 -30.26 -7.30 33.37
C GLY A 10 -30.61 -7.97 34.69
N LEU A 11 -31.80 -8.54 34.83
CA LEU A 11 -32.16 -9.20 36.07
C LEU A 11 -31.78 -10.68 35.96
N LEU A 12 -31.05 -11.17 36.96
CA LEU A 12 -30.67 -12.57 37.02
C LEU A 12 -30.98 -13.13 38.40
N LYS A 13 -31.20 -14.43 38.44
CA LYS A 13 -31.19 -15.15 39.70
C LYS A 13 -29.94 -16.02 39.78
N PRO A 14 -29.43 -16.32 40.97
CA PRO A 14 -28.10 -16.93 41.05
C PRO A 14 -27.98 -18.23 40.28
N SER A 15 -26.77 -18.48 39.78
CA SER A 15 -26.36 -19.63 38.99
C SER A 15 -26.88 -19.60 37.56
N GLU A 16 -27.41 -18.47 37.09
CA GLU A 16 -27.71 -18.28 35.67
C GLU A 16 -26.45 -17.85 34.95
N THR A 17 -26.58 -17.32 33.74
CA THR A 17 -25.42 -16.84 32.97
C THR A 17 -25.73 -15.47 32.36
N LEU A 18 -25.10 -14.42 32.90
CA LEU A 18 -25.24 -13.08 32.34
C LEU A 18 -24.63 -13.00 30.94
N SER A 19 -25.32 -12.31 30.02
CA SER A 19 -24.87 -12.26 28.61
C SER A 19 -25.25 -10.92 27.99
N LEU A 20 -24.31 -9.97 28.01
CA LEU A 20 -24.52 -8.69 27.36
C LEU A 20 -23.91 -8.69 25.97
N THR A 21 -24.42 -7.79 25.13
CA THR A 21 -23.78 -7.44 23.88
C THR A 21 -23.58 -5.92 23.87
N CYS A 22 -22.75 -5.44 22.96
CA CYS A 22 -22.45 -4.00 22.93
C CYS A 22 -22.04 -3.62 21.52
N ALA A 23 -22.78 -2.72 20.90
CA ALA A 23 -22.48 -2.26 19.55
C ALA A 23 -21.37 -1.23 19.61
N VAL A 24 -20.13 -1.70 19.50
CA VAL A 24 -19.04 -0.78 19.22
C VAL A 24 -19.18 -0.34 17.78
N TYR A 25 -19.56 0.91 17.57
CA TYR A 25 -19.72 1.39 16.21
C TYR A 25 -18.36 1.43 15.55
N GLY A 26 -18.29 0.91 14.33
CA GLY A 26 -17.04 1.01 13.59
C GLY A 26 -16.27 -0.30 13.50
N ASP A 27 -15.66 -0.52 12.33
CA ASP A 27 -14.91 -1.74 12.06
C ASP A 27 -13.68 -1.87 12.95
N ALA A 28 -13.26 -3.13 13.14
CA ALA A 28 -12.02 -3.41 13.84
C ALA A 28 -10.86 -2.89 13.03
N PHE A 29 -10.07 -2.01 13.62
CA PHE A 29 -8.84 -1.54 13.00
C PHE A 29 -7.65 -1.85 13.89
N SER A 30 -6.47 -1.88 13.27
CA SER A 30 -5.22 -2.33 13.90
C SER A 30 -4.86 -1.52 15.13
N GLY A 31 -4.76 -2.17 16.28
CA GLY A 31 -4.49 -1.52 17.54
C GLY A 31 -5.72 -1.28 18.40
N ASN A 32 -6.91 -1.27 17.79
CA ASN A 32 -8.15 -1.15 18.52
C ASN A 32 -8.31 -2.29 19.50
N TYR A 33 -8.78 -1.97 20.72
CA TYR A 33 -9.20 -2.99 21.68
C TYR A 33 -10.48 -2.55 22.39
N TRP A 34 -11.27 -3.55 22.80
CA TRP A 34 -12.56 -3.31 23.43
C TRP A 34 -12.60 -4.05 24.76
N SER A 35 -13.23 -3.43 25.76
CA SER A 35 -13.19 -4.03 27.08
C SER A 35 -14.48 -3.75 27.85
N TRP A 36 -14.70 -4.55 28.88
CA TRP A 36 -15.87 -4.49 29.73
C TRP A 36 -15.48 -4.07 31.14
N ILE A 37 -16.29 -3.22 31.75
CA ILE A 37 -16.02 -2.65 33.07
C ILE A 37 -17.28 -2.76 33.88
N ARG A 38 -17.15 -3.06 35.17
CA ARG A 38 -18.30 -3.10 36.04
C ARG A 38 -18.07 -2.24 37.28
N GLN A 39 -19.15 -1.63 37.75
CA GLN A 39 -19.14 -0.86 39.00
C GLN A 39 -20.10 -1.52 39.98
N PRO A 40 -19.62 -2.38 40.86
CA PRO A 40 -20.47 -2.91 41.93
C PRO A 40 -20.86 -1.80 42.88
N PRO A 41 -22.10 -1.83 43.40
CA PRO A 41 -22.66 -0.62 44.03
C PRO A 41 -21.90 -0.26 45.29
N GLY A 42 -21.47 1.00 45.38
CA GLY A 42 -20.65 1.49 46.46
C GLY A 42 -19.16 1.34 46.25
N LYS A 43 -18.74 0.48 45.32
CA LYS A 43 -17.33 0.25 45.04
C LYS A 43 -16.88 1.14 43.88
N GLY A 44 -15.60 1.02 43.52
CA GLY A 44 -15.05 1.75 42.40
C GLY A 44 -15.34 1.08 41.08
N LEU A 45 -14.67 1.55 40.04
CA LEU A 45 -14.71 0.84 38.78
C LEU A 45 -13.82 -0.38 38.89
N GLN A 46 -14.25 -1.47 38.26
CA GLN A 46 -13.54 -2.73 38.33
C GLN A 46 -13.41 -3.32 36.93
N TRP A 47 -12.18 -3.73 36.58
CA TRP A 47 -11.86 -4.23 35.26
C TRP A 47 -12.28 -5.69 35.08
N ILE A 48 -12.96 -5.99 33.98
CA ILE A 48 -13.40 -7.35 33.70
C ILE A 48 -12.45 -8.00 32.69
N GLY A 49 -12.28 -7.38 31.53
CA GLY A 49 -11.40 -7.96 30.53
C GLY A 49 -11.50 -7.23 29.21
N GLU A 50 -10.53 -7.54 28.34
CA GLU A 50 -10.34 -6.86 27.07
C GLU A 50 -10.30 -7.89 25.97
N ILE A 51 -10.70 -7.50 24.76
CA ILE A 51 -10.37 -8.22 23.54
C ILE A 51 -9.94 -7.18 22.52
N ASN A 52 -8.89 -7.49 21.76
CA ASN A 52 -8.26 -6.49 20.92
C ASN A 52 -8.31 -6.90 19.44
N HIS A 53 -7.63 -6.11 18.61
CA HIS A 53 -7.67 -6.34 17.18
C HIS A 53 -7.29 -7.75 16.79
N SER A 54 -6.60 -8.48 17.66
CA SER A 54 -6.09 -9.79 17.33
C SER A 54 -7.01 -10.93 17.77
N GLY A 55 -8.00 -10.64 18.62
CA GLY A 55 -8.89 -11.65 19.11
C GLY A 55 -8.47 -12.32 20.41
N ASN A 56 -7.27 -12.03 20.91
CA ASN A 56 -6.85 -12.58 22.19
C ASN A 56 -7.12 -11.58 23.33
N THR A 57 -7.24 -12.12 24.54
CA THR A 57 -7.87 -11.42 25.64
C THR A 57 -7.10 -11.57 26.94
N ASN A 58 -7.06 -10.49 27.73
CA ASN A 58 -6.81 -10.55 29.18
C ASN A 58 -8.15 -10.50 29.89
N TYR A 59 -8.36 -11.39 30.85
CA TYR A 59 -9.45 -11.29 31.81
C TYR A 59 -8.91 -11.02 33.21
N ASP A 60 -9.82 -10.77 34.12
CA ASP A 60 -9.47 -10.71 35.54
C ASP A 60 -9.35 -12.13 36.10
N PRO A 61 -8.28 -12.44 36.86
CA PRO A 61 -8.12 -13.81 37.38
C PRO A 61 -9.28 -14.30 38.22
N SER A 62 -10.04 -13.39 38.82
CA SER A 62 -11.26 -13.77 39.53
C SER A 62 -12.27 -14.44 38.60
N LEU A 63 -12.45 -13.89 37.41
CA LEU A 63 -13.58 -14.25 36.54
C LEU A 63 -13.20 -15.10 35.35
N GLU A 64 -11.90 -15.27 35.05
CA GLU A 64 -11.48 -16.19 33.99
C GLU A 64 -12.25 -17.49 34.09
N SER A 65 -12.34 -18.02 35.31
CA SER A 65 -13.03 -19.26 35.61
C SER A 65 -14.36 -19.34 34.88
N ARG A 66 -15.06 -18.21 34.77
CA ARG A 66 -16.43 -18.26 34.29
C ARG A 66 -16.84 -17.09 33.38
N VAL A 67 -15.91 -16.35 32.79
CA VAL A 67 -16.26 -15.22 31.94
C VAL A 67 -15.75 -15.50 30.52
N SER A 68 -16.19 -14.67 29.57
CA SER A 68 -15.78 -14.81 28.17
C SER A 68 -16.15 -13.54 27.41
N ILE A 69 -15.25 -13.06 26.56
CA ILE A 69 -15.51 -11.93 25.68
C ILE A 69 -15.13 -12.31 24.24
N SER A 70 -16.05 -12.10 23.30
CA SER A 70 -15.74 -12.21 21.88
C SER A 70 -16.03 -10.89 21.18
N LEU A 71 -15.67 -10.82 19.90
CA LEU A 71 -16.07 -9.70 19.06
C LEU A 71 -16.54 -10.23 17.72
N ASP A 72 -17.86 -10.16 17.50
CA ASP A 72 -18.47 -10.57 16.25
C ASP A 72 -18.27 -9.44 15.26
N THR A 73 -17.21 -9.54 14.46
CA THR A 73 -16.97 -8.49 13.48
C THR A 73 -18.06 -8.42 12.43
N SER A 74 -18.90 -9.44 12.30
CA SER A 74 -19.92 -9.41 11.26
C SER A 74 -20.99 -8.37 11.56
N LYS A 75 -21.33 -8.18 12.85
CA LYS A 75 -22.32 -7.20 13.25
C LYS A 75 -21.71 -6.06 14.06
N ASN A 76 -20.37 -6.01 14.14
CA ASN A 76 -19.66 -5.00 14.92
C ASN A 76 -20.19 -4.95 16.36
N GLN A 77 -20.29 -6.13 16.96
CA GLN A 77 -20.89 -6.33 18.27
C GLN A 77 -19.89 -6.99 19.19
N LEU A 78 -19.72 -6.42 20.37
CA LEU A 78 -18.92 -6.98 21.45
C LEU A 78 -19.82 -7.84 22.33
N SER A 79 -19.26 -8.88 22.93
CA SER A 79 -20.05 -9.80 23.74
C SER A 79 -19.36 -10.04 25.08
N LEU A 80 -20.12 -9.96 26.17
CA LEU A 80 -19.67 -10.36 27.49
C LEU A 80 -20.62 -11.42 28.04
N LYS A 81 -20.06 -12.49 28.61
CA LYS A 81 -20.85 -13.54 29.25
C LYS A 81 -20.20 -14.01 30.54
N LEU A 82 -20.96 -13.99 31.63
CA LEU A 82 -20.52 -14.45 32.94
C LEU A 82 -21.35 -15.68 33.32
N ASN A 83 -20.67 -16.78 33.62
CA ASN A 83 -21.31 -18.05 33.95
C ASN A 83 -21.56 -18.17 35.45
N SER A 84 -22.33 -19.19 35.82
CA SER A 84 -22.54 -19.57 37.21
C SER A 84 -22.71 -18.35 38.11
N VAL A 85 -23.45 -17.35 37.61
CA VAL A 85 -23.46 -16.04 38.24
C VAL A 85 -23.86 -16.16 39.70
N THR A 86 -23.27 -15.30 40.52
CA THR A 86 -23.55 -15.19 41.94
C THR A 86 -24.34 -13.91 42.18
N ALA A 87 -25.03 -13.84 43.31
CA ALA A 87 -25.72 -12.61 43.69
C ALA A 87 -24.75 -11.44 43.85
N ALA A 88 -23.46 -11.71 44.06
CA ALA A 88 -22.49 -10.63 44.20
C ALA A 88 -22.09 -10.01 42.88
N ASP A 89 -22.48 -10.61 41.75
CA ASP A 89 -22.14 -10.03 40.46
C ASP A 89 -22.99 -8.81 40.13
N THR A 90 -23.95 -8.48 40.98
CA THR A 90 -24.72 -7.25 40.85
C THR A 90 -23.81 -6.04 40.75
N ALA A 91 -23.95 -5.32 39.66
CA ALA A 91 -23.11 -4.17 39.38
C ALA A 91 -23.70 -3.45 38.18
N LEU A 92 -23.02 -2.38 37.78
CA LEU A 92 -23.33 -1.64 36.59
C LEU A 92 -22.25 -1.95 35.58
N TYR A 93 -22.64 -2.49 34.43
CA TYR A 93 -21.69 -3.06 33.48
C TYR A 93 -21.49 -2.10 32.31
N TYR A 94 -20.26 -1.63 32.14
CA TYR A 94 -19.88 -0.73 31.06
C TYR A 94 -19.06 -1.46 30.00
N CYS A 95 -19.22 -1.05 28.75
CA CYS A 95 -18.40 -1.49 27.63
C CYS A 95 -17.71 -0.28 27.03
N ALA A 96 -16.42 -0.44 26.68
CA ALA A 96 -15.57 0.65 26.28
C ALA A 96 -14.69 0.25 25.09
N ARG A 97 -14.66 1.14 24.09
CA ARG A 97 -13.76 1.06 22.94
C ARG A 97 -12.50 1.87 23.23
N GLY A 98 -11.36 1.38 22.77
CA GLY A 98 -10.13 2.09 23.08
C GLY A 98 -9.03 1.75 22.12
N GLN A 99 -7.93 2.48 22.25
CA GLN A 99 -6.75 2.37 21.38
C GLN A 99 -5.51 2.20 22.22
N ARG A 100 -4.67 1.22 21.86
CA ARG A 100 -3.40 0.96 22.52
C ARG A 100 -2.29 0.89 21.50
N ASN A 101 -1.33 1.81 21.60
CA ASN A 101 -0.26 1.96 20.61
C ASN A 101 1.10 1.92 21.29
N CYS A 102 2.09 1.37 20.60
CA CYS A 102 3.43 1.24 21.15
C CYS A 102 4.41 2.00 20.28
N SER A 103 5.03 3.04 20.86
CA SER A 103 6.10 3.77 20.19
C SER A 103 7.44 3.07 20.45
N GLY A 104 7.52 1.85 19.94
CA GLY A 104 8.67 1.03 20.23
C GLY A 104 8.60 0.57 21.68
N GLY A 105 9.45 1.14 22.53
CA GLY A 105 9.50 0.73 23.92
C GLY A 105 8.19 0.90 24.67
N ASN A 106 7.82 2.16 24.92
CA ASN A 106 6.67 2.45 25.74
C ASN A 106 5.38 2.27 24.94
N CYS A 107 4.29 2.01 25.66
CA CYS A 107 2.95 1.91 25.08
C CYS A 107 1.96 2.66 25.94
N TYR A 108 0.87 3.09 25.32
CA TYR A 108 -0.22 3.70 26.03
C TYR A 108 -1.53 3.03 25.63
N SER A 109 -2.45 2.95 26.58
CA SER A 109 -3.80 2.53 26.32
C SER A 109 -4.73 3.66 26.74
N GLY A 110 -5.96 3.58 26.29
CA GLY A 110 -6.97 4.53 26.71
C GLY A 110 -8.31 4.19 26.10
N LEU A 111 -9.40 4.48 26.81
CA LEU A 111 -10.76 4.14 26.38
C LEU A 111 -11.50 5.43 26.08
N TRP A 112 -11.74 5.67 24.79
CA TRP A 112 -12.28 6.93 24.35
C TRP A 112 -13.75 6.88 23.99
N ALA A 113 -14.33 5.67 23.87
CA ALA A 113 -15.72 5.51 23.46
C ALA A 113 -16.34 4.47 24.37
N TRP A 114 -17.56 4.76 24.86
CA TRP A 114 -18.15 4.04 25.97
C TRP A 114 -19.60 3.69 25.69
N GLY A 115 -20.05 2.66 26.40
CA GLY A 115 -21.47 2.41 26.50
C GLY A 115 -22.19 3.42 27.38
N GLN A 116 -23.40 3.00 27.78
CA GLN A 116 -24.31 3.72 28.64
C GLN A 116 -24.44 3.06 30.00
N GLY A 117 -23.95 1.83 30.12
CA GLY A 117 -24.17 0.99 31.27
C GLY A 117 -25.33 0.04 31.06
N THR A 118 -25.36 -0.99 31.90
CA THR A 118 -26.54 -1.83 32.08
C THR A 118 -26.49 -2.29 33.53
N LEU A 119 -27.45 -1.85 34.34
CA LEU A 119 -27.56 -2.39 35.69
C LEU A 119 -27.92 -3.86 35.60
N VAL A 120 -27.15 -4.70 36.27
CA VAL A 120 -27.48 -6.10 36.37
C VAL A 120 -27.66 -6.41 37.85
N THR A 121 -28.92 -6.62 38.24
CA THR A 121 -29.25 -7.12 39.56
C THR A 121 -29.37 -8.63 39.47
N VAL A 122 -28.49 -9.34 40.16
CA VAL A 122 -28.58 -10.77 40.36
C VAL A 122 -28.95 -11.02 41.82
N SER A 123 -30.13 -11.58 42.01
CA SER A 123 -30.74 -11.76 43.33
C SER A 123 -31.90 -12.73 43.16
N SER A 124 -31.98 -13.72 44.04
CA SER A 124 -32.96 -14.80 43.96
C SER A 124 -34.40 -14.32 44.21
N ALA A 125 -34.61 -13.02 44.37
CA ALA A 125 -35.94 -12.45 44.52
C ALA A 125 -36.67 -12.45 43.18
N SER A 126 -37.98 -12.26 43.25
CA SER A 126 -38.80 -12.14 42.06
C SER A 126 -39.39 -10.73 41.98
N THR A 127 -39.55 -10.23 40.75
CA THR A 127 -39.94 -8.85 40.50
C THR A 127 -41.28 -8.52 41.15
N LYS A 128 -41.27 -7.68 42.18
CA LYS A 128 -42.47 -7.32 42.94
C LYS A 128 -42.63 -5.82 42.96
N GLY A 129 -43.84 -5.34 42.62
CA GLY A 129 -44.15 -3.93 42.69
C GLY A 129 -44.14 -3.41 44.12
N PRO A 130 -44.05 -2.09 44.27
CA PRO A 130 -43.85 -1.50 45.60
C PRO A 130 -45.15 -1.24 46.34
N SER A 131 -45.03 -1.13 47.65
CA SER A 131 -46.07 -0.56 48.51
C SER A 131 -45.60 0.84 48.92
N VAL A 132 -46.45 1.83 48.69
CA VAL A 132 -46.08 3.25 48.80
C VAL A 132 -46.95 3.87 49.89
N PHE A 133 -46.42 3.89 51.14
CA PHE A 133 -47.10 4.55 52.26
C PHE A 133 -46.75 6.03 52.30
N PRO A 134 -47.68 6.88 52.74
CA PRO A 134 -47.38 8.31 52.86
C PRO A 134 -46.51 8.62 54.07
N LEU A 135 -45.69 9.66 53.91
CA LEU A 135 -44.94 10.26 55.01
C LEU A 135 -45.65 11.59 55.34
N ALA A 136 -46.61 11.52 56.25
CA ALA A 136 -47.57 12.62 56.45
C ALA A 136 -46.92 13.77 57.23
N PRO A 137 -47.10 15.01 56.78
CA PRO A 137 -46.53 16.14 57.49
C PRO A 137 -47.30 16.45 58.77
N SER A 138 -46.53 16.74 59.83
CA SER A 138 -47.07 16.97 61.15
C SER A 138 -46.22 18.04 61.82
N SER A 139 -46.68 18.54 62.98
CA SER A 139 -45.89 19.54 63.69
C SER A 139 -44.47 19.06 63.92
N LYS A 140 -44.31 17.78 64.28
CA LYS A 140 -42.97 17.24 64.46
C LYS A 140 -42.22 17.10 63.15
N SER A 141 -42.89 17.30 62.00
CA SER A 141 -42.24 17.31 60.70
C SER A 141 -42.34 18.67 60.00
N THR A 142 -42.76 19.72 60.71
CA THR A 142 -43.20 20.95 60.09
C THR A 142 -42.30 22.15 60.36
N SER A 143 -41.38 22.06 61.32
CA SER A 143 -40.79 23.24 61.96
C SER A 143 -40.42 24.36 60.99
N GLY A 144 -40.96 25.56 61.23
CA GLY A 144 -40.64 26.73 60.43
C GLY A 144 -41.79 27.22 59.55
N GLY A 145 -41.45 27.92 58.48
CA GLY A 145 -42.43 28.13 57.43
C GLY A 145 -42.27 27.03 56.39
N THR A 146 -41.59 25.96 56.79
CA THR A 146 -41.18 24.89 55.90
C THR A 146 -41.62 23.53 56.43
N ALA A 147 -42.60 22.92 55.78
CA ALA A 147 -43.08 21.61 56.19
C ALA A 147 -42.57 20.54 55.24
N ALA A 148 -42.31 19.34 55.76
CA ALA A 148 -41.80 18.22 54.97
C ALA A 148 -42.77 17.05 54.98
N LEU A 149 -42.96 16.48 53.79
CA LEU A 149 -43.86 15.36 53.54
C LEU A 149 -43.21 14.48 52.48
N GLY A 150 -43.78 13.30 52.26
CA GLY A 150 -43.12 12.42 51.32
C GLY A 150 -43.84 11.10 51.19
N CYS A 151 -43.21 10.22 50.42
CA CYS A 151 -43.68 8.85 50.19
C CYS A 151 -42.55 7.87 50.49
N LEU A 152 -42.87 6.82 51.23
CA LEU A 152 -41.93 5.74 51.49
C LEU A 152 -42.29 4.60 50.54
N VAL A 153 -41.43 4.36 49.55
CA VAL A 153 -41.64 3.31 48.56
C VAL A 153 -40.95 2.05 49.08
N LYS A 154 -41.73 1.04 49.40
CA LYS A 154 -41.22 -0.05 50.21
C LYS A 154 -41.44 -1.40 49.56
N ASP A 155 -40.42 -2.25 49.64
CA ASP A 155 -40.50 -3.67 49.26
C ASP A 155 -40.81 -3.86 47.78
N TYR A 156 -39.84 -3.44 46.97
CA TYR A 156 -39.86 -3.69 45.54
C TYR A 156 -38.57 -4.38 45.13
N PHE A 157 -38.61 -5.05 43.97
CA PHE A 157 -37.46 -5.69 43.35
C PHE A 157 -37.78 -5.80 41.86
N PRO A 158 -36.82 -5.56 40.96
CA PRO A 158 -35.44 -5.13 41.13
C PRO A 158 -35.27 -3.61 41.13
N GLU A 159 -34.07 -3.08 40.93
CA GLU A 159 -33.73 -1.76 41.46
C GLU A 159 -34.53 -0.59 40.90
N PRO A 160 -34.71 -0.40 39.58
CA PRO A 160 -35.16 0.93 39.08
C PRO A 160 -36.58 1.36 39.42
N VAL A 161 -36.73 2.37 40.31
CA VAL A 161 -38.01 2.99 40.69
C VAL A 161 -37.91 4.50 40.53
N THR A 162 -39.00 5.15 40.08
CA THR A 162 -39.04 6.60 39.90
C THR A 162 -40.22 7.23 40.64
N VAL A 163 -39.96 8.31 41.38
CA VAL A 163 -40.96 9.08 42.11
C VAL A 163 -40.96 10.49 41.55
N SER A 164 -42.14 10.96 41.14
CA SER A 164 -42.33 12.36 40.77
C SER A 164 -43.48 12.90 41.59
N TRP A 165 -43.56 14.22 41.71
CA TRP A 165 -44.51 14.83 42.62
C TRP A 165 -45.47 15.73 41.87
N ASN A 166 -46.73 15.72 42.33
CA ASN A 166 -47.86 16.38 41.68
C ASN A 166 -47.83 16.10 40.18
N SER A 167 -47.47 14.87 39.83
CA SER A 167 -47.35 14.42 38.45
C SER A 167 -46.37 15.30 37.68
N GLY A 168 -45.16 15.43 38.22
CA GLY A 168 -44.11 16.18 37.56
C GLY A 168 -44.24 17.68 37.65
N ALA A 169 -45.31 18.19 38.24
CA ALA A 169 -45.40 19.63 38.49
C ALA A 169 -44.46 20.05 39.60
N LEU A 170 -44.45 19.30 40.72
CA LEU A 170 -43.70 19.69 41.90
C LEU A 170 -42.23 19.38 41.67
N THR A 171 -41.43 20.44 41.55
CA THR A 171 -40.01 20.37 41.25
C THR A 171 -39.16 20.67 42.48
N SER A 172 -39.39 21.83 43.11
CA SER A 172 -38.46 22.40 44.06
C SER A 172 -38.44 21.65 45.39
N GLY A 173 -37.24 21.36 45.87
CA GLY A 173 -37.06 20.86 47.22
C GLY A 173 -37.28 19.38 47.41
N VAL A 174 -37.30 18.60 46.35
CA VAL A 174 -37.52 17.17 46.47
C VAL A 174 -36.18 16.46 46.60
N HIS A 175 -36.10 15.50 47.53
CA HIS A 175 -34.97 14.59 47.64
C HIS A 175 -35.50 13.16 47.60
N THR A 176 -35.31 12.48 46.47
CA THR A 176 -35.57 11.05 46.38
C THR A 176 -34.29 10.32 46.78
N PHE A 177 -34.35 9.56 47.86
CA PHE A 177 -33.15 9.02 48.45
C PHE A 177 -32.69 7.77 47.72
N PRO A 178 -31.39 7.47 47.80
CA PRO A 178 -30.90 6.19 47.28
C PRO A 178 -31.58 5.03 47.99
N ALA A 179 -32.15 4.13 47.19
CA ALA A 179 -32.82 2.97 47.76
C ALA A 179 -31.85 2.13 48.58
N VAL A 180 -32.39 1.21 49.37
CA VAL A 180 -31.60 0.31 50.21
C VAL A 180 -32.10 -1.10 49.96
N LEU A 181 -31.22 -2.09 50.19
CA LEU A 181 -31.60 -3.51 50.05
C LEU A 181 -31.80 -4.08 51.44
N GLN A 182 -33.05 -4.10 51.89
CA GLN A 182 -33.37 -4.66 53.20
C GLN A 182 -33.19 -6.18 53.21
N SER A 183 -33.10 -6.72 54.41
CA SER A 183 -32.69 -8.11 54.60
C SER A 183 -33.66 -9.09 53.96
N SER A 184 -34.88 -8.65 53.63
CA SER A 184 -35.77 -9.49 52.85
C SER A 184 -35.16 -9.81 51.49
N GLY A 185 -34.56 -8.81 50.85
CA GLY A 185 -34.18 -8.87 49.45
C GLY A 185 -34.85 -7.83 48.59
N LEU A 186 -35.82 -7.10 49.14
CA LEU A 186 -36.53 -6.03 48.46
C LEU A 186 -35.91 -4.69 48.85
N TYR A 187 -36.42 -3.60 48.26
CA TYR A 187 -35.78 -2.30 48.35
C TYR A 187 -36.72 -1.27 48.96
N SER A 188 -36.14 -0.29 49.67
CA SER A 188 -36.90 0.76 50.35
C SER A 188 -36.34 2.11 49.95
N LEU A 189 -36.93 2.67 48.91
CA LEU A 189 -36.69 4.05 48.54
C LEU A 189 -37.58 4.97 49.37
N SER A 190 -37.12 6.20 49.57
CA SER A 190 -37.88 7.17 50.34
C SER A 190 -37.73 8.51 49.64
N SER A 191 -38.85 9.15 49.29
CA SER A 191 -38.81 10.43 48.58
C SER A 191 -39.58 11.48 49.38
N VAL A 192 -38.90 12.58 49.72
CA VAL A 192 -39.50 13.64 50.48
C VAL A 192 -39.40 14.94 49.68
N VAL A 193 -40.31 15.86 49.99
CA VAL A 193 -40.34 17.20 49.41
C VAL A 193 -40.73 18.16 50.52
N THR A 194 -40.04 19.29 50.60
CA THR A 194 -40.40 20.34 51.55
C THR A 194 -41.23 21.39 50.83
N VAL A 195 -42.34 21.78 51.44
CA VAL A 195 -43.30 22.72 50.86
C VAL A 195 -43.59 23.81 51.88
N PRO A 196 -44.12 24.96 51.43
CA PRO A 196 -44.44 26.03 52.38
C PRO A 196 -45.45 25.59 53.42
N SER A 197 -45.17 25.93 54.68
CA SER A 197 -46.05 25.58 55.78
C SER A 197 -47.46 26.04 55.51
N SER A 198 -47.61 27.27 55.02
CA SER A 198 -48.92 27.88 54.84
C SER A 198 -49.81 27.12 53.85
N SER A 199 -49.22 26.33 52.96
CA SER A 199 -49.97 25.71 51.88
C SER A 199 -50.42 24.28 52.16
N LEU A 200 -50.21 23.76 53.38
CA LEU A 200 -50.47 22.34 53.61
C LEU A 200 -51.94 22.00 53.40
N GLY A 201 -52.85 22.80 53.93
CA GLY A 201 -54.25 22.43 53.79
C GLY A 201 -54.80 22.67 52.39
N THR A 202 -54.18 23.57 51.64
CA THR A 202 -54.81 24.14 50.47
C THR A 202 -54.21 23.70 49.15
N GLN A 203 -52.93 23.30 49.12
CA GLN A 203 -52.33 22.70 47.94
C GLN A 203 -52.27 21.19 48.14
N THR A 204 -52.60 20.45 47.09
CA THR A 204 -52.70 19.00 47.13
C THR A 204 -51.40 18.36 46.65
N TYR A 205 -50.83 17.47 47.47
CA TYR A 205 -49.53 16.85 47.20
C TYR A 205 -49.73 15.37 46.92
N ILE A 206 -49.62 15.01 45.65
CA ILE A 206 -49.61 13.63 45.19
C ILE A 206 -48.19 13.27 44.78
N CYS A 207 -47.77 12.07 45.13
CA CYS A 207 -46.51 11.52 44.65
C CYS A 207 -46.83 10.41 43.66
N ASN A 208 -46.03 10.32 42.61
CA ASN A 208 -46.31 9.42 41.48
C ASN A 208 -45.15 8.43 41.36
N VAL A 209 -45.34 7.23 41.92
CA VAL A 209 -44.34 6.17 41.91
C VAL A 209 -44.51 5.32 40.65
N ASN A 210 -43.40 4.88 40.07
CA ASN A 210 -43.40 3.99 38.91
C ASN A 210 -42.31 2.94 39.06
N HIS A 211 -42.72 1.68 39.20
CA HIS A 211 -41.81 0.54 39.15
C HIS A 211 -42.10 -0.19 37.84
N LYS A 212 -41.31 0.12 36.80
CA LYS A 212 -41.48 -0.45 35.46
C LYS A 212 -41.20 -1.95 35.34
N PRO A 213 -40.34 -2.58 36.15
CA PRO A 213 -40.12 -4.04 36.00
C PRO A 213 -41.31 -4.90 36.40
N SER A 214 -42.35 -4.33 37.00
CA SER A 214 -43.57 -5.06 37.27
C SER A 214 -44.79 -4.39 36.62
N ASN A 215 -44.57 -3.35 35.81
CA ASN A 215 -45.64 -2.56 35.20
C ASN A 215 -46.58 -2.01 36.28
N THR A 216 -45.99 -1.49 37.34
CA THR A 216 -46.72 -0.98 38.50
C THR A 216 -46.72 0.54 38.48
N LYS A 217 -47.90 1.13 38.63
CA LYS A 217 -48.08 2.57 38.81
C LYS A 217 -48.82 2.82 40.11
N VAL A 218 -48.44 3.89 40.79
CA VAL A 218 -49.06 4.26 42.07
C VAL A 218 -48.99 5.77 42.21
N ASP A 219 -50.12 6.38 42.52
CA ASP A 219 -50.21 7.81 42.75
C ASP A 219 -50.81 7.99 44.13
N LYS A 220 -49.96 8.02 45.16
CA LYS A 220 -50.42 8.18 46.52
C LYS A 220 -50.52 9.64 46.88
N ARG A 221 -51.70 10.05 47.35
CA ARG A 221 -51.93 11.40 47.82
C ARG A 221 -51.45 11.50 49.27
N VAL A 222 -50.48 12.37 49.52
CA VAL A 222 -49.93 12.56 50.86
C VAL A 222 -50.54 13.82 51.44
N GLU A 223 -51.13 13.70 52.62
CA GLU A 223 -51.82 14.82 53.23
C GLU A 223 -51.60 14.81 54.75
N PRO A 224 -51.97 15.86 55.48
CA PRO A 224 -51.55 15.97 56.89
C PRO A 224 -52.26 14.96 57.79
N LYS A 225 -51.67 14.78 58.97
CA LYS A 225 -52.13 13.81 59.96
C LYS A 225 -52.38 14.52 61.29
N SER A 226 -53.50 14.18 61.93
CA SER A 226 -53.91 14.85 63.17
C SER A 226 -53.65 14.00 64.42
N ALA B 1 0.72 -8.62 39.73
CA ALA B 1 -0.36 -7.65 39.86
C ALA B 1 0.17 -6.33 40.34
N ILE B 2 0.00 -5.30 39.54
CA ILE B 2 0.51 -3.98 39.87
C ILE B 2 -0.59 -3.22 40.58
N HIS B 3 -0.37 -2.92 41.86
CA HIS B 3 -1.37 -2.27 42.68
C HIS B 3 -1.19 -0.76 42.60
N MET B 4 -2.24 -0.05 42.19
CA MET B 4 -2.25 1.40 42.20
C MET B 4 -2.96 1.88 43.45
N THR B 5 -2.30 2.74 44.23
CA THR B 5 -2.94 3.38 45.36
C THR B 5 -3.10 4.86 45.04
N GLN B 6 -4.33 5.39 45.20
CA GLN B 6 -4.70 6.73 44.75
C GLN B 6 -5.01 7.62 45.94
N SER B 7 -4.56 8.88 45.90
CA SER B 7 -4.62 9.78 47.04
C SER B 7 -5.15 11.15 46.66
N PRO B 8 -6.08 11.72 47.43
CA PRO B 8 -6.74 11.15 48.62
C PRO B 8 -8.04 10.45 48.19
N PHE B 9 -8.65 9.58 49.00
CA PHE B 9 -9.90 8.97 48.55
C PHE B 9 -11.00 10.01 48.45
N SER B 10 -11.06 10.92 49.40
CA SER B 10 -12.03 12.00 49.37
C SER B 10 -11.26 13.30 49.38
N LEU B 11 -11.91 14.37 48.89
CA LEU B 11 -11.26 15.67 48.88
C LEU B 11 -12.32 16.74 48.70
N SER B 12 -12.25 17.76 49.55
CA SER B 12 -13.19 18.88 49.50
C SER B 12 -12.44 20.11 49.02
N ALA B 13 -12.98 20.78 47.99
CA ALA B 13 -12.30 21.93 47.42
C ALA B 13 -13.32 22.93 46.94
N SER B 14 -12.87 24.19 46.82
CA SER B 14 -13.67 25.30 46.32
C SER B 14 -13.41 25.52 44.84
N VAL B 15 -14.27 26.30 44.21
CA VAL B 15 -14.10 26.63 42.80
C VAL B 15 -13.03 27.70 42.71
N GLY B 16 -11.86 27.33 42.20
CA GLY B 16 -10.76 28.26 42.03
C GLY B 16 -9.44 27.65 42.46
N ASP B 17 -9.53 26.55 43.20
CA ASP B 17 -8.34 25.93 43.76
C ASP B 17 -7.56 25.18 42.68
N ARG B 18 -6.29 24.94 42.99
CA ARG B 18 -5.54 23.88 42.33
C ARG B 18 -5.83 22.58 43.08
N VAL B 19 -5.99 21.51 42.33
CA VAL B 19 -6.29 20.20 42.91
C VAL B 19 -5.35 19.18 42.30
N THR B 20 -4.64 18.43 43.14
CA THR B 20 -3.64 17.47 42.65
C THR B 20 -3.93 16.11 43.28
N ILE B 21 -4.71 15.32 42.61
CA ILE B 21 -4.81 13.94 43.04
C ILE B 21 -3.62 13.20 42.45
N THR B 22 -3.19 12.14 43.12
CA THR B 22 -2.05 11.37 42.66
C THR B 22 -2.37 9.89 42.72
N CYS B 23 -1.42 9.10 42.24
CA CYS B 23 -1.65 7.68 42.02
C CYS B 23 -0.29 7.00 41.89
N ARG B 24 0.02 6.11 42.82
CA ARG B 24 1.34 5.47 42.91
C ARG B 24 1.23 3.99 42.53
N ALA B 25 2.22 3.51 41.78
CA ALA B 25 2.26 2.14 41.30
C ALA B 25 3.18 1.27 42.17
N SER B 26 2.76 0.03 42.43
CA SER B 26 3.56 -0.88 43.25
C SER B 26 4.93 -1.10 42.63
N GLN B 27 4.98 -1.34 41.32
CA GLN B 27 6.21 -1.32 40.54
C GLN B 27 6.03 -0.36 39.38
N GLY B 28 7.11 -0.14 38.65
CA GLY B 28 7.09 0.78 37.54
C GLY B 28 6.11 0.34 36.48
N ILE B 29 5.24 1.25 36.03
CA ILE B 29 4.28 0.96 34.98
C ILE B 29 4.65 1.79 33.77
N ARG B 30 5.93 2.14 33.67
CA ARG B 30 6.46 3.01 32.62
C ARG B 30 5.75 4.35 32.64
N ASN B 31 4.99 4.63 31.60
CA ASN B 31 4.00 5.69 31.66
C ASN B 31 2.76 5.29 30.88
N ASP B 32 2.27 4.05 31.09
CA ASP B 32 1.06 3.56 30.46
C ASP B 32 -0.21 3.98 31.19
N LEU B 33 -0.14 5.04 31.98
CA LEU B 33 -1.22 5.48 32.83
C LEU B 33 -2.28 6.26 32.04
N ALA B 34 -3.46 6.39 32.65
CA ALA B 34 -4.64 6.99 32.04
C ALA B 34 -5.54 7.54 33.16
N TRP B 35 -6.17 8.68 32.92
CA TRP B 35 -6.99 9.34 33.93
C TRP B 35 -8.42 9.46 33.44
N TYR B 36 -9.39 9.10 34.28
CA TYR B 36 -10.77 9.13 33.87
C TYR B 36 -11.61 9.91 34.86
N GLN B 37 -12.68 10.52 34.34
CA GLN B 37 -13.60 11.35 35.12
C GLN B 37 -14.96 10.68 35.16
N HIS B 38 -15.50 10.48 36.36
CA HIS B 38 -16.74 9.75 36.53
C HIS B 38 -17.68 10.60 37.34
N LYS B 39 -18.85 10.88 36.78
CA LYS B 39 -19.89 11.58 37.52
C LYS B 39 -21.09 10.65 37.60
N PRO B 40 -21.69 10.50 38.79
CA PRO B 40 -22.91 9.71 38.89
C PRO B 40 -23.85 9.94 37.72
N GLY B 41 -24.27 8.87 37.05
CA GLY B 41 -25.20 8.91 35.95
C GLY B 41 -24.59 8.80 34.58
N THR B 42 -23.34 9.20 34.42
CA THR B 42 -22.67 9.22 33.13
C THR B 42 -21.63 8.11 33.05
N ALA B 43 -21.25 7.79 31.81
CA ALA B 43 -20.12 6.92 31.59
C ALA B 43 -18.84 7.67 31.96
N PRO B 44 -17.74 6.96 32.16
CA PRO B 44 -16.46 7.64 32.35
C PRO B 44 -15.97 8.33 31.09
N LYS B 45 -15.19 9.40 31.30
CA LYS B 45 -14.45 10.13 30.29
C LYS B 45 -12.96 9.88 30.50
N VAL B 46 -12.22 9.61 29.44
CA VAL B 46 -10.77 9.77 29.55
C VAL B 46 -10.45 11.25 29.48
N LEU B 47 -9.57 11.69 30.38
CA LEU B 47 -9.00 13.03 30.35
C LEU B 47 -7.57 13.01 29.85
N ILE B 48 -6.77 12.11 30.42
CA ILE B 48 -5.35 12.01 30.13
C ILE B 48 -5.02 10.55 29.87
N TYR B 49 -4.25 10.31 28.82
CA TYR B 49 -3.69 9.00 28.47
C TYR B 49 -2.19 9.15 28.30
N ALA B 50 -1.49 8.02 28.34
CA ALA B 50 -0.03 8.03 28.35
C ALA B 50 0.53 8.91 29.45
N ALA B 51 -0.27 9.13 30.51
CA ALA B 51 0.08 9.78 31.76
C ALA B 51 0.24 11.29 31.63
N SER B 52 0.42 11.79 30.40
CA SER B 52 0.69 13.21 30.19
C SER B 52 0.07 13.80 28.95
N SER B 53 -0.71 13.06 28.17
CA SER B 53 -1.34 13.63 26.99
C SER B 53 -2.78 14.00 27.30
N LEU B 54 -3.28 15.04 26.63
CA LEU B 54 -4.65 15.52 26.84
C LEU B 54 -5.56 15.00 25.74
N GLN B 55 -6.60 14.25 26.13
CA GLN B 55 -7.54 13.73 25.13
C GLN B 55 -8.26 14.89 24.46
N ASP B 56 -8.64 14.69 23.20
CA ASP B 56 -9.10 15.77 22.35
C ASP B 56 -10.28 16.51 22.98
N GLY B 57 -10.08 17.79 23.29
CA GLY B 57 -11.13 18.60 23.88
C GLY B 57 -11.30 18.50 25.39
N VAL B 58 -10.42 17.79 26.08
CA VAL B 58 -10.34 17.85 27.55
C VAL B 58 -9.59 19.11 27.94
N SER B 59 -10.16 19.89 28.86
CA SER B 59 -9.74 21.27 29.10
C SER B 59 -8.25 21.37 29.47
N SER B 60 -7.71 22.58 29.27
CA SER B 60 -6.32 22.86 29.57
C SER B 60 -6.04 22.83 31.06
N ARG B 61 -7.07 22.89 31.90
CA ARG B 61 -6.88 22.80 33.35
C ARG B 61 -6.17 21.51 33.71
N PHE B 62 -6.56 20.42 33.06
CA PHE B 62 -6.13 19.06 33.41
C PHE B 62 -4.70 18.84 32.91
N SER B 63 -3.75 18.89 33.83
CA SER B 63 -2.38 18.49 33.55
C SER B 63 -2.14 17.10 34.13
N GLY B 64 -1.62 16.20 33.28
CA GLY B 64 -1.13 14.91 33.73
C GLY B 64 0.39 14.92 33.72
N SER B 65 0.98 14.41 34.80
CA SER B 65 2.44 14.30 34.93
C SER B 65 2.80 12.99 35.61
N GLY B 66 4.10 12.75 35.71
CA GLY B 66 4.65 11.59 36.38
C GLY B 66 5.14 10.53 35.40
N SER B 67 5.91 9.59 35.94
CA SER B 67 6.28 8.38 35.23
C SER B 67 6.99 7.46 36.19
N GLY B 68 6.90 6.16 35.92
CA GLY B 68 7.55 5.18 36.75
C GLY B 68 6.58 4.66 37.79
N THR B 69 6.69 5.15 39.03
CA THR B 69 5.83 4.75 40.12
C THR B 69 4.92 5.84 40.63
N LEU B 70 4.91 7.02 40.01
CA LEU B 70 4.35 8.18 40.70
C LEU B 70 3.74 9.11 39.67
N PHE B 71 2.41 9.23 39.67
CA PHE B 71 1.69 9.99 38.65
C PHE B 71 0.67 10.91 39.30
N THR B 72 0.49 12.09 38.71
CA THR B 72 -0.51 13.05 39.15
C THR B 72 -1.47 13.39 38.02
N LEU B 73 -2.72 13.63 38.42
CA LEU B 73 -3.65 14.48 37.69
C LEU B 73 -3.69 15.82 38.40
N THR B 74 -3.61 16.90 37.66
CA THR B 74 -3.64 18.22 38.28
C THR B 74 -4.62 19.10 37.52
N ILE B 75 -5.58 19.65 38.25
CA ILE B 75 -6.55 20.61 37.71
C ILE B 75 -6.12 22.01 38.10
N SER B 76 -6.16 22.92 37.13
CA SER B 76 -5.54 24.23 37.24
C SER B 76 -6.35 25.17 38.15
N SER B 77 -7.60 25.49 37.74
CA SER B 77 -8.62 26.11 38.59
C SER B 77 -9.88 25.27 38.53
N LEU B 78 -10.40 24.88 39.69
CA LEU B 78 -11.51 23.95 39.71
C LEU B 78 -12.75 24.57 39.10
N GLN B 79 -13.41 23.82 38.24
CA GLN B 79 -14.60 24.40 37.68
C GLN B 79 -15.84 23.63 38.13
N PRO B 80 -16.99 24.31 38.22
CA PRO B 80 -18.21 23.64 38.69
C PRO B 80 -18.47 22.29 38.05
N GLU B 81 -18.22 22.18 36.75
CA GLU B 81 -18.41 20.92 36.04
C GLU B 81 -17.35 19.90 36.41
N ASP B 82 -16.22 20.33 36.96
CA ASP B 82 -15.12 19.42 37.25
C ASP B 82 -15.38 18.57 38.48
N PHE B 83 -16.38 18.92 39.29
CA PHE B 83 -16.65 18.16 40.51
C PHE B 83 -17.21 16.79 40.14
N ALA B 84 -16.41 15.75 40.40
CA ALA B 84 -16.68 14.40 39.93
C ALA B 84 -15.83 13.44 40.75
N THR B 85 -15.74 12.19 40.32
CA THR B 85 -14.79 11.24 40.87
C THR B 85 -13.79 10.87 39.78
N TYR B 86 -12.51 10.87 40.13
CA TYR B 86 -11.43 10.59 39.18
C TYR B 86 -10.76 9.31 39.58
N TYR B 87 -10.55 8.43 38.61
CA TYR B 87 -9.80 7.19 38.80
C TYR B 87 -8.63 7.17 37.85
N CYS B 88 -7.45 6.78 38.34
CA CYS B 88 -6.35 6.46 37.42
C CYS B 88 -6.50 5.02 36.94
N LEU B 89 -5.73 4.67 35.92
CA LEU B 89 -5.74 3.31 35.41
C LEU B 89 -4.49 3.06 34.58
N GLN B 90 -3.77 1.97 34.90
CA GLN B 90 -2.55 1.60 34.22
C GLN B 90 -2.87 0.57 33.13
N GLY B 91 -2.15 0.65 32.01
CA GLY B 91 -2.40 -0.24 30.90
C GLY B 91 -1.16 -0.98 30.50
N TYR B 92 -0.33 -1.25 31.51
CA TYR B 92 0.97 -1.85 31.33
C TYR B 92 1.05 -3.31 31.75
N ASN B 93 0.07 -3.81 32.52
CA ASN B 93 0.17 -5.08 33.23
C ASN B 93 -0.91 -6.06 32.81
N TYR B 94 -0.70 -7.33 33.19
CA TYR B 94 -1.65 -8.37 32.79
C TYR B 94 -3.04 -8.14 33.36
N PRO B 95 -3.23 -7.89 34.67
CA PRO B 95 -4.54 -7.46 35.10
C PRO B 95 -4.58 -5.94 35.10
N ARG B 96 -5.41 -5.33 34.27
CA ARG B 96 -5.53 -3.89 34.38
C ARG B 96 -6.07 -3.59 35.76
N THR B 97 -5.44 -2.65 36.46
CA THR B 97 -5.84 -2.31 37.81
C THR B 97 -6.07 -0.82 37.93
N PHE B 98 -7.20 -0.44 38.51
CA PHE B 98 -7.56 0.95 38.75
C PHE B 98 -6.94 1.46 40.05
N GLY B 99 -6.96 2.77 40.21
CA GLY B 99 -6.96 3.33 41.53
C GLY B 99 -8.35 3.24 42.12
N GLN B 100 -8.43 3.53 43.42
CA GLN B 100 -9.69 3.45 44.17
C GLN B 100 -10.67 4.55 43.81
N GLY B 101 -10.23 5.59 43.10
CA GLY B 101 -11.03 6.77 42.82
C GLY B 101 -10.80 7.86 43.85
N THR B 102 -10.96 9.09 43.40
CA THR B 102 -10.97 10.26 44.27
C THR B 102 -12.26 11.03 44.02
N LYS B 103 -13.11 11.13 45.04
CA LYS B 103 -14.35 11.90 44.94
C LYS B 103 -14.06 13.32 45.41
N VAL B 104 -14.28 14.28 44.52
CA VAL B 104 -13.93 15.68 44.75
C VAL B 104 -15.23 16.44 45.00
N GLU B 105 -15.59 16.60 46.29
CA GLU B 105 -16.79 17.36 46.64
C GLU B 105 -16.49 18.85 46.71
N MET B 106 -17.56 19.63 46.76
CA MET B 106 -17.45 21.08 46.89
C MET B 106 -17.55 21.49 48.35
N LYS B 107 -16.73 22.46 48.72
CA LYS B 107 -16.74 22.99 50.08
C LYS B 107 -17.77 24.09 50.18
N ARG B 108 -18.38 24.21 51.34
CA ARG B 108 -19.40 25.24 51.57
C ARG B 108 -19.40 25.55 53.06
N THR B 109 -20.20 26.54 53.44
CA THR B 109 -20.37 26.88 54.84
C THR B 109 -21.09 25.77 55.57
N VAL B 110 -20.73 25.55 56.84
CA VAL B 110 -21.42 24.55 57.65
C VAL B 110 -22.91 24.89 57.71
N ALA B 111 -23.74 23.86 57.53
CA ALA B 111 -25.18 23.97 57.61
C ALA B 111 -25.70 22.98 58.65
N ALA B 112 -26.63 23.43 59.45
CA ALA B 112 -27.10 22.39 60.35
C ALA B 112 -28.25 21.62 59.69
N PRO B 113 -28.38 20.32 59.98
CA PRO B 113 -29.51 19.57 59.43
C PRO B 113 -30.82 20.08 60.02
N SER B 114 -31.89 19.93 59.26
CA SER B 114 -33.23 20.17 59.78
C SER B 114 -33.86 18.79 59.97
N VAL B 115 -33.99 18.35 61.21
CA VAL B 115 -34.47 17.00 61.48
C VAL B 115 -35.97 17.03 61.64
N PHE B 116 -36.64 16.20 60.86
CA PHE B 116 -38.06 15.90 61.02
C PHE B 116 -38.21 14.41 61.25
N ILE B 117 -39.15 14.01 62.10
CA ILE B 117 -39.39 12.59 62.32
C ILE B 117 -40.80 12.27 61.84
N PHE B 118 -40.90 11.29 60.94
CA PHE B 118 -42.15 10.82 60.35
C PHE B 118 -42.60 9.54 61.02
N PRO B 119 -43.83 9.49 61.52
CA PRO B 119 -44.29 8.28 62.21
C PRO B 119 -44.93 7.31 61.22
N PRO B 120 -44.94 6.02 61.53
CA PRO B 120 -45.46 5.01 60.58
C PRO B 120 -46.91 5.27 60.21
N SER B 121 -47.24 5.05 58.94
CA SER B 121 -48.60 5.31 58.49
C SER B 121 -49.55 4.24 59.01
N ASP B 122 -50.81 4.62 59.18
CA ASP B 122 -51.81 3.62 59.50
C ASP B 122 -52.02 2.67 58.33
N GLU B 123 -51.82 3.16 57.11
CA GLU B 123 -51.87 2.29 55.94
C GLU B 123 -50.88 1.14 56.07
N GLN B 124 -49.72 1.40 56.65
CA GLN B 124 -48.67 0.39 56.79
C GLN B 124 -48.93 -0.54 57.97
N LEU B 125 -49.33 0.02 59.12
CA LEU B 125 -49.48 -0.80 60.33
C LEU B 125 -50.45 -1.94 60.10
N LYS B 126 -51.40 -1.77 59.18
CA LYS B 126 -52.33 -2.84 58.84
C LYS B 126 -51.67 -3.95 58.05
N SER B 127 -50.48 -3.71 57.46
CA SER B 127 -49.77 -4.79 56.78
C SER B 127 -48.87 -5.58 57.73
N GLY B 128 -48.65 -5.08 58.95
CA GLY B 128 -47.96 -5.83 59.99
C GLY B 128 -46.63 -5.26 60.44
N THR B 129 -46.17 -4.17 59.83
CA THR B 129 -44.84 -3.62 60.07
C THR B 129 -44.93 -2.11 60.25
N ALA B 130 -43.89 -1.54 60.84
CA ALA B 130 -43.85 -0.12 61.19
C ALA B 130 -42.55 0.51 60.73
N SER B 131 -42.63 1.60 59.97
CA SER B 131 -41.45 2.30 59.46
C SER B 131 -41.44 3.71 60.04
N VAL B 132 -40.45 4.00 60.87
CA VAL B 132 -40.24 5.34 61.40
C VAL B 132 -39.12 5.98 60.58
N VAL B 133 -39.43 7.06 59.88
CA VAL B 133 -38.48 7.76 59.03
C VAL B 133 -37.96 8.99 59.76
N CYS B 134 -36.65 9.21 59.72
CA CYS B 134 -36.03 10.39 60.32
C CYS B 134 -35.23 11.12 59.26
N LEU B 135 -35.71 12.29 58.83
CA LEU B 135 -35.07 13.07 57.78
C LEU B 135 -34.11 14.09 58.38
N LEU B 136 -32.94 14.21 57.75
CA LEU B 136 -31.96 15.23 58.07
C LEU B 136 -31.72 16.00 56.79
N ASN B 137 -32.21 17.22 56.73
CA ASN B 137 -32.34 17.93 55.46
C ASN B 137 -31.31 19.05 55.31
N ASN B 138 -30.62 19.04 54.17
CA ASN B 138 -29.81 20.15 53.67
C ASN B 138 -28.79 20.62 54.70
N PHE B 139 -27.85 19.74 54.97
CA PHE B 139 -26.76 20.01 55.89
C PHE B 139 -25.41 19.83 55.20
N TYR B 140 -24.39 20.46 55.78
CA TYR B 140 -23.01 20.29 55.35
C TYR B 140 -22.14 20.59 56.57
N PRO B 141 -21.07 19.83 56.80
CA PRO B 141 -20.53 18.73 56.00
C PRO B 141 -21.33 17.43 56.07
N ARG B 142 -20.86 16.43 55.33
CA ARG B 142 -21.63 15.21 55.11
C ARG B 142 -21.69 14.33 56.36
N GLU B 143 -20.68 14.38 57.23
CA GLU B 143 -20.65 13.51 58.39
C GLU B 143 -21.83 13.80 59.31
N ALA B 144 -22.49 12.74 59.76
CA ALA B 144 -23.57 12.89 60.72
C ALA B 144 -23.79 11.55 61.40
N LYS B 145 -24.48 11.61 62.54
CA LYS B 145 -24.87 10.42 63.28
C LYS B 145 -26.35 10.50 63.62
N VAL B 146 -27.07 9.43 63.30
CA VAL B 146 -28.48 9.30 63.65
C VAL B 146 -28.60 8.04 64.48
N GLN B 147 -29.18 8.17 65.67
CA GLN B 147 -29.41 7.06 66.57
C GLN B 147 -30.86 7.07 67.04
N TRP B 148 -31.39 5.87 67.26
CA TRP B 148 -32.78 5.69 67.64
C TRP B 148 -32.89 5.26 69.09
N LYS B 149 -33.74 5.94 69.85
CA LYS B 149 -33.99 5.63 71.25
C LYS B 149 -35.48 5.36 71.41
N VAL B 150 -35.85 4.08 71.41
CA VAL B 150 -37.24 3.67 71.64
C VAL B 150 -37.44 3.57 73.14
N ASP B 151 -38.01 4.62 73.74
CA ASP B 151 -38.09 4.76 75.19
C ASP B 151 -36.70 4.69 75.81
N ASN B 152 -35.79 5.51 75.29
CA ASN B 152 -34.38 5.58 75.67
C ASN B 152 -33.60 4.31 75.36
N ALA B 153 -34.24 3.29 74.78
CA ALA B 153 -33.54 2.07 74.41
C ALA B 153 -32.82 2.32 73.10
N LEU B 154 -31.50 2.54 73.18
CA LEU B 154 -30.69 2.70 72.00
C LEU B 154 -30.80 1.45 71.12
N GLN B 155 -31.05 1.64 69.84
CA GLN B 155 -31.27 0.52 68.94
C GLN B 155 -29.93 0.11 68.30
N SER B 156 -30.00 -0.92 67.46
CA SER B 156 -28.98 -1.26 66.49
C SER B 156 -29.50 -2.39 65.62
N GLY B 157 -29.02 -2.43 64.37
CA GLY B 157 -29.38 -3.49 63.46
C GLY B 157 -30.65 -3.24 62.67
N ASN B 158 -31.60 -2.51 63.27
CA ASN B 158 -32.91 -2.26 62.67
C ASN B 158 -33.05 -0.86 62.09
N SER B 159 -31.94 -0.24 61.72
CA SER B 159 -31.94 1.12 61.17
C SER B 159 -31.17 1.13 59.85
N GLN B 160 -31.68 1.88 58.87
CA GLN B 160 -31.09 1.93 57.53
C GLN B 160 -31.19 3.36 56.99
N GLU B 161 -30.05 4.03 56.89
CA GLU B 161 -30.01 5.36 56.29
C GLU B 161 -29.49 5.26 54.85
N SER B 162 -29.57 6.39 54.14
CA SER B 162 -29.01 6.59 52.81
C SER B 162 -29.03 8.08 52.52
N VAL B 163 -27.94 8.59 51.96
CA VAL B 163 -27.72 10.03 51.85
C VAL B 163 -27.66 10.45 50.39
N THR B 164 -28.26 11.61 50.10
CA THR B 164 -28.22 12.15 48.74
C THR B 164 -26.79 12.44 48.31
N GLU B 165 -26.60 12.51 46.99
CA GLU B 165 -25.39 13.12 46.48
C GLU B 165 -25.47 14.63 46.69
N GLN B 166 -24.31 15.25 46.97
CA GLN B 166 -24.23 16.69 47.21
C GLN B 166 -25.10 17.45 46.22
N ASP B 167 -25.73 18.51 46.68
CA ASP B 167 -26.56 19.28 45.78
C ASP B 167 -25.69 19.96 44.75
N SER B 168 -26.12 19.88 43.49
CA SER B 168 -25.38 20.53 42.41
C SER B 168 -25.41 22.04 42.54
N LYS B 169 -26.31 22.59 43.34
CA LYS B 169 -26.56 24.02 43.38
C LYS B 169 -26.35 24.65 44.74
N ASP B 170 -26.70 23.97 45.83
CA ASP B 170 -26.42 24.52 47.16
C ASP B 170 -25.42 23.69 47.97
N SER B 171 -24.92 22.59 47.42
CA SER B 171 -23.82 21.82 48.01
C SER B 171 -24.19 21.21 49.36
N THR B 172 -25.45 20.84 49.54
CA THR B 172 -25.91 20.30 50.82
C THR B 172 -26.33 18.86 50.67
N TYR B 173 -25.81 18.02 51.55
CA TYR B 173 -26.23 16.64 51.65
C TYR B 173 -27.49 16.52 52.51
N SER B 174 -28.27 15.46 52.25
CA SER B 174 -29.45 15.11 53.04
C SER B 174 -29.50 13.61 53.29
N LEU B 175 -29.94 13.21 54.49
CA LEU B 175 -29.93 11.82 54.93
C LEU B 175 -31.30 11.39 55.48
N SER B 176 -31.67 10.13 55.23
CA SER B 176 -32.95 9.57 55.69
C SER B 176 -32.70 8.23 56.36
N SER B 177 -32.90 8.19 57.67
CA SER B 177 -32.79 6.97 58.47
C SER B 177 -34.18 6.35 58.66
N THR B 178 -34.27 5.03 58.52
CA THR B 178 -35.55 4.32 58.54
C THR B 178 -35.51 3.17 59.54
N LEU B 179 -36.06 3.40 60.74
CA LEU B 179 -36.37 2.30 61.65
C LEU B 179 -37.49 1.44 61.08
N THR B 180 -37.36 0.13 61.24
CA THR B 180 -38.41 -0.79 60.81
C THR B 180 -38.59 -1.87 61.88
N LEU B 181 -39.69 -1.76 62.63
CA LEU B 181 -40.10 -2.75 63.62
C LEU B 181 -41.41 -3.39 63.20
N SER B 182 -41.62 -4.62 63.65
CA SER B 182 -42.90 -5.29 63.46
C SER B 182 -43.99 -4.50 64.18
N LYS B 183 -45.24 -4.75 63.78
CA LYS B 183 -46.34 -4.08 64.46
C LYS B 183 -46.34 -4.44 65.95
N ALA B 184 -46.12 -5.71 66.28
CA ALA B 184 -46.21 -6.16 67.66
C ALA B 184 -45.20 -5.46 68.55
N ASP B 185 -43.98 -5.25 68.05
CA ASP B 185 -42.94 -4.57 68.82
C ASP B 185 -43.18 -3.06 68.89
N TYR B 186 -43.59 -2.46 67.77
CA TYR B 186 -43.91 -1.03 67.79
C TYR B 186 -45.04 -0.74 68.76
N GLU B 187 -45.94 -1.70 68.96
CA GLU B 187 -47.04 -1.55 69.90
C GLU B 187 -46.59 -1.60 71.36
N LYS B 188 -45.38 -2.10 71.63
CA LYS B 188 -44.96 -2.27 73.02
C LYS B 188 -44.59 -0.93 73.67
N HIS B 189 -43.93 -0.06 72.92
CA HIS B 189 -43.24 1.09 73.47
C HIS B 189 -43.91 2.41 73.10
N LYS B 190 -43.47 3.47 73.76
CA LYS B 190 -44.14 4.77 73.70
C LYS B 190 -43.35 5.80 72.92
N VAL B 191 -42.12 6.12 73.35
CA VAL B 191 -41.33 7.19 72.75
C VAL B 191 -40.48 6.64 71.63
N TYR B 192 -40.51 7.32 70.49
CA TYR B 192 -39.65 7.03 69.35
C TYR B 192 -38.86 8.31 69.09
N ALA B 193 -37.62 8.31 69.53
CA ALA B 193 -36.77 9.49 69.47
C ALA B 193 -35.65 9.25 68.46
N CYS B 194 -35.51 10.17 67.53
CA CYS B 194 -34.42 10.16 66.56
C CYS B 194 -33.43 11.23 66.99
N GLU B 195 -32.27 10.81 67.46
CA GLU B 195 -31.25 11.72 67.99
C GLU B 195 -30.18 11.94 66.94
N VAL B 196 -29.93 13.21 66.62
CA VAL B 196 -29.03 13.58 65.54
C VAL B 196 -27.88 14.40 66.12
N THR B 197 -26.66 13.96 65.85
CA THR B 197 -25.47 14.75 66.15
C THR B 197 -24.81 15.15 64.85
N HIS B 198 -24.56 16.45 64.68
CA HIS B 198 -23.92 16.96 63.49
C HIS B 198 -23.03 18.12 63.91
N GLN B 199 -22.06 18.43 63.05
CA GLN B 199 -21.13 19.51 63.35
C GLN B 199 -21.83 20.84 63.48
N GLY B 200 -22.84 21.10 62.66
CA GLY B 200 -23.62 22.33 62.72
C GLY B 200 -24.49 22.48 63.97
N LEU B 201 -24.68 21.42 64.75
CA LEU B 201 -25.46 21.50 65.99
C LEU B 201 -24.50 21.72 67.14
N SER B 202 -24.77 22.76 67.95
CA SER B 202 -23.91 23.04 69.10
C SER B 202 -23.95 21.90 70.10
N SER B 203 -25.13 21.33 70.32
CA SER B 203 -25.34 20.09 71.06
C SER B 203 -26.41 19.29 70.34
N PRO B 204 -26.43 17.96 70.49
CA PRO B 204 -27.29 17.13 69.65
C PRO B 204 -28.78 17.45 69.81
N VAL B 205 -29.47 17.42 68.67
CA VAL B 205 -30.92 17.65 68.60
C VAL B 205 -31.63 16.30 68.66
N THR B 206 -32.85 16.32 69.16
CA THR B 206 -33.71 15.15 69.10
C THR B 206 -35.11 15.60 68.69
N LYS B 207 -35.63 15.01 67.63
CA LYS B 207 -37.05 15.07 67.35
C LYS B 207 -37.66 13.76 67.79
N SER B 208 -38.90 13.81 68.25
CA SER B 208 -39.53 12.63 68.81
C SER B 208 -41.04 12.77 68.72
N PHE B 209 -41.71 11.63 68.82
CA PHE B 209 -43.15 11.60 68.91
C PHE B 209 -43.52 10.42 69.80
N ASN B 210 -44.65 10.56 70.50
CA ASN B 210 -45.21 9.47 71.26
C ASN B 210 -46.20 8.70 70.39
N ARG B 211 -46.27 7.37 70.60
CA ARG B 211 -47.00 6.52 69.68
C ARG B 211 -48.43 6.99 69.46
N GLY B 212 -48.98 7.77 70.39
CA GLY B 212 -50.26 8.42 70.18
C GLY B 212 -50.19 9.70 69.35
N GLU B 213 -49.04 10.35 69.30
CA GLU B 213 -48.87 11.58 68.50
C GLU B 213 -47.53 11.57 67.73
N PHE C 16 23.69 26.91 -15.76
CA PHE C 16 22.50 27.55 -16.31
C PHE C 16 21.48 26.48 -16.81
N ALA C 17 20.20 26.86 -16.90
CA ALA C 17 19.13 26.11 -17.58
C ALA C 17 18.61 24.89 -16.81
N SER C 18 17.33 24.58 -16.99
CA SER C 18 16.67 23.42 -16.35
C SER C 18 15.57 22.91 -17.28
N LEU C 19 14.62 22.14 -16.71
CA LEU C 19 13.45 21.58 -17.39
C LEU C 19 12.30 21.46 -16.39
N PHE C 20 11.48 20.42 -16.53
CA PHE C 20 10.30 20.16 -15.69
C PHE C 20 10.55 20.47 -14.22
N SER C 21 11.82 20.46 -13.80
CA SER C 21 12.18 20.83 -12.44
C SER C 21 11.47 22.13 -12.05
N SER C 22 10.52 21.98 -11.12
CA SER C 22 9.57 23.02 -10.74
C SER C 22 9.81 23.35 -9.28
N GLY C 23 11.08 23.61 -8.93
CA GLY C 23 11.49 24.17 -7.66
C GLY C 23 10.75 25.48 -7.38
N ALA C 24 9.95 25.91 -8.35
CA ALA C 24 8.92 26.93 -8.19
C ALA C 24 8.07 26.67 -6.95
N SER C 25 7.88 25.39 -6.58
CA SER C 25 7.14 25.04 -5.38
C SER C 25 7.76 25.70 -4.15
N GLN C 26 6.93 26.40 -3.37
CA GLN C 26 7.43 27.35 -2.39
C GLN C 26 6.78 27.21 -1.01
N ARG C 27 6.39 25.99 -0.62
CA ARG C 27 6.01 25.74 0.79
C ARG C 27 5.78 24.25 1.04
N VAL C 28 6.23 23.79 2.23
CA VAL C 28 5.95 22.47 2.78
C VAL C 28 5.93 22.55 4.30
N GLN C 29 5.27 21.54 4.94
CA GLN C 29 5.36 21.33 6.39
C GLN C 29 5.35 19.86 6.81
N LEU C 30 5.80 18.94 5.94
CA LEU C 30 5.88 17.51 6.25
C LEU C 30 7.20 16.98 5.67
N ILE C 31 7.30 15.66 5.49
CA ILE C 31 8.61 15.00 5.41
C ILE C 31 9.06 14.74 3.96
N ASN C 32 8.16 14.29 3.07
CA ASN C 32 8.47 14.07 1.65
C ASN C 32 9.35 12.87 1.32
N THR C 33 9.22 12.35 0.08
CA THR C 33 10.31 11.62 -0.54
C THR C 33 10.74 12.12 -1.93
N ASN C 34 9.82 12.28 -2.90
CA ASN C 34 10.24 12.66 -4.26
C ASN C 34 9.01 13.15 -5.05
N GLY C 35 9.11 13.15 -6.39
CA GLY C 35 8.01 13.52 -7.28
C GLY C 35 6.89 12.52 -7.52
N SER C 36 7.22 11.29 -7.93
CA SER C 36 6.28 10.15 -8.05
C SER C 36 5.20 10.37 -9.11
N TRP C 37 5.66 10.61 -10.34
CA TRP C 37 4.91 10.38 -11.58
C TRP C 37 3.61 11.20 -11.67
N HIS C 38 3.85 12.49 -11.86
CA HIS C 38 2.88 13.53 -12.14
C HIS C 38 1.80 13.13 -13.13
N ILE C 39 0.58 13.63 -12.95
CA ILE C 39 -0.56 13.32 -13.81
C ILE C 39 -0.34 13.77 -15.25
N ASN C 40 0.52 14.76 -15.48
CA ASN C 40 0.79 15.22 -16.84
C ASN C 40 1.23 14.11 -17.76
N ARG C 41 1.64 12.98 -17.21
CA ARG C 41 2.08 11.88 -18.05
C ARG C 41 0.92 11.03 -18.55
N THR C 42 -0.32 11.44 -18.26
CA THR C 42 -1.54 10.76 -18.71
C THR C 42 -1.94 11.30 -20.07
N ALA C 43 -2.24 10.41 -21.01
CA ALA C 43 -2.63 10.83 -22.35
C ALA C 43 -4.15 11.04 -22.36
N LEU C 44 -4.56 12.30 -22.45
CA LEU C 44 -5.97 12.69 -22.54
C LEU C 44 -6.39 12.94 -23.97
N ASN C 45 -6.16 11.99 -24.87
CA ASN C 45 -6.59 12.14 -26.26
C ASN C 45 -7.91 11.41 -26.49
N CYS C 46 -8.97 11.96 -25.87
CA CYS C 46 -10.30 11.37 -25.90
C CYS C 46 -11.16 12.17 -26.88
N ASN C 47 -11.35 11.63 -28.08
CA ASN C 47 -12.13 12.33 -29.10
C ASN C 47 -13.61 12.28 -28.76
N ASP C 48 -14.39 13.09 -29.50
CA ASP C 48 -15.81 13.29 -29.25
C ASP C 48 -16.07 13.67 -27.79
N SER C 49 -15.11 14.38 -27.17
CA SER C 49 -15.20 14.70 -25.75
C SER C 49 -14.37 15.96 -25.50
N LEU C 50 -15.04 17.10 -25.37
CA LEU C 50 -14.34 18.33 -25.02
C LEU C 50 -13.73 18.22 -23.61
N HIS C 51 -12.44 18.52 -23.50
CA HIS C 51 -11.68 18.31 -22.26
C HIS C 51 -11.97 19.40 -21.23
N THR C 52 -13.25 19.55 -20.89
CA THR C 52 -13.61 20.49 -19.85
C THR C 52 -13.15 20.04 -18.48
N GLY C 53 -12.71 18.79 -18.34
CA GLY C 53 -12.12 18.33 -17.09
C GLY C 53 -11.35 17.06 -17.36
N PHE C 54 -10.60 16.61 -16.35
CA PHE C 54 -9.95 15.31 -16.47
C PHE C 54 -10.99 14.19 -16.50
N LEU C 55 -11.81 14.12 -15.45
CA LEU C 55 -12.89 13.13 -15.41
C LEU C 55 -13.91 13.38 -16.50
N ALA C 56 -14.15 14.64 -16.82
CA ALA C 56 -15.06 14.97 -17.90
C ALA C 56 -14.56 14.41 -19.22
N ALA C 57 -13.26 14.58 -19.51
CA ALA C 57 -12.70 14.04 -20.73
C ALA C 57 -12.75 12.52 -20.78
N LEU C 58 -12.99 11.85 -19.66
CA LEU C 58 -12.90 10.39 -19.58
C LEU C 58 -14.24 9.68 -19.74
N PHE C 59 -15.27 10.05 -18.96
CA PHE C 59 -16.57 9.40 -19.18
C PHE C 59 -17.16 9.82 -20.52
N TYR C 60 -16.99 11.08 -20.90
CA TYR C 60 -17.39 11.53 -22.22
C TYR C 60 -16.67 10.64 -23.24
N THR C 61 -17.44 9.76 -23.89
CA THR C 61 -16.91 8.71 -24.78
C THR C 61 -15.91 7.81 -24.04
N HIS C 62 -16.46 7.07 -23.07
CA HIS C 62 -15.80 5.85 -22.56
C HIS C 62 -16.59 4.62 -23.01
N LYS C 63 -17.27 4.74 -24.17
CA LYS C 63 -18.16 3.75 -24.77
C LYS C 63 -19.45 3.69 -23.96
N PHE C 64 -19.46 4.38 -22.83
CA PHE C 64 -20.62 4.73 -22.02
C PHE C 64 -21.24 3.53 -21.34
N ASN C 65 -20.90 2.33 -21.79
CA ASN C 65 -21.20 1.07 -21.11
C ASN C 65 -22.53 1.13 -20.36
N ALA C 66 -23.62 1.45 -21.07
CA ALA C 66 -24.85 1.84 -20.37
C ALA C 66 -25.33 0.75 -19.43
N SER C 67 -25.79 -0.36 -20.00
CA SER C 67 -26.30 -1.50 -19.26
C SER C 67 -26.15 -2.72 -20.16
N GLY C 68 -26.83 -3.80 -19.80
CA GLY C 68 -26.69 -5.01 -20.60
C GLY C 68 -25.27 -5.55 -20.60
N CYS C 69 -24.57 -5.45 -19.47
CA CYS C 69 -23.36 -6.24 -19.30
C CYS C 69 -23.63 -7.73 -19.43
N PRO C 70 -24.69 -8.30 -18.85
CA PRO C 70 -25.00 -9.72 -19.11
C PRO C 70 -25.02 -10.12 -20.58
N GLU C 71 -25.31 -9.19 -21.50
CA GLU C 71 -25.31 -9.59 -22.91
C GLU C 71 -23.89 -9.81 -23.43
N ARG C 72 -22.97 -8.90 -23.11
CA ARG C 72 -21.58 -9.07 -23.54
C ARG C 72 -20.96 -10.33 -22.93
N MET C 73 -21.24 -10.59 -21.64
CA MET C 73 -20.68 -11.74 -20.93
C MET C 73 -21.21 -13.07 -21.44
N ALA C 74 -22.33 -13.07 -22.16
CA ALA C 74 -22.85 -14.31 -22.70
C ALA C 74 -21.88 -14.94 -23.68
N HIS C 75 -21.01 -14.13 -24.30
CA HIS C 75 -20.08 -14.63 -25.31
C HIS C 75 -18.71 -14.96 -24.73
N CYS C 76 -18.57 -15.05 -23.42
CA CYS C 76 -17.42 -15.68 -22.79
C CYS C 76 -17.79 -17.13 -22.45
N ARG C 77 -16.77 -17.90 -22.07
CA ARG C 77 -16.94 -19.31 -21.74
C ARG C 77 -16.16 -19.65 -20.48
N PRO C 78 -16.63 -20.62 -19.70
CA PRO C 78 -15.82 -21.15 -18.59
C PRO C 78 -14.65 -21.96 -19.12
N ILE C 79 -13.71 -22.25 -18.23
CA ILE C 79 -12.46 -22.87 -18.69
C ILE C 79 -12.69 -24.31 -19.16
N ASP C 80 -13.66 -25.01 -18.58
CA ASP C 80 -13.86 -26.43 -18.91
C ASP C 80 -14.80 -26.64 -20.09
N GLU C 81 -15.22 -25.57 -20.78
CA GLU C 81 -15.69 -25.68 -22.16
C GLU C 81 -14.55 -25.99 -23.14
N PHE C 82 -13.30 -25.83 -22.71
CA PHE C 82 -12.13 -25.88 -23.57
C PHE C 82 -11.42 -27.23 -23.49
N ALA C 83 -10.75 -27.59 -24.59
CA ALA C 83 -10.16 -28.91 -24.72
C ALA C 83 -8.94 -29.06 -23.83
N GLN C 84 -8.80 -30.25 -23.23
CA GLN C 84 -7.64 -30.54 -22.40
C GLN C 84 -6.37 -30.49 -23.24
N GLY C 85 -5.34 -29.81 -22.73
CA GLY C 85 -4.13 -29.58 -23.48
C GLY C 85 -3.12 -30.71 -23.34
N TRP C 86 -2.54 -31.12 -24.47
CA TRP C 86 -1.51 -32.14 -24.52
C TRP C 86 -0.15 -31.54 -24.79
N GLY C 87 0.88 -32.23 -24.35
CA GLY C 87 2.24 -31.92 -24.76
C GLY C 87 2.72 -30.60 -24.20
N PRO C 88 3.88 -30.15 -24.66
CA PRO C 88 4.57 -29.03 -24.02
C PRO C 88 4.06 -27.67 -24.47
N ILE C 89 4.12 -26.70 -23.56
CA ILE C 89 3.55 -25.39 -23.82
C ILE C 89 4.37 -24.67 -24.88
N THR C 90 3.67 -23.99 -25.80
CA THR C 90 4.28 -23.08 -26.76
C THR C 90 3.57 -21.73 -26.67
N TYR C 91 4.06 -20.75 -27.42
CA TYR C 91 3.54 -19.39 -27.38
C TYR C 91 2.90 -19.06 -28.73
N ALA C 92 1.65 -18.63 -28.69
CA ALA C 92 0.86 -18.37 -29.90
C ALA C 92 0.76 -16.86 -30.09
N GLU C 93 1.41 -16.36 -31.13
CA GLU C 93 1.40 -14.93 -31.42
C GLU C 93 0.51 -14.57 -32.61
N GLY C 94 -0.48 -15.41 -32.91
CA GLY C 94 -1.53 -15.02 -33.83
C GLY C 94 -2.57 -14.14 -33.13
N HIS C 95 -2.87 -14.50 -31.88
CA HIS C 95 -3.61 -13.67 -30.93
C HIS C 95 -5.08 -13.52 -31.32
N GLY C 96 -5.45 -13.99 -32.49
CA GLY C 96 -6.75 -13.59 -32.96
C GLY C 96 -6.79 -12.07 -33.14
N SER C 97 -8.01 -11.57 -33.29
CA SER C 97 -8.26 -10.15 -33.45
C SER C 97 -8.64 -9.53 -32.12
N ASP C 98 -8.85 -8.21 -32.12
CA ASP C 98 -9.35 -7.50 -30.94
C ASP C 98 -10.88 -7.67 -30.87
N GLN C 99 -11.28 -8.84 -30.34
CA GLN C 99 -12.68 -9.27 -30.36
C GLN C 99 -13.43 -8.82 -29.10
N ARG C 100 -13.02 -9.35 -27.94
CA ARG C 100 -13.78 -9.18 -26.70
C ARG C 100 -12.82 -9.21 -25.52
N PRO C 101 -12.21 -8.07 -25.20
CA PRO C 101 -11.16 -8.07 -24.17
C PRO C 101 -11.65 -8.47 -22.80
N TYR C 102 -12.94 -8.31 -22.51
CA TYR C 102 -13.43 -8.58 -21.17
C TYR C 102 -13.68 -10.06 -20.88
N CYS C 103 -13.56 -10.95 -21.86
CA CYS C 103 -13.51 -12.37 -21.57
C CYS C 103 -12.12 -12.73 -21.09
N TRP C 104 -12.03 -13.51 -20.02
CA TRP C 104 -10.73 -13.89 -19.45
C TRP C 104 -9.82 -14.54 -20.49
N HIS C 105 -10.41 -15.21 -21.48
CA HIS C 105 -9.65 -15.93 -22.48
C HIS C 105 -9.50 -15.13 -23.77
N TYR C 106 -9.66 -13.81 -23.71
CA TYR C 106 -9.19 -12.99 -24.82
C TYR C 106 -7.68 -13.06 -24.82
N ALA C 107 -7.11 -13.64 -25.89
CA ALA C 107 -5.67 -13.84 -25.97
C ALA C 107 -5.07 -12.63 -26.67
N PRO C 108 -4.33 -11.79 -25.97
CA PRO C 108 -4.01 -10.47 -26.52
C PRO C 108 -2.76 -10.51 -27.37
N ARG C 109 -2.65 -9.50 -28.24
CA ARG C 109 -1.41 -9.26 -28.94
C ARG C 109 -0.33 -8.88 -27.93
N GLN C 110 0.92 -9.10 -28.31
CA GLN C 110 1.99 -8.72 -27.41
C GLN C 110 2.17 -7.20 -27.41
N CYS C 111 2.68 -6.68 -26.31
CA CYS C 111 2.71 -5.24 -26.13
C CYS C 111 3.80 -4.61 -26.98
N GLY C 112 3.47 -3.48 -27.59
CA GLY C 112 4.46 -2.69 -28.29
C GLY C 112 4.36 -1.24 -27.90
N THR C 113 4.97 -0.36 -28.69
CA THR C 113 4.90 1.07 -28.44
C THR C 113 3.65 1.62 -29.12
N ILE C 114 2.77 2.27 -28.37
CA ILE C 114 1.50 2.80 -28.88
C ILE C 114 1.54 4.33 -28.84
N PRO C 115 1.20 5.01 -29.93
CA PRO C 115 1.24 6.49 -29.93
C PRO C 115 0.22 7.09 -28.98
N ALA C 116 0.66 8.11 -28.24
CA ALA C 116 -0.19 8.69 -27.21
C ALA C 116 -1.46 9.29 -27.79
N SER C 117 -1.50 9.53 -29.09
CA SER C 117 -2.73 9.97 -29.72
C SER C 117 -3.82 8.91 -29.59
N GLN C 118 -3.47 7.62 -29.65
CA GLN C 118 -4.43 6.53 -29.56
C GLN C 118 -4.70 6.09 -28.13
N VAL C 119 -4.53 6.96 -27.14
CA VAL C 119 -4.74 6.59 -25.75
C VAL C 119 -5.49 7.71 -25.04
N CYS C 120 -6.45 7.31 -24.20
CA CYS C 120 -7.25 8.23 -23.39
C CYS C 120 -7.28 7.70 -21.96
N GLY C 121 -6.77 8.49 -21.02
CA GLY C 121 -6.71 8.08 -19.64
C GLY C 121 -5.44 7.32 -19.34
N PRO C 122 -5.24 6.91 -18.09
CA PRO C 122 -3.98 6.27 -17.74
C PRO C 122 -3.93 4.86 -18.30
N VAL C 123 -2.69 4.37 -18.43
CA VAL C 123 -2.37 3.02 -18.87
C VAL C 123 -1.82 2.26 -17.69
N TYR C 124 -2.40 1.10 -17.39
CA TYR C 124 -1.89 0.23 -16.35
C TYR C 124 -1.30 -1.03 -16.96
N CYS C 125 -0.23 -1.51 -16.34
CA CYS C 125 0.35 -2.82 -16.61
C CYS C 125 0.40 -3.61 -15.31
N PHE C 126 0.40 -4.94 -15.43
CA PHE C 126 0.21 -5.82 -14.29
C PHE C 126 1.39 -6.75 -14.18
N THR C 127 2.01 -6.78 -12.97
CA THR C 127 3.25 -7.51 -12.77
C THR C 127 3.28 -8.57 -11.66
N PRO C 128 2.19 -9.31 -11.38
CA PRO C 128 0.78 -9.11 -11.75
C PRO C 128 0.18 -7.88 -11.03
N SER C 129 0.98 -7.17 -10.19
CA SER C 129 0.47 -6.07 -9.38
C SER C 129 0.43 -4.79 -10.20
N PRO C 130 -0.57 -3.94 -10.00
CA PRO C 130 -0.82 -2.84 -10.94
C PRO C 130 0.24 -1.76 -10.86
N VAL C 131 0.54 -1.17 -12.02
CA VAL C 131 1.53 -0.11 -12.12
C VAL C 131 1.16 0.79 -13.29
N VAL C 132 1.39 2.10 -13.10
CA VAL C 132 1.01 3.12 -14.08
C VAL C 132 2.15 3.28 -15.07
N VAL C 133 1.85 3.21 -16.36
CA VAL C 133 2.82 3.50 -17.40
C VAL C 133 2.47 4.84 -18.03
N GLY C 134 3.45 5.76 -18.07
CA GLY C 134 3.20 7.12 -18.47
C GLY C 134 3.61 7.41 -19.90
N THR C 135 3.48 8.68 -20.28
CA THR C 135 3.90 9.10 -21.60
C THR C 135 5.38 9.44 -21.60
N THR C 136 6.07 8.97 -22.64
CA THR C 136 7.46 9.31 -22.90
C THR C 136 7.63 9.58 -24.39
N ASP C 137 8.74 10.24 -24.74
CA ASP C 137 9.16 10.37 -26.12
C ASP C 137 9.63 9.01 -26.62
N ARG C 138 10.16 8.93 -27.84
CA ARG C 138 10.57 7.62 -28.36
C ARG C 138 11.88 7.12 -27.77
N PHE C 139 12.42 7.83 -26.79
CA PHE C 139 13.63 7.41 -26.08
C PHE C 139 13.37 7.18 -24.59
N GLY C 140 12.11 6.88 -24.23
CA GLY C 140 11.73 6.45 -22.91
C GLY C 140 11.76 7.52 -21.84
N ALA C 141 12.08 8.74 -22.21
CA ALA C 141 12.21 9.81 -21.24
C ALA C 141 10.83 10.39 -20.95
N PRO C 142 10.45 10.51 -19.69
CA PRO C 142 9.09 10.97 -19.39
C PRO C 142 8.79 12.32 -20.00
N THR C 143 7.60 12.42 -20.61
CA THR C 143 7.02 13.67 -21.08
C THR C 143 5.88 14.07 -20.18
N TYR C 144 5.69 15.37 -19.99
CA TYR C 144 4.66 15.84 -19.08
C TYR C 144 3.68 16.78 -19.78
N THR C 145 3.17 16.37 -20.94
CA THR C 145 2.35 17.21 -21.81
C THR C 145 0.91 16.73 -21.92
N TRP C 146 0.48 15.86 -21.00
CA TRP C 146 -0.80 15.17 -21.12
C TRP C 146 -0.89 14.48 -22.49
N GLY C 147 0.24 13.98 -22.97
CA GLY C 147 0.28 13.21 -24.20
C GLY C 147 -0.18 13.95 -25.44
N GLU C 148 -0.10 15.27 -25.46
CA GLU C 148 -0.55 16.04 -26.64
C GLU C 148 0.51 16.18 -27.71
N ASN C 149 1.77 15.85 -27.43
CA ASN C 149 2.83 15.93 -28.42
C ASN C 149 2.75 14.74 -29.36
N GLU C 150 2.84 15.01 -30.67
CA GLU C 150 2.75 13.93 -31.65
C GLU C 150 3.79 12.85 -31.38
N THR C 151 4.94 13.25 -30.85
CA THR C 151 6.01 12.31 -30.57
C THR C 151 5.80 11.53 -29.28
N ASP C 152 4.94 11.99 -28.38
CA ASP C 152 4.67 11.24 -27.16
C ASP C 152 4.18 9.84 -27.50
N VAL C 153 4.72 8.83 -26.82
CA VAL C 153 4.28 7.45 -26.96
C VAL C 153 4.14 6.81 -25.59
N LEU C 154 3.75 5.53 -25.60
CA LEU C 154 3.45 4.73 -24.39
C LEU C 154 4.11 3.37 -24.58
N ILE C 155 5.38 3.26 -24.17
CA ILE C 155 6.17 2.08 -24.49
C ILE C 155 5.79 0.92 -23.59
N LEU C 156 4.84 0.12 -24.04
CA LEU C 156 4.32 -0.99 -23.26
C LEU C 156 5.08 -2.29 -23.48
N ASN C 157 6.14 -2.31 -24.29
CA ASN C 157 6.82 -3.55 -24.67
C ASN C 157 7.11 -4.39 -23.45
N ASN C 158 6.65 -5.65 -23.46
CA ASN C 158 6.56 -6.46 -22.26
C ASN C 158 7.33 -7.77 -22.39
N THR C 159 7.99 -8.14 -21.30
CA THR C 159 8.53 -9.48 -21.13
C THR C 159 8.15 -9.98 -19.75
N ARG C 160 7.86 -11.27 -19.66
CA ARG C 160 7.23 -11.78 -18.45
C ARG C 160 8.22 -11.77 -17.30
N PRO C 161 7.85 -11.20 -16.16
CA PRO C 161 8.80 -11.01 -15.10
C PRO C 161 8.93 -12.23 -14.23
N PRO C 162 10.10 -12.85 -14.16
CA PRO C 162 11.03 -12.49 -13.09
C PRO C 162 11.96 -11.46 -13.70
N GLN C 163 12.15 -11.66 -15.00
CA GLN C 163 13.18 -10.98 -15.78
C GLN C 163 12.61 -9.80 -16.54
N GLY C 164 11.63 -10.00 -17.38
CA GLY C 164 10.98 -8.85 -18.00
C GLY C 164 10.26 -7.90 -17.04
N ASN C 165 9.34 -7.09 -17.57
CA ASN C 165 8.73 -6.00 -16.80
C ASN C 165 7.30 -6.29 -16.34
N TRP C 166 6.43 -6.78 -17.21
CA TRP C 166 5.05 -6.99 -16.80
C TRP C 166 4.38 -7.98 -17.73
N PHE C 167 3.34 -8.62 -17.23
CA PHE C 167 2.69 -9.68 -17.99
C PHE C 167 1.78 -9.11 -19.07
N GLY C 168 1.25 -7.91 -18.88
CA GLY C 168 0.39 -7.30 -19.88
C GLY C 168 -0.06 -5.93 -19.41
N CYS C 169 -0.85 -5.25 -20.27
CA CYS C 169 -1.36 -3.92 -19.95
C CYS C 169 -2.78 -3.72 -20.46
N THR C 170 -3.41 -2.63 -20.01
CA THR C 170 -4.76 -2.30 -20.45
C THR C 170 -5.00 -0.79 -20.36
N TRP C 171 -5.77 -0.26 -21.30
CA TRP C 171 -6.08 1.16 -21.41
C TRP C 171 -7.35 1.33 -22.27
N MET C 172 -7.64 2.59 -22.63
CA MET C 172 -8.85 2.95 -23.35
C MET C 172 -8.47 3.90 -24.49
N ASN C 173 -9.17 3.81 -25.62
CA ASN C 173 -8.49 4.09 -26.88
C ASN C 173 -8.98 5.28 -27.70
N SER C 174 -9.23 6.43 -27.08
CA SER C 174 -9.59 7.66 -27.80
C SER C 174 -11.01 7.61 -28.33
N THR C 175 -11.66 6.44 -28.26
CA THR C 175 -13.09 6.30 -28.50
C THR C 175 -13.73 5.46 -27.41
N GLY C 176 -13.06 5.28 -26.27
CA GLY C 176 -13.64 4.60 -25.14
C GLY C 176 -13.54 3.10 -25.20
N PHE C 177 -13.22 2.53 -26.36
CA PHE C 177 -13.02 1.09 -26.43
C PHE C 177 -11.79 0.71 -25.62
N THR C 178 -11.82 -0.47 -25.01
CA THR C 178 -10.81 -0.87 -24.05
C THR C 178 -9.85 -1.87 -24.68
N LYS C 179 -8.56 -1.53 -24.68
CA LYS C 179 -7.53 -2.30 -25.37
C LYS C 179 -6.60 -3.00 -24.38
N THR C 180 -5.95 -4.06 -24.87
CA THR C 180 -5.11 -4.90 -24.01
C THR C 180 -4.02 -5.59 -24.83
N CYS C 181 -2.93 -5.92 -24.14
CA CYS C 181 -1.76 -6.55 -24.71
C CYS C 181 -1.03 -7.31 -23.61
N GLY C 182 -0.29 -8.35 -23.99
CA GLY C 182 0.50 -9.06 -23.01
C GLY C 182 0.98 -10.39 -23.53
N GLY C 183 1.81 -11.02 -22.72
CA GLY C 183 2.25 -12.36 -22.99
C GLY C 183 3.45 -12.42 -23.90
N PRO C 184 3.31 -13.09 -25.04
CA PRO C 184 2.07 -13.61 -25.65
C PRO C 184 1.48 -14.87 -25.00
N PRO C 185 0.19 -15.13 -25.21
CA PRO C 185 -0.47 -16.25 -24.53
C PRO C 185 0.14 -17.60 -24.88
N CYS C 186 -0.36 -18.61 -24.18
CA CYS C 186 0.17 -19.97 -24.29
C CYS C 186 -0.70 -20.79 -25.22
N ASN C 187 -0.03 -21.58 -26.05
CA ASN C 187 -0.69 -22.64 -26.81
C ASN C 187 -0.60 -23.91 -25.98
N ILE C 188 -1.65 -24.22 -25.20
CA ILE C 188 -1.60 -25.34 -24.27
C ILE C 188 -1.70 -26.69 -24.94
N GLY C 189 -1.65 -26.77 -26.26
CA GLY C 189 -1.86 -28.06 -26.90
C GLY C 189 -3.35 -28.29 -27.10
N GLY C 190 -3.74 -28.88 -28.22
CA GLY C 190 -5.12 -28.84 -28.65
C GLY C 190 -5.64 -30.20 -29.03
N VAL C 191 -6.83 -30.51 -28.53
CA VAL C 191 -7.57 -31.66 -29.03
C VAL C 191 -8.16 -31.35 -30.40
N GLY C 192 -9.00 -30.33 -30.45
CA GLY C 192 -9.61 -29.88 -31.69
C GLY C 192 -10.83 -29.03 -31.38
N ASN C 193 -11.30 -28.33 -32.41
CA ASN C 193 -12.46 -27.46 -32.30
C ASN C 193 -12.28 -26.49 -31.13
N ASN C 194 -12.90 -26.80 -29.98
CA ASN C 194 -12.91 -25.90 -28.81
C ASN C 194 -11.61 -26.00 -28.03
N THR C 195 -10.57 -25.40 -28.59
CA THR C 195 -9.21 -25.50 -28.08
C THR C 195 -8.81 -24.15 -27.48
N LEU C 196 -8.00 -24.18 -26.41
CA LEU C 196 -7.82 -23.02 -25.54
C LEU C 196 -6.50 -22.31 -25.80
N THR C 197 -6.55 -20.98 -25.98
CA THR C 197 -5.37 -20.12 -25.97
C THR C 197 -5.30 -19.44 -24.62
N CYS C 198 -4.37 -19.89 -23.76
CA CYS C 198 -4.48 -19.57 -22.35
C CYS C 198 -3.68 -18.31 -22.01
N PRO C 199 -4.33 -17.20 -21.68
CA PRO C 199 -3.60 -15.99 -21.27
C PRO C 199 -3.51 -15.80 -19.76
N THR C 200 -3.89 -16.80 -18.98
CA THR C 200 -3.99 -16.63 -17.53
C THR C 200 -3.55 -17.93 -16.87
N ASP C 201 -3.84 -18.07 -15.58
CA ASP C 201 -3.63 -19.36 -14.94
C ASP C 201 -4.70 -20.33 -15.42
N CYS C 202 -4.28 -21.52 -15.90
CA CYS C 202 -5.20 -22.48 -16.51
C CYS C 202 -4.89 -23.94 -16.16
N PHE C 203 -4.27 -24.21 -14.99
CA PHE C 203 -3.74 -25.57 -14.85
C PHE C 203 -4.82 -26.62 -14.68
N ARG C 204 -6.09 -26.23 -14.62
CA ARG C 204 -7.18 -27.20 -14.73
C ARG C 204 -7.13 -27.94 -16.06
N LYS C 205 -6.66 -27.28 -17.12
CA LYS C 205 -6.60 -27.87 -18.45
C LYS C 205 -5.19 -28.21 -18.92
N HIS C 206 -4.17 -27.63 -18.31
CA HIS C 206 -2.79 -28.00 -18.60
C HIS C 206 -1.87 -27.61 -17.46
N PRO C 207 -1.13 -28.57 -16.88
CA PRO C 207 -0.38 -28.29 -15.65
C PRO C 207 0.70 -27.22 -15.76
N GLU C 208 1.46 -27.12 -16.86
CA GLU C 208 2.46 -26.06 -16.90
C GLU C 208 1.85 -24.66 -17.03
N ALA C 209 0.56 -24.56 -17.35
CA ALA C 209 -0.06 -23.28 -17.69
C ALA C 209 -0.53 -22.59 -16.42
N THR C 210 0.41 -21.94 -15.75
CA THR C 210 0.15 -21.09 -14.60
C THR C 210 0.17 -19.62 -15.00
N TYR C 211 -0.19 -18.75 -14.06
CA TYR C 211 -0.17 -17.33 -14.39
C TYR C 211 1.24 -16.87 -14.72
N THR C 212 2.23 -17.29 -13.93
CA THR C 212 3.61 -16.87 -14.15
C THR C 212 4.10 -17.25 -15.54
N LYS C 213 3.56 -18.32 -16.11
CA LYS C 213 3.98 -18.83 -17.41
C LYS C 213 3.14 -18.30 -18.57
N CYS C 214 1.83 -18.15 -18.36
CA CYS C 214 0.92 -17.75 -19.41
C CYS C 214 0.29 -16.40 -19.22
N GLY C 215 0.28 -15.88 -17.99
CA GLY C 215 -0.41 -14.64 -17.68
C GLY C 215 -0.07 -13.54 -18.66
N SER C 216 -1.09 -12.95 -19.31
CA SER C 216 -0.87 -11.99 -20.38
C SER C 216 -1.71 -10.74 -20.18
N GLY C 217 -2.02 -10.42 -18.93
CA GLY C 217 -2.90 -9.35 -18.62
C GLY C 217 -3.30 -9.46 -17.18
N PRO C 218 -4.36 -8.75 -16.77
CA PRO C 218 -4.71 -8.69 -15.35
C PRO C 218 -5.54 -9.87 -14.85
N TRP C 219 -5.91 -10.83 -15.70
CA TRP C 219 -6.70 -11.98 -15.29
C TRP C 219 -5.84 -13.00 -14.55
N LEU C 220 -5.86 -12.94 -13.20
CA LEU C 220 -5.08 -13.87 -12.39
C LEU C 220 -5.52 -15.30 -12.59
N THR C 221 -6.82 -15.50 -12.78
CA THR C 221 -7.42 -16.78 -13.10
C THR C 221 -8.61 -16.49 -14.00
N PRO C 222 -9.27 -17.54 -14.51
CA PRO C 222 -10.48 -17.31 -15.34
C PRO C 222 -11.59 -16.55 -14.65
N ARG C 223 -11.55 -16.36 -13.34
CA ARG C 223 -12.62 -15.62 -12.69
C ARG C 223 -12.12 -14.56 -11.72
N CYS C 224 -10.85 -14.20 -11.78
CA CYS C 224 -10.26 -13.22 -10.88
C CYS C 224 -9.36 -12.29 -11.65
N LEU C 225 -9.68 -11.00 -11.69
CA LEU C 225 -8.79 -10.06 -12.36
C LEU C 225 -8.26 -9.04 -11.37
N VAL C 226 -7.01 -8.60 -11.62
CA VAL C 226 -6.30 -7.69 -10.73
C VAL C 226 -7.14 -6.43 -10.55
N ASP C 227 -7.35 -6.03 -9.31
CA ASP C 227 -8.08 -4.80 -9.03
C ASP C 227 -7.11 -3.63 -9.06
N TYR C 228 -7.55 -2.54 -9.66
CA TYR C 228 -6.77 -1.31 -9.79
C TYR C 228 -7.76 -0.17 -10.03
N PRO C 229 -7.32 1.11 -9.89
CA PRO C 229 -8.29 2.22 -9.84
C PRO C 229 -9.26 2.28 -11.00
N TYR C 230 -8.87 1.86 -12.19
CA TYR C 230 -9.74 1.94 -13.36
C TYR C 230 -10.30 0.59 -13.80
N ARG C 231 -10.29 -0.43 -12.92
CA ARG C 231 -10.96 -1.69 -13.29
C ARG C 231 -12.40 -1.42 -13.66
N LEU C 232 -13.05 -0.50 -12.94
CA LEU C 232 -14.41 -0.10 -13.24
C LEU C 232 -14.54 0.58 -14.60
N TRP C 233 -13.46 1.19 -15.09
CA TRP C 233 -13.50 1.86 -16.39
C TRP C 233 -13.14 0.91 -17.52
N HIS C 234 -12.01 0.21 -17.39
CA HIS C 234 -11.51 -0.65 -18.45
C HIS C 234 -12.31 -1.94 -18.55
N TYR C 235 -12.78 -2.46 -17.42
CA TYR C 235 -13.47 -3.74 -17.37
C TYR C 235 -14.81 -3.54 -16.67
N PRO C 236 -15.67 -2.68 -17.22
CA PRO C 236 -16.76 -2.10 -16.42
C PRO C 236 -17.81 -3.09 -16.02
N CYS C 237 -17.80 -4.31 -16.58
CA CYS C 237 -18.80 -5.31 -16.22
C CYS C 237 -18.47 -6.04 -14.92
N THR C 238 -17.24 -5.95 -14.44
CA THR C 238 -16.86 -6.60 -13.20
C THR C 238 -17.06 -5.70 -11.99
N VAL C 239 -18.04 -4.80 -12.05
CA VAL C 239 -18.21 -3.85 -10.96
C VAL C 239 -18.59 -4.57 -9.68
N ASN C 240 -19.58 -5.45 -9.74
CA ASN C 240 -20.11 -6.07 -8.53
C ASN C 240 -19.28 -7.26 -8.06
N PHE C 241 -18.12 -7.51 -8.65
CA PHE C 241 -17.29 -8.62 -8.21
C PHE C 241 -16.88 -8.41 -6.76
N THR C 242 -16.83 -9.50 -6.01
CA THR C 242 -16.29 -9.45 -4.67
C THR C 242 -14.76 -9.39 -4.75
N ILE C 243 -14.15 -8.60 -3.86
CA ILE C 243 -12.72 -8.29 -3.91
C ILE C 243 -12.02 -9.06 -2.78
N PHE C 244 -10.89 -9.68 -3.10
CA PHE C 244 -10.12 -10.43 -2.12
C PHE C 244 -8.65 -10.04 -2.14
N LYS C 245 -8.05 -9.97 -0.95
CA LYS C 245 -6.60 -9.92 -0.87
C LYS C 245 -6.07 -11.30 -1.26
N VAL C 246 -5.04 -11.33 -2.09
CA VAL C 246 -4.48 -12.59 -2.60
C VAL C 246 -2.97 -12.49 -2.66
N ARG C 247 -2.34 -13.64 -2.88
CA ARG C 247 -0.89 -13.74 -2.99
C ARG C 247 -0.51 -14.44 -4.28
N MET C 248 0.65 -14.04 -4.80
CA MET C 248 1.23 -14.64 -5.97
C MET C 248 2.72 -14.71 -5.70
N TYR C 249 3.39 -15.67 -6.33
CA TYR C 249 4.86 -15.74 -6.25
C TYR C 249 5.42 -15.72 -7.68
N VAL C 250 5.73 -14.51 -8.13
CA VAL C 250 6.39 -14.28 -9.41
C VAL C 250 7.88 -14.57 -9.22
N GLY C 251 8.29 -15.77 -9.58
CA GLY C 251 9.72 -16.07 -9.64
C GLY C 251 10.46 -15.86 -8.34
N GLY C 252 9.75 -15.93 -7.22
CA GLY C 252 10.33 -15.72 -5.90
C GLY C 252 9.90 -14.44 -5.24
N VAL C 253 9.37 -13.48 -5.99
CA VAL C 253 8.98 -12.20 -5.43
C VAL C 253 7.53 -12.31 -4.97
N GLU C 254 7.27 -11.83 -3.76
CA GLU C 254 5.93 -11.89 -3.18
C GLU C 254 5.04 -10.81 -3.78
N HIS C 255 3.78 -11.14 -4.00
CA HIS C 255 2.84 -10.18 -4.55
C HIS C 255 1.56 -10.22 -3.72
N ARG C 256 1.37 -9.25 -2.84
CA ARG C 256 0.09 -9.07 -2.18
C ARG C 256 -0.73 -8.06 -2.98
N LEU C 257 -1.90 -8.48 -3.46
CA LEU C 257 -2.75 -7.58 -4.26
C LEU C 257 -4.20 -7.92 -4.02
N ASN C 258 -5.07 -6.95 -4.29
CA ASN C 258 -6.51 -7.20 -4.31
C ASN C 258 -6.94 -7.56 -5.72
N ALA C 259 -7.93 -8.45 -5.81
CA ALA C 259 -8.45 -8.90 -7.09
C ALA C 259 -9.96 -9.03 -6.97
N ALA C 260 -10.68 -8.32 -7.82
CA ALA C 260 -12.08 -8.63 -8.02
C ALA C 260 -12.20 -10.07 -8.51
N CYS C 261 -13.18 -10.80 -7.96
CA CYS C 261 -13.37 -12.19 -8.28
C CYS C 261 -14.85 -12.49 -8.43
N ASN C 262 -15.12 -13.56 -9.18
CA ASN C 262 -16.47 -14.02 -9.44
C ASN C 262 -16.45 -15.33 -10.17
N SER D 21 -27.13 -13.17 3.43
CA SER D 21 -26.06 -13.09 4.43
C SER D 21 -24.69 -13.31 3.82
N SER D 22 -24.33 -14.58 3.75
CA SER D 22 -23.00 -15.04 3.34
C SER D 22 -23.13 -15.66 1.95
N GLY D 23 -22.69 -14.92 0.92
CA GLY D 23 -22.52 -15.54 -0.38
C GLY D 23 -21.34 -16.49 -0.29
N ALA D 24 -21.60 -17.79 -0.21
CA ALA D 24 -20.53 -18.77 -0.13
C ALA D 24 -19.85 -18.95 -1.47
N SER D 25 -20.63 -18.87 -2.55
CA SER D 25 -20.11 -18.76 -3.92
C SER D 25 -18.95 -19.71 -4.15
N GLN D 26 -19.24 -21.00 -3.97
CA GLN D 26 -18.43 -22.08 -4.49
C GLN D 26 -16.94 -21.92 -4.15
N ARG D 27 -16.08 -21.76 -5.16
CA ARG D 27 -14.63 -21.81 -4.96
C ARG D 27 -13.91 -20.81 -5.86
N VAL D 28 -12.69 -20.44 -5.42
CA VAL D 28 -11.74 -19.62 -6.17
C VAL D 28 -10.33 -20.12 -5.83
N GLN D 29 -9.42 -20.11 -6.81
CA GLN D 29 -8.26 -21.01 -6.79
C GLN D 29 -7.00 -20.49 -6.05
N LEU D 30 -6.56 -19.25 -6.30
CA LEU D 30 -5.21 -18.83 -5.91
C LEU D 30 -5.07 -18.72 -4.39
N ILE D 31 -3.87 -18.30 -3.96
CA ILE D 31 -3.58 -18.16 -2.54
C ILE D 31 -4.34 -16.95 -2.01
N ASN D 32 -4.99 -17.10 -0.84
CA ASN D 32 -6.06 -16.20 -0.41
C ASN D 32 -5.76 -15.54 0.94
N THR D 33 -6.55 -14.50 1.24
CA THR D 33 -6.42 -13.74 2.48
C THR D 33 -7.73 -12.99 2.73
N ASN D 34 -8.47 -13.40 3.77
CA ASN D 34 -9.59 -12.66 4.38
C ASN D 34 -10.78 -12.33 3.47
N GLY D 35 -11.64 -11.41 3.94
CA GLY D 35 -12.88 -11.05 3.26
C GLY D 35 -12.93 -9.66 2.62
N SER D 36 -12.21 -8.69 3.21
CA SER D 36 -11.92 -7.37 2.63
C SER D 36 -13.08 -6.37 2.63
N TRP D 37 -12.93 -5.27 1.89
CA TRP D 37 -13.83 -4.13 1.94
C TRP D 37 -14.81 -4.17 0.78
N HIS D 38 -16.10 -4.22 1.09
CA HIS D 38 -17.09 -4.53 0.08
C HIS D 38 -17.67 -3.26 -0.56
N ILE D 39 -18.16 -3.44 -1.78
CA ILE D 39 -18.68 -2.35 -2.58
C ILE D 39 -20.15 -2.12 -2.33
N ASN D 40 -20.91 -3.20 -2.13
CA ASN D 40 -22.34 -3.09 -1.87
C ASN D 40 -22.63 -2.11 -0.74
N ARG D 41 -21.62 -1.78 0.07
CA ARG D 41 -21.77 -0.89 1.20
C ARG D 41 -21.66 0.57 0.79
N THR D 42 -21.91 0.90 -0.48
CA THR D 42 -21.81 2.27 -0.98
C THR D 42 -23.18 2.86 -1.26
N ALA D 43 -23.48 4.00 -0.66
CA ALA D 43 -24.79 4.61 -0.85
C ALA D 43 -24.82 5.24 -2.24
N LEU D 44 -25.58 4.64 -3.14
CA LEU D 44 -25.83 5.23 -4.45
C LEU D 44 -27.24 5.87 -4.48
N ASN D 45 -27.38 6.90 -3.69
CA ASN D 45 -28.62 7.67 -3.70
C ASN D 45 -28.31 8.99 -4.39
N CYS D 46 -28.68 9.04 -5.68
CA CYS D 46 -28.14 9.99 -6.64
C CYS D 46 -29.29 10.48 -7.53
N ASN D 47 -29.88 11.61 -7.15
CA ASN D 47 -31.03 12.19 -7.88
C ASN D 47 -30.58 13.28 -8.84
N ASP D 48 -29.91 12.87 -9.91
CA ASP D 48 -29.94 13.71 -11.10
C ASP D 48 -30.10 12.94 -12.41
N SER D 49 -29.68 11.68 -12.48
CA SER D 49 -30.15 10.79 -13.55
C SER D 49 -30.36 9.38 -13.02
N LEU D 50 -30.37 9.21 -11.70
CA LEU D 50 -30.31 7.90 -11.08
C LEU D 50 -29.07 7.20 -11.63
N HIS D 51 -29.23 6.15 -12.44
CA HIS D 51 -28.07 5.59 -13.10
C HIS D 51 -28.49 4.65 -14.22
N THR D 52 -27.66 4.61 -15.26
CA THR D 52 -27.59 3.45 -16.14
C THR D 52 -26.54 2.46 -15.65
N GLY D 53 -25.58 2.90 -14.85
CA GLY D 53 -24.58 2.01 -14.27
C GLY D 53 -24.18 2.40 -12.86
N PHE D 54 -22.89 2.48 -12.60
CA PHE D 54 -22.36 3.02 -11.35
C PHE D 54 -21.46 4.23 -11.59
N LEU D 55 -20.45 4.08 -12.45
CA LEU D 55 -19.73 5.26 -12.94
C LEU D 55 -20.72 6.24 -13.54
N ALA D 56 -21.73 5.73 -14.23
CA ALA D 56 -22.83 6.56 -14.71
C ALA D 56 -23.49 7.31 -13.56
N ALA D 57 -23.76 6.61 -12.45
CA ALA D 57 -24.49 7.21 -11.33
C ALA D 57 -23.82 8.46 -10.77
N LEU D 58 -22.52 8.59 -10.95
CA LEU D 58 -21.73 9.61 -10.27
C LEU D 58 -21.36 10.78 -11.17
N PHE D 59 -21.17 10.55 -12.48
CA PHE D 59 -20.73 11.58 -13.41
C PHE D 59 -21.88 12.19 -14.22
N TYR D 60 -22.52 11.41 -15.12
CA TYR D 60 -23.54 12.01 -15.97
C TYR D 60 -24.81 12.34 -15.17
N THR D 61 -24.68 12.31 -13.86
CA THR D 61 -25.71 12.74 -12.93
C THR D 61 -25.31 14.01 -12.19
N HIS D 62 -24.22 13.99 -11.44
CA HIS D 62 -24.06 14.94 -10.33
C HIS D 62 -22.90 15.91 -10.47
N LYS D 63 -21.67 15.43 -10.56
CA LYS D 63 -20.57 16.38 -10.49
C LYS D 63 -20.43 17.00 -11.87
N PHE D 64 -21.11 18.14 -12.08
CA PHE D 64 -21.07 18.88 -13.33
C PHE D 64 -20.08 20.05 -13.25
N ASN D 65 -19.02 19.92 -12.47
CA ASN D 65 -17.98 20.93 -12.37
C ASN D 65 -17.19 20.99 -13.66
N ALA D 66 -17.43 22.01 -14.50
CA ALA D 66 -16.81 22.03 -15.83
C ALA D 66 -15.48 22.80 -15.82
N SER D 67 -15.55 24.12 -15.68
CA SER D 67 -14.33 24.92 -15.78
C SER D 67 -14.29 26.09 -14.83
N GLY D 68 -15.27 26.23 -13.93
CA GLY D 68 -15.34 27.39 -13.06
C GLY D 68 -14.35 27.32 -11.93
N CYS D 69 -13.38 26.41 -12.04
CA CYS D 69 -12.37 26.25 -10.98
C CYS D 69 -11.58 27.52 -10.68
N PRO D 70 -11.18 28.33 -11.67
CA PRO D 70 -10.50 29.59 -11.31
C PRO D 70 -11.30 30.51 -10.40
N GLU D 71 -12.60 30.66 -10.61
CA GLU D 71 -13.38 31.56 -9.77
C GLU D 71 -14.12 30.86 -8.64
N ARG D 72 -14.23 29.53 -8.67
CA ARG D 72 -14.56 28.81 -7.46
C ARG D 72 -13.43 28.93 -6.44
N MET D 73 -12.20 28.69 -6.88
CA MET D 73 -11.03 28.82 -6.01
C MET D 73 -10.73 30.27 -5.67
N ALA D 74 -11.41 31.23 -6.29
CA ALA D 74 -11.15 32.62 -5.97
C ALA D 74 -11.52 32.93 -4.53
N HIS D 75 -12.59 32.33 -4.03
CA HIS D 75 -13.11 32.62 -2.69
C HIS D 75 -12.30 31.98 -1.57
N CYS D 76 -11.11 31.47 -1.85
CA CYS D 76 -10.23 30.92 -0.83
C CYS D 76 -9.00 31.80 -0.70
N ARG D 77 -8.32 31.67 0.43
CA ARG D 77 -7.26 32.59 0.82
C ARG D 77 -6.00 31.82 1.21
N PRO D 78 -4.82 32.42 1.01
CA PRO D 78 -3.62 31.94 1.70
C PRO D 78 -3.74 32.16 3.20
N ILE D 79 -2.94 31.40 3.96
CA ILE D 79 -3.00 31.51 5.41
C ILE D 79 -2.50 32.87 5.87
N ASP D 80 -1.63 33.52 5.08
CA ASP D 80 -1.07 34.82 5.45
C ASP D 80 -2.16 35.87 5.62
N GLU D 81 -3.25 35.74 4.87
CA GLU D 81 -4.32 36.74 4.92
C GLU D 81 -4.86 36.87 6.35
N PHE D 82 -5.02 35.76 7.05
CA PHE D 82 -5.82 35.68 8.26
C PHE D 82 -5.12 36.32 9.45
N ALA D 83 -5.93 36.70 10.44
CA ALA D 83 -5.41 37.34 11.65
C ALA D 83 -4.51 36.39 12.44
N GLN D 84 -3.41 36.93 12.94
CA GLN D 84 -2.53 36.17 13.82
C GLN D 84 -3.26 35.85 15.13
N GLY D 85 -3.04 34.64 15.63
CA GLY D 85 -3.75 34.17 16.80
C GLY D 85 -2.95 34.35 18.08
N TRP D 86 -3.61 34.90 19.10
CA TRP D 86 -3.05 35.05 20.43
C TRP D 86 -3.41 33.86 21.32
N GLY D 87 -2.56 33.63 22.32
CA GLY D 87 -2.94 32.87 23.49
C GLY D 87 -3.26 31.41 23.28
N PRO D 88 -4.18 30.88 24.08
CA PRO D 88 -4.45 29.44 24.09
C PRO D 88 -5.53 28.97 23.12
N ILE D 89 -5.31 27.75 22.60
CA ILE D 89 -6.15 27.14 21.59
C ILE D 89 -7.44 26.62 22.21
N THR D 90 -8.56 26.88 21.54
CA THR D 90 -9.87 26.40 21.95
C THR D 90 -10.55 25.79 20.73
N TYR D 91 -11.70 25.18 20.96
CA TYR D 91 -12.44 24.49 19.90
C TYR D 91 -13.74 25.21 19.57
N ALA D 92 -13.99 25.40 18.28
CA ALA D 92 -15.14 26.16 17.81
C ALA D 92 -16.24 25.21 17.35
N GLU D 93 -17.42 25.35 17.95
CA GLU D 93 -18.62 24.63 17.50
C GLU D 93 -19.55 25.56 16.73
N GLY D 94 -19.00 26.50 15.96
CA GLY D 94 -19.82 27.44 15.22
C GLY D 94 -20.12 27.04 13.79
N HIS D 95 -19.08 26.79 12.98
CA HIS D 95 -19.16 26.26 11.62
C HIS D 95 -20.01 27.13 10.69
N GLY D 96 -20.44 28.32 11.15
CA GLY D 96 -21.54 29.00 10.49
C GLY D 96 -21.11 29.84 9.29
N SER D 97 -21.94 29.80 8.25
CA SER D 97 -21.83 30.56 7.00
C SER D 97 -20.61 30.16 6.17
N ASP D 98 -19.78 29.25 6.68
CA ASP D 98 -18.57 28.79 6.01
C ASP D 98 -18.99 27.64 5.10
N GLN D 99 -19.20 27.95 3.81
CA GLN D 99 -19.84 27.00 2.89
C GLN D 99 -19.10 26.93 1.56
N ARG D 100 -17.78 26.75 1.60
CA ARG D 100 -16.97 26.51 0.39
C ARG D 100 -15.97 25.39 0.62
N PRO D 101 -16.44 24.13 0.68
CA PRO D 101 -15.60 23.03 1.18
C PRO D 101 -14.31 22.80 0.42
N TYR D 102 -14.16 23.38 -0.77
CA TYR D 102 -12.94 23.19 -1.53
C TYR D 102 -11.79 24.09 -1.06
N CYS D 103 -12.05 25.01 -0.14
CA CYS D 103 -11.00 25.86 0.42
C CYS D 103 -10.44 25.25 1.70
N TRP D 104 -9.13 25.37 1.86
CA TRP D 104 -8.44 24.71 2.97
C TRP D 104 -8.92 25.19 4.34
N HIS D 105 -9.56 26.35 4.43
CA HIS D 105 -9.95 26.94 5.72
C HIS D 105 -11.45 26.82 6.00
N TYR D 106 -12.16 25.96 5.27
CA TYR D 106 -13.50 25.53 5.66
C TYR D 106 -13.46 24.98 7.09
N ALA D 107 -14.25 25.58 7.98
CA ALA D 107 -14.32 25.12 9.37
C ALA D 107 -15.51 24.18 9.52
N PRO D 108 -15.29 22.87 9.48
CA PRO D 108 -16.41 21.94 9.34
C PRO D 108 -17.10 21.66 10.66
N ARG D 109 -18.34 21.17 10.54
CA ARG D 109 -19.09 20.67 11.68
C ARG D 109 -18.57 19.31 12.10
N GLN D 110 -18.53 19.05 13.41
CA GLN D 110 -18.10 17.74 13.84
C GLN D 110 -19.03 16.66 13.26
N CYS D 111 -18.46 15.49 12.99
CA CYS D 111 -19.16 14.45 12.25
C CYS D 111 -20.30 13.87 13.05
N GLY D 112 -21.48 13.83 12.43
CA GLY D 112 -22.61 13.09 12.93
C GLY D 112 -22.82 11.80 12.19
N THR D 113 -24.02 11.24 12.37
CA THR D 113 -24.51 10.09 11.61
C THR D 113 -25.44 10.62 10.54
N ILE D 114 -25.11 10.39 9.28
CA ILE D 114 -25.85 10.95 8.14
C ILE D 114 -26.62 9.83 7.45
N PRO D 115 -27.93 10.02 7.19
CA PRO D 115 -28.74 8.92 6.67
C PRO D 115 -28.40 8.58 5.24
N ALA D 116 -28.42 7.28 4.92
CA ALA D 116 -27.82 6.80 3.68
C ALA D 116 -28.37 7.52 2.47
N SER D 117 -29.61 7.98 2.56
CA SER D 117 -30.26 8.60 1.41
C SER D 117 -29.60 9.88 0.96
N GLN D 118 -28.79 10.53 1.81
CA GLN D 118 -28.16 11.80 1.47
C GLN D 118 -26.70 11.64 1.02
N VAL D 119 -26.35 10.50 0.45
CA VAL D 119 -24.98 10.21 0.05
C VAL D 119 -25.00 9.52 -1.30
N CYS D 120 -24.17 10.02 -2.22
CA CYS D 120 -23.94 9.42 -3.55
C CYS D 120 -22.45 9.14 -3.67
N GLY D 121 -22.09 7.86 -3.63
CA GLY D 121 -20.70 7.48 -3.73
C GLY D 121 -20.14 7.08 -2.39
N PRO D 122 -18.87 6.67 -2.36
CA PRO D 122 -18.26 6.24 -1.10
C PRO D 122 -17.86 7.43 -0.23
N VAL D 123 -17.87 7.17 1.08
CA VAL D 123 -17.51 8.17 2.08
C VAL D 123 -16.12 7.85 2.58
N TYR D 124 -15.23 8.85 2.51
CA TYR D 124 -13.84 8.72 2.91
C TYR D 124 -13.60 9.49 4.20
N CYS D 125 -12.90 8.85 5.15
CA CYS D 125 -12.46 9.53 6.37
C CYS D 125 -10.94 9.47 6.47
N PHE D 126 -10.40 10.36 7.30
CA PHE D 126 -8.96 10.63 7.33
C PHE D 126 -8.40 10.54 8.75
N THR D 127 -7.99 9.33 9.18
CA THR D 127 -6.90 9.23 10.15
C THR D 127 -5.64 9.38 9.34
N PRO D 128 -4.96 10.52 9.39
CA PRO D 128 -4.74 11.30 8.16
C PRO D 128 -4.83 10.43 6.90
N SER D 129 -4.19 9.26 6.91
CA SER D 129 -4.41 8.23 5.92
C SER D 129 -5.91 8.03 5.68
N PRO D 130 -6.33 7.75 4.45
CA PRO D 130 -7.76 7.67 4.16
C PRO D 130 -8.33 6.27 4.27
N VAL D 131 -9.55 6.18 4.79
CA VAL D 131 -10.28 4.92 4.92
C VAL D 131 -11.72 5.14 4.48
N VAL D 132 -12.35 4.06 3.96
CA VAL D 132 -13.74 4.09 3.53
C VAL D 132 -14.62 3.76 4.73
N VAL D 133 -15.73 4.49 4.86
CA VAL D 133 -16.79 4.20 5.82
C VAL D 133 -18.02 3.80 5.02
N GLY D 134 -18.61 2.65 5.36
CA GLY D 134 -19.69 2.08 4.59
C GLY D 134 -21.06 2.26 5.24
N THR D 135 -22.07 1.79 4.51
CA THR D 135 -23.43 1.86 5.02
C THR D 135 -23.65 0.77 6.08
N THR D 136 -24.57 1.07 6.99
CA THR D 136 -24.80 0.35 8.24
C THR D 136 -26.11 0.82 8.86
N ASP D 137 -26.73 -0.05 9.66
CA ASP D 137 -27.93 0.32 10.40
C ASP D 137 -27.55 1.19 11.60
N ARG D 138 -28.56 1.65 12.39
CA ARG D 138 -28.22 2.51 13.54
C ARG D 138 -27.57 1.74 14.68
N PHE D 139 -27.25 0.45 14.53
CA PHE D 139 -26.54 -0.31 15.55
C PHE D 139 -25.15 -0.75 15.08
N GLY D 140 -24.65 -0.16 13.99
CA GLY D 140 -23.29 -0.32 13.57
C GLY D 140 -22.99 -1.53 12.70
N ALA D 141 -24.00 -2.36 12.39
CA ALA D 141 -23.75 -3.58 11.63
C ALA D 141 -23.83 -3.29 10.14
N PRO D 142 -22.83 -3.73 9.36
CA PRO D 142 -22.78 -3.33 7.93
C PRO D 142 -23.97 -3.83 7.14
N THR D 143 -24.51 -2.93 6.31
CA THR D 143 -25.55 -3.23 5.34
C THR D 143 -24.94 -3.20 3.95
N TYR D 144 -25.44 -4.06 3.08
CA TYR D 144 -24.90 -4.22 1.74
C TYR D 144 -25.98 -3.99 0.69
N THR D 145 -26.82 -3.00 0.96
CA THR D 145 -27.97 -2.70 0.14
C THR D 145 -27.72 -1.53 -0.81
N TRP D 146 -26.45 -1.22 -1.08
CA TRP D 146 -26.11 -0.02 -1.84
C TRP D 146 -26.76 1.21 -1.23
N GLY D 147 -26.99 1.17 0.09
CA GLY D 147 -27.51 2.31 0.80
C GLY D 147 -28.92 2.71 0.43
N GLU D 148 -29.62 1.89 -0.34
CA GLU D 148 -30.97 2.22 -0.74
C GLU D 148 -32.00 1.87 0.32
N ASN D 149 -31.63 1.11 1.35
CA ASN D 149 -32.52 0.94 2.49
C ASN D 149 -32.63 2.25 3.27
N GLU D 150 -33.82 2.53 3.78
CA GLU D 150 -34.05 3.80 4.46
C GLU D 150 -33.38 3.84 5.81
N THR D 151 -33.37 2.73 6.52
CA THR D 151 -32.72 2.68 7.82
C THR D 151 -31.21 2.56 7.70
N ASP D 152 -30.68 2.32 6.50
CA ASP D 152 -29.24 2.42 6.28
C ASP D 152 -28.75 3.80 6.68
N VAL D 153 -27.49 3.87 7.11
CA VAL D 153 -26.94 5.13 7.61
C VAL D 153 -25.42 5.06 7.54
N LEU D 154 -24.78 6.22 7.53
CA LEU D 154 -23.32 6.34 7.53
C LEU D 154 -22.88 6.97 8.85
N ILE D 155 -22.39 6.13 9.77
CA ILE D 155 -22.10 6.57 11.14
C ILE D 155 -20.66 7.11 11.14
N LEU D 156 -20.57 8.42 10.99
CA LEU D 156 -19.31 9.12 10.80
C LEU D 156 -18.74 9.72 12.08
N ASN D 157 -19.45 9.60 13.21
CA ASN D 157 -19.05 10.26 14.46
C ASN D 157 -17.57 10.06 14.77
N ASN D 158 -16.89 11.15 15.07
CA ASN D 158 -15.44 11.18 15.06
C ASN D 158 -14.85 11.72 16.36
N THR D 159 -13.62 11.31 16.62
CA THR D 159 -12.79 11.84 17.69
C THR D 159 -11.33 11.80 17.23
N ARG D 160 -10.60 12.84 17.58
CA ARG D 160 -9.27 13.01 17.03
C ARG D 160 -8.33 11.91 17.50
N PRO D 161 -7.67 11.22 16.59
CA PRO D 161 -6.91 10.06 16.98
C PRO D 161 -5.54 10.45 17.50
N PRO D 162 -5.22 10.10 18.73
CA PRO D 162 -4.51 8.84 18.95
C PRO D 162 -5.55 7.87 19.49
N GLN D 163 -6.68 8.44 19.90
CA GLN D 163 -7.68 7.73 20.66
C GLN D 163 -8.94 7.48 19.85
N GLY D 164 -9.58 8.52 19.34
CA GLY D 164 -10.68 8.32 18.41
C GLY D 164 -10.33 7.72 17.05
N ASN D 165 -11.12 8.02 16.02
CA ASN D 165 -11.02 7.29 14.78
C ASN D 165 -10.51 8.08 13.59
N TRP D 166 -10.78 9.37 13.48
CA TRP D 166 -10.31 10.11 12.30
C TRP D 166 -10.59 11.59 12.46
N PHE D 167 -9.81 12.40 11.76
CA PHE D 167 -9.94 13.84 11.91
C PHE D 167 -11.11 14.42 11.12
N GLY D 168 -11.63 13.69 10.14
CA GLY D 168 -12.73 14.24 9.36
C GLY D 168 -13.03 13.36 8.16
N CYS D 169 -14.17 13.64 7.54
CA CYS D 169 -14.61 12.83 6.40
C CYS D 169 -15.13 13.74 5.29
N THR D 170 -15.03 13.26 4.05
CA THR D 170 -15.59 13.96 2.91
C THR D 170 -16.38 12.97 2.07
N TRP D 171 -17.45 13.45 1.44
CA TRP D 171 -18.32 12.59 0.65
C TRP D 171 -19.11 13.47 -0.33
N MET D 172 -19.99 12.85 -1.09
CA MET D 172 -20.78 13.56 -2.09
C MET D 172 -22.25 13.22 -1.86
N ASN D 173 -23.13 14.23 -1.87
CA ASN D 173 -24.52 13.98 -1.51
C ASN D 173 -25.38 13.79 -2.74
N SER D 174 -26.69 13.68 -2.50
CA SER D 174 -27.64 13.18 -3.48
C SER D 174 -27.88 14.14 -4.65
N THR D 175 -27.36 15.36 -4.57
CA THR D 175 -27.34 16.25 -5.72
C THR D 175 -25.92 16.52 -6.20
N GLY D 176 -24.94 15.82 -5.66
CA GLY D 176 -23.59 15.85 -6.21
C GLY D 176 -22.67 16.92 -5.69
N PHE D 177 -23.04 17.60 -4.61
CA PHE D 177 -22.17 18.58 -3.98
C PHE D 177 -21.26 17.90 -2.98
N THR D 178 -20.02 18.33 -2.94
CA THR D 178 -19.12 17.84 -1.92
C THR D 178 -19.45 18.50 -0.59
N LYS D 179 -19.39 17.71 0.49
CA LYS D 179 -19.72 18.17 1.83
C LYS D 179 -18.83 17.42 2.81
N THR D 180 -18.31 18.12 3.81
CA THR D 180 -17.31 17.55 4.72
C THR D 180 -17.67 17.81 6.18
N CYS D 181 -17.27 16.86 7.02
CA CYS D 181 -17.37 16.95 8.47
C CYS D 181 -15.99 16.72 9.06
N GLY D 182 -15.85 17.05 10.33
CA GLY D 182 -14.62 16.73 11.03
C GLY D 182 -14.33 17.69 12.16
N GLY D 183 -13.24 17.40 12.85
CA GLY D 183 -12.73 18.26 13.88
C GLY D 183 -13.22 17.91 15.27
N PRO D 184 -13.80 18.90 15.96
CA PRO D 184 -14.05 20.28 15.54
C PRO D 184 -12.79 21.15 15.43
N PRO D 185 -12.77 22.20 14.59
CA PRO D 185 -11.54 22.98 14.38
C PRO D 185 -11.16 23.84 15.58
N CYS D 186 -10.06 24.59 15.44
CA CYS D 186 -9.47 25.35 16.54
C CYS D 186 -9.79 26.84 16.41
N ASN D 187 -10.11 27.46 17.55
CA ASN D 187 -10.16 28.91 17.66
C ASN D 187 -8.82 29.39 18.19
N ILE D 188 -7.87 29.65 17.27
CA ILE D 188 -6.54 30.08 17.67
C ILE D 188 -6.48 31.52 18.15
N GLY D 189 -7.62 32.21 18.25
CA GLY D 189 -7.59 33.62 18.60
C GLY D 189 -7.33 34.48 17.37
N GLY D 190 -7.30 35.79 17.58
CA GLY D 190 -7.03 36.69 16.47
C GLY D 190 -7.33 38.13 16.83
N VAL D 191 -6.79 39.02 15.98
CA VAL D 191 -6.90 40.45 16.25
C VAL D 191 -8.28 40.99 15.85
N GLY D 192 -8.71 40.73 14.61
CA GLY D 192 -9.96 41.29 14.13
C GLY D 192 -10.95 40.27 13.61
N ASN D 193 -12.06 40.74 13.03
CA ASN D 193 -13.07 39.84 12.46
C ASN D 193 -12.56 39.09 11.23
N ASN D 194 -11.40 39.48 10.70
CA ASN D 194 -10.75 38.81 9.58
C ASN D 194 -9.79 37.73 10.11
N THR D 195 -10.36 36.82 10.89
CA THR D 195 -9.60 35.89 11.70
C THR D 195 -9.87 34.46 11.26
N LEU D 196 -8.94 33.56 11.60
CA LEU D 196 -8.91 32.19 11.11
C LEU D 196 -9.41 31.20 12.16
N THR D 197 -10.14 30.18 11.70
CA THR D 197 -10.59 29.04 12.50
C THR D 197 -9.90 27.81 11.92
N CYS D 198 -8.85 27.33 12.55
CA CYS D 198 -7.89 26.47 11.85
C CYS D 198 -8.39 25.03 11.74
N PRO D 199 -8.65 24.52 10.53
CA PRO D 199 -9.02 23.10 10.38
C PRO D 199 -7.86 22.18 10.00
N THR D 200 -6.62 22.65 10.06
CA THR D 200 -5.49 21.91 9.49
C THR D 200 -4.24 22.22 10.32
N ASP D 201 -3.06 21.98 9.76
CA ASP D 201 -1.86 22.48 10.42
C ASP D 201 -1.72 23.97 10.14
N CYS D 202 -1.37 24.72 11.19
CA CYS D 202 -1.34 26.17 11.10
C CYS D 202 -0.15 26.81 11.81
N PHE D 203 0.96 26.07 12.02
CA PHE D 203 1.82 26.68 13.06
C PHE D 203 2.54 27.92 12.59
N ARG D 204 2.16 28.38 11.40
CA ARG D 204 2.40 29.75 10.98
C ARG D 204 1.63 30.74 11.86
N LYS D 205 0.29 30.68 11.80
CA LYS D 205 -0.57 31.66 12.46
C LYS D 205 -0.66 31.45 13.97
N HIS D 206 -0.51 30.23 14.44
CA HIS D 206 -0.44 29.97 15.87
C HIS D 206 0.46 28.77 16.06
N PRO D 207 1.51 28.88 16.85
CA PRO D 207 2.53 27.83 16.93
C PRO D 207 2.14 26.56 17.67
N GLU D 208 0.86 26.35 17.95
CA GLU D 208 0.40 25.07 18.49
C GLU D 208 -0.68 24.41 17.64
N ALA D 209 -1.21 25.10 16.64
CA ALA D 209 -2.22 24.53 15.77
C ALA D 209 -1.55 23.66 14.72
N THR D 210 -1.15 22.48 15.15
CA THR D 210 -0.69 21.44 14.24
C THR D 210 -1.88 20.64 13.72
N TYR D 211 -1.61 19.76 12.76
CA TYR D 211 -2.67 18.88 12.25
C TYR D 211 -3.22 17.99 13.37
N THR D 212 -2.32 17.39 14.16
CA THR D 212 -2.74 16.55 15.28
C THR D 212 -3.64 17.29 16.26
N LYS D 213 -3.52 18.61 16.36
CA LYS D 213 -4.34 19.36 17.29
C LYS D 213 -5.57 20.00 16.64
N CYS D 214 -5.49 20.38 15.36
CA CYS D 214 -6.60 21.07 14.70
C CYS D 214 -7.08 20.43 13.40
N GLY D 215 -6.34 19.51 12.80
CA GLY D 215 -6.75 18.91 11.55
C GLY D 215 -8.15 18.36 11.66
N SER D 216 -9.01 18.69 10.70
CA SER D 216 -10.43 18.35 10.70
C SER D 216 -10.87 17.76 9.38
N GLY D 217 -9.97 17.07 8.68
CA GLY D 217 -10.26 16.61 7.35
C GLY D 217 -8.99 16.30 6.59
N PRO D 218 -9.11 16.16 5.27
CA PRO D 218 -7.96 15.70 4.48
C PRO D 218 -6.84 16.72 4.40
N TRP D 219 -7.13 17.99 4.70
CA TRP D 219 -6.17 19.08 4.47
C TRP D 219 -5.02 18.96 5.46
N LEU D 220 -3.89 18.45 4.98
CA LEU D 220 -2.72 18.30 5.84
C LEU D 220 -2.14 19.67 6.21
N THR D 221 -1.95 20.52 5.22
CA THR D 221 -1.53 21.90 5.42
C THR D 221 -2.40 22.76 4.52
N PRO D 222 -2.31 24.11 4.63
CA PRO D 222 -3.11 24.97 3.75
C PRO D 222 -3.06 24.58 2.28
N ARG D 223 -2.01 23.87 1.84
CA ARG D 223 -1.86 23.60 0.40
C ARG D 223 -1.57 22.13 0.11
N CYS D 224 -2.07 21.21 0.92
CA CYS D 224 -1.89 19.78 0.66
C CYS D 224 -3.07 19.00 1.23
N LEU D 225 -3.81 18.31 0.38
CA LEU D 225 -4.88 17.44 0.86
C LEU D 225 -4.55 15.99 0.57
N VAL D 226 -4.99 15.09 1.47
CA VAL D 226 -4.62 13.69 1.39
C VAL D 226 -5.10 13.12 0.06
N ASP D 227 -4.18 12.54 -0.73
CA ASP D 227 -4.58 11.94 -1.98
C ASP D 227 -5.35 10.66 -1.70
N TYR D 228 -6.48 10.50 -2.39
CA TYR D 228 -7.34 9.34 -2.29
C TYR D 228 -8.16 9.24 -3.56
N PRO D 229 -8.68 8.05 -3.90
CA PRO D 229 -9.20 7.83 -5.26
C PRO D 229 -10.25 8.84 -5.70
N TYR D 230 -11.15 9.24 -4.81
CA TYR D 230 -12.14 10.23 -5.17
C TYR D 230 -11.71 11.65 -4.80
N ARG D 231 -10.42 11.90 -4.57
CA ARG D 231 -9.95 13.28 -4.44
C ARG D 231 -10.29 14.07 -5.68
N LEU D 232 -10.17 13.42 -6.85
CA LEU D 232 -10.56 14.05 -8.11
C LEU D 232 -12.04 14.37 -8.18
N TRP D 233 -12.87 13.65 -7.42
CA TRP D 233 -14.31 13.92 -7.36
C TRP D 233 -14.63 14.98 -6.30
N HIS D 234 -14.33 14.67 -5.06
CA HIS D 234 -14.76 15.52 -3.95
C HIS D 234 -14.07 16.88 -3.98
N TYR D 235 -12.80 16.94 -4.41
CA TYR D 235 -12.07 18.21 -4.49
C TYR D 235 -11.57 18.39 -5.91
N PRO D 236 -12.46 18.73 -6.84
CA PRO D 236 -12.14 18.55 -8.26
C PRO D 236 -11.09 19.50 -8.80
N CYS D 237 -10.97 20.70 -8.23
CA CYS D 237 -10.04 21.68 -8.78
C CYS D 237 -8.59 21.42 -8.42
N THR D 238 -8.30 20.31 -7.73
CA THR D 238 -6.93 19.87 -7.49
C THR D 238 -6.52 18.78 -8.49
N VAL D 239 -7.09 18.80 -9.70
CA VAL D 239 -6.68 17.87 -10.75
C VAL D 239 -5.19 18.05 -11.06
N ASN D 240 -4.83 19.27 -11.50
CA ASN D 240 -3.47 19.65 -11.91
C ASN D 240 -2.41 19.42 -10.82
N PHE D 241 -2.82 19.07 -9.59
CA PHE D 241 -1.95 19.04 -8.42
C PHE D 241 -0.86 17.97 -8.53
N THR D 242 0.20 18.16 -7.74
CA THR D 242 1.32 17.22 -7.68
C THR D 242 1.23 16.36 -6.43
N ILE D 243 1.53 15.07 -6.59
CA ILE D 243 1.33 14.06 -5.54
C ILE D 243 2.67 13.74 -4.90
N PHE D 244 2.75 13.84 -3.57
CA PHE D 244 3.98 13.62 -2.80
C PHE D 244 3.75 12.55 -1.73
N LYS D 245 4.75 11.68 -1.54
CA LYS D 245 4.71 10.72 -0.44
C LYS D 245 5.36 11.36 0.77
N VAL D 246 4.57 11.57 1.83
CA VAL D 246 5.03 12.28 3.01
C VAL D 246 4.79 11.42 4.25
N ARG D 247 5.71 11.50 5.21
CA ARG D 247 5.46 10.93 6.53
C ARG D 247 4.72 11.92 7.41
N MET D 248 4.06 11.36 8.40
CA MET D 248 3.37 12.12 9.41
C MET D 248 3.31 11.25 10.65
N TYR D 249 3.17 11.89 11.79
CA TYR D 249 3.10 11.15 13.03
C TYR D 249 1.91 11.65 13.82
N VAL D 250 1.09 10.72 14.30
CA VAL D 250 -0.18 11.03 14.95
C VAL D 250 -0.14 10.31 16.30
N GLY D 251 0.38 10.98 17.31
CA GLY D 251 0.44 10.38 18.63
C GLY D 251 1.26 9.12 18.67
N GLY D 252 2.28 9.01 17.82
CA GLY D 252 3.22 7.91 17.85
C GLY D 252 3.17 7.02 16.62
N VAL D 253 2.00 6.90 16.02
CA VAL D 253 1.84 6.02 14.86
C VAL D 253 2.36 6.73 13.62
N GLU D 254 3.14 6.01 12.82
CA GLU D 254 3.66 6.54 11.56
C GLU D 254 2.59 6.46 10.47
N HIS D 255 2.29 7.59 9.87
CA HIS D 255 1.44 7.63 8.70
C HIS D 255 2.30 7.98 7.50
N ARG D 256 2.37 7.09 6.51
CA ARG D 256 2.94 7.40 5.21
C ARG D 256 1.81 7.44 4.18
N LEU D 257 1.71 8.54 3.45
CA LEU D 257 0.55 8.78 2.61
C LEU D 257 0.92 9.79 1.53
N ASN D 258 0.20 9.69 0.40
CA ASN D 258 0.34 10.65 -0.70
C ASN D 258 -0.48 11.91 -0.43
N ALA D 259 0.09 13.05 -0.81
CA ALA D 259 -0.61 14.32 -0.69
C ALA D 259 -0.61 15.03 -2.03
N ALA D 260 -1.77 15.50 -2.45
CA ALA D 260 -1.84 16.38 -3.60
C ALA D 260 -1.57 17.80 -3.15
N CYS D 261 -0.62 18.46 -3.79
CA CYS D 261 -0.11 19.72 -3.28
C CYS D 261 0.01 20.74 -4.40
N ASN D 262 0.21 21.98 -3.98
CA ASN D 262 0.41 23.08 -4.88
C ASN D 262 1.06 24.27 -4.19
N GLN E 1 8.80 -6.86 -26.74
CA GLN E 1 9.98 -7.15 -25.92
C GLN E 1 10.87 -5.95 -26.02
N VAL E 2 11.74 -5.81 -25.04
CA VAL E 2 12.42 -4.54 -24.81
C VAL E 2 13.79 -4.60 -25.46
N GLN E 3 14.07 -3.60 -26.29
CA GLN E 3 15.40 -3.43 -26.88
C GLN E 3 15.96 -2.07 -26.50
N LEU E 4 17.05 -2.07 -25.73
CA LEU E 4 17.67 -0.85 -25.28
C LEU E 4 18.29 -0.11 -26.46
N ASN E 5 18.54 1.19 -26.29
CA ASN E 5 19.13 1.98 -27.37
C ASN E 5 20.30 2.86 -26.89
N GLN E 6 21.40 2.88 -27.66
CA GLN E 6 22.66 3.50 -27.25
C GLN E 6 23.08 4.62 -28.20
N TRP E 7 23.19 5.83 -27.68
CA TRP E 7 23.99 6.91 -28.27
C TRP E 7 25.46 6.57 -28.10
N GLY E 8 26.31 7.52 -28.45
CA GLY E 8 27.68 7.45 -28.01
C GLY E 8 28.73 7.78 -29.06
N ALA E 9 29.60 8.73 -28.73
CA ALA E 9 30.81 8.99 -29.48
C ALA E 9 31.60 7.70 -29.70
N GLY E 10 31.72 7.27 -30.94
CA GLY E 10 32.29 5.95 -31.21
C GLY E 10 33.78 5.87 -31.48
N LEU E 11 34.33 6.83 -32.21
CA LEU E 11 35.75 6.82 -32.59
C LEU E 11 36.48 7.83 -31.71
N LEU E 12 37.51 7.37 -31.01
CA LEU E 12 38.32 8.28 -30.21
C LEU E 12 39.79 8.09 -30.54
N LYS E 13 40.57 9.14 -30.28
CA LYS E 13 42.01 9.00 -30.26
C LYS E 13 42.44 8.67 -28.84
N PRO E 14 43.64 8.11 -28.66
CA PRO E 14 44.08 7.72 -27.32
C PRO E 14 44.06 8.88 -26.34
N SER E 15 43.76 8.55 -25.08
CA SER E 15 43.70 9.38 -23.88
C SER E 15 42.41 10.18 -23.77
N GLU E 16 41.50 10.11 -24.73
CA GLU E 16 40.23 10.83 -24.62
C GLU E 16 39.36 10.08 -23.61
N THR E 17 38.07 10.38 -23.54
CA THR E 17 37.21 9.60 -22.67
C THR E 17 36.03 9.11 -23.49
N LEU E 18 35.92 7.80 -23.64
CA LEU E 18 34.70 7.19 -24.14
C LEU E 18 33.54 7.60 -23.26
N SER E 19 32.47 8.08 -23.87
CA SER E 19 31.26 8.42 -23.12
C SER E 19 30.07 8.03 -23.98
N LEU E 20 29.54 6.85 -23.70
CA LEU E 20 28.28 6.38 -24.25
C LEU E 20 27.14 6.82 -23.33
N THR E 21 25.93 6.80 -23.89
CA THR E 21 24.73 6.71 -23.05
C THR E 21 23.86 5.59 -23.62
N CYS E 22 22.75 5.33 -22.95
CA CYS E 22 21.88 4.22 -23.32
C CYS E 22 20.51 4.45 -22.69
N ALA E 23 19.46 4.43 -23.51
CA ALA E 23 18.12 4.47 -22.98
C ALA E 23 17.81 3.07 -22.46
N VAL E 24 17.91 2.89 -21.14
CA VAL E 24 17.04 1.94 -20.49
C VAL E 24 15.63 2.35 -20.86
N TYR E 25 14.77 1.40 -21.14
CA TYR E 25 13.40 1.78 -21.46
C TYR E 25 12.54 1.47 -20.26
N GLY E 26 12.03 2.52 -19.63
CA GLY E 26 11.22 2.23 -18.48
C GLY E 26 11.86 2.62 -17.16
N ASP E 27 11.00 2.88 -16.18
CA ASP E 27 11.43 3.51 -14.95
C ASP E 27 12.25 2.55 -14.11
N ALA E 28 12.77 3.06 -13.01
CA ALA E 28 13.78 2.35 -12.25
C ALA E 28 13.09 1.74 -11.04
N PHE E 29 12.62 0.51 -11.19
CA PHE E 29 11.88 -0.10 -10.11
C PHE E 29 12.83 -0.77 -9.13
N SER E 30 12.26 -1.45 -8.14
CA SER E 30 13.08 -2.10 -7.13
C SER E 30 13.57 -3.44 -7.62
N GLY E 31 14.86 -3.70 -7.41
CA GLY E 31 15.48 -4.91 -7.88
C GLY E 31 16.10 -4.81 -9.25
N ASN E 32 15.78 -3.75 -10.01
CA ASN E 32 16.42 -3.50 -11.30
C ASN E 32 17.89 -3.14 -11.11
N TYR E 33 18.73 -3.68 -12.00
CA TYR E 33 20.10 -3.24 -12.13
C TYR E 33 20.41 -3.15 -13.61
N TRP E 34 21.40 -2.32 -13.94
CA TRP E 34 21.83 -2.11 -15.32
C TRP E 34 23.34 -2.24 -15.40
N SER E 35 23.83 -2.66 -16.57
CA SER E 35 25.19 -3.16 -16.67
C SER E 35 25.74 -2.91 -18.07
N TRP E 36 27.05 -2.63 -18.12
CA TRP E 36 27.75 -2.38 -19.37
C TRP E 36 28.70 -3.55 -19.66
N ILE E 37 28.77 -3.93 -20.94
CA ILE E 37 29.51 -5.11 -21.36
C ILE E 37 30.33 -4.72 -22.58
N ARG E 38 31.59 -5.14 -22.60
CA ARG E 38 32.39 -4.99 -23.81
C ARG E 38 32.86 -6.35 -24.29
N GLN E 39 33.01 -6.46 -25.61
CA GLN E 39 33.65 -7.60 -26.27
C GLN E 39 34.76 -7.03 -27.14
N PRO E 40 36.02 -7.19 -26.73
CA PRO E 40 37.14 -6.74 -27.56
C PRO E 40 37.41 -7.72 -28.67
N PRO E 41 37.93 -7.25 -29.82
CA PRO E 41 37.97 -8.08 -31.03
C PRO E 41 38.73 -9.38 -30.81
N GLY E 42 38.05 -10.50 -31.10
CA GLY E 42 38.61 -11.84 -30.96
C GLY E 42 38.26 -12.54 -29.67
N LYS E 43 37.77 -11.82 -28.66
CA LYS E 43 37.53 -12.36 -27.34
C LYS E 43 36.05 -12.68 -27.14
N GLY E 44 35.73 -13.12 -25.92
CA GLY E 44 34.37 -13.33 -25.51
C GLY E 44 33.79 -12.09 -24.87
N LEU E 45 32.76 -12.30 -24.05
CA LEU E 45 32.12 -11.18 -23.41
C LEU E 45 32.96 -10.71 -22.22
N GLN E 46 32.87 -9.41 -21.90
CA GLN E 46 33.58 -8.86 -20.75
C GLN E 46 32.72 -7.86 -19.99
N TRP E 47 32.67 -8.05 -18.67
CA TRP E 47 31.89 -7.21 -17.76
C TRP E 47 32.66 -5.94 -17.40
N ILE E 48 32.01 -4.79 -17.57
CA ILE E 48 32.60 -3.51 -17.19
C ILE E 48 32.13 -3.07 -15.81
N GLY E 49 30.83 -3.03 -15.60
CA GLY E 49 30.31 -2.49 -14.36
C GLY E 49 28.79 -2.54 -14.34
N GLU E 50 28.25 -2.22 -13.17
CA GLU E 50 26.82 -2.32 -12.93
C GLU E 50 26.37 -1.16 -12.06
N ILE E 51 25.07 -0.95 -12.06
CA ILE E 51 24.44 -0.03 -11.11
C ILE E 51 23.01 -0.51 -10.90
N ASN E 52 22.59 -0.60 -9.63
CA ASN E 52 21.24 -0.98 -9.23
C ASN E 52 20.43 0.25 -8.85
N HIS E 53 19.11 0.05 -8.68
CA HIS E 53 18.26 1.18 -8.39
C HIS E 53 18.62 1.84 -7.07
N SER E 54 19.39 1.17 -6.23
CA SER E 54 19.86 1.79 -5.00
C SER E 54 20.92 2.87 -5.26
N GLY E 55 21.55 2.82 -6.43
CA GLY E 55 22.64 3.73 -6.75
C GLY E 55 24.03 3.14 -6.65
N ASN E 56 24.18 1.93 -6.13
CA ASN E 56 25.50 1.35 -5.90
C ASN E 56 26.01 0.63 -7.15
N THR E 57 27.34 0.61 -7.26
CA THR E 57 28.04 0.12 -8.44
C THR E 57 28.98 -1.02 -8.10
N ASN E 58 29.15 -1.91 -9.07
CA ASN E 58 30.22 -2.89 -9.08
C ASN E 58 31.01 -2.60 -10.37
N TYR E 59 32.34 -2.49 -10.28
CA TYR E 59 33.20 -2.32 -11.44
C TYR E 59 34.26 -3.40 -11.50
N ASP E 60 34.81 -3.63 -12.69
CA ASP E 60 35.94 -4.55 -12.83
C ASP E 60 37.17 -3.96 -12.14
N PRO E 61 37.86 -4.73 -11.28
CA PRO E 61 38.96 -4.15 -10.49
C PRO E 61 39.97 -3.39 -11.30
N SER E 62 40.24 -3.86 -12.51
CA SER E 62 41.23 -3.24 -13.37
C SER E 62 40.72 -1.98 -14.07
N LEU E 63 39.44 -1.65 -13.89
CA LEU E 63 38.88 -0.47 -14.55
C LEU E 63 38.37 0.60 -13.60
N GLU E 64 38.14 0.30 -12.31
CA GLU E 64 37.61 1.26 -11.35
C GLU E 64 38.31 2.60 -11.47
N SER E 65 39.61 2.56 -11.72
CA SER E 65 40.39 3.78 -11.79
C SER E 65 39.79 4.77 -12.78
N ARG E 66 39.43 4.31 -14.00
CA ARG E 66 38.99 5.20 -15.07
C ARG E 66 37.51 5.13 -15.40
N VAL E 67 36.79 4.09 -15.00
CA VAL E 67 35.40 3.92 -15.42
C VAL E 67 34.46 4.55 -14.40
N SER E 68 33.24 4.84 -14.87
CA SER E 68 32.17 5.44 -14.09
C SER E 68 30.84 5.12 -14.75
N ILE E 69 29.84 4.79 -13.92
CA ILE E 69 28.48 4.57 -14.41
C ILE E 69 27.50 5.34 -13.53
N SER E 70 26.54 6.00 -14.16
CA SER E 70 25.43 6.56 -13.40
C SER E 70 24.13 6.20 -14.10
N LEU E 71 23.03 6.66 -13.53
CA LEU E 71 21.71 6.51 -14.12
C LEU E 71 20.94 7.79 -13.89
N ASP E 72 20.39 8.34 -14.96
CA ASP E 72 19.58 9.55 -14.87
C ASP E 72 18.13 9.11 -14.90
N THR E 73 17.54 9.01 -13.70
CA THR E 73 16.14 8.63 -13.60
C THR E 73 15.22 9.68 -14.20
N SER E 74 15.67 10.94 -14.26
CA SER E 74 14.88 11.99 -14.87
C SER E 74 14.77 11.82 -16.37
N LYS E 75 15.55 10.91 -16.96
CA LYS E 75 15.46 10.59 -18.37
C LYS E 75 15.47 9.10 -18.66
N ASN E 76 15.53 8.24 -17.64
CA ASN E 76 15.64 6.80 -17.85
C ASN E 76 16.79 6.51 -18.82
N GLN E 77 17.97 6.95 -18.43
CA GLN E 77 19.13 6.95 -19.32
C GLN E 77 20.38 6.56 -18.55
N LEU E 78 20.97 5.43 -18.94
CA LEU E 78 22.17 4.90 -18.31
C LEU E 78 23.39 5.37 -19.08
N SER E 79 24.31 6.09 -18.42
CA SER E 79 25.56 6.52 -19.05
C SER E 79 26.74 5.69 -18.57
N LEU E 80 27.78 5.64 -19.43
CA LEU E 80 29.07 5.03 -19.13
C LEU E 80 30.17 5.99 -19.55
N LYS E 81 31.15 6.23 -18.68
CA LYS E 81 32.29 7.05 -19.02
C LYS E 81 33.57 6.29 -18.72
N LEU E 82 34.43 6.13 -19.73
CA LEU E 82 35.72 5.48 -19.58
C LEU E 82 36.84 6.48 -19.84
N ASN E 83 37.57 6.87 -18.79
CA ASN E 83 38.65 7.85 -18.88
C ASN E 83 39.88 7.28 -19.58
N SER E 84 40.77 8.21 -19.95
CA SER E 84 42.16 7.88 -20.24
C SER E 84 42.27 6.76 -21.26
N VAL E 85 41.36 6.78 -22.24
CA VAL E 85 41.11 5.62 -23.08
C VAL E 85 42.37 5.27 -23.84
N THR E 86 42.83 4.04 -23.67
CA THR E 86 43.98 3.52 -24.40
C THR E 86 43.51 3.08 -25.78
N ALA E 87 44.37 2.42 -26.55
CA ALA E 87 43.93 1.77 -27.77
C ALA E 87 43.43 0.35 -27.53
N ALA E 88 43.79 -0.25 -26.40
CA ALA E 88 43.28 -1.57 -26.07
C ALA E 88 41.80 -1.53 -25.79
N ASP E 89 41.28 -0.35 -25.45
CA ASP E 89 39.86 -0.19 -25.13
C ASP E 89 38.96 -0.38 -26.33
N THR E 90 39.52 -0.54 -27.53
CA THR E 90 38.69 -0.81 -28.68
C THR E 90 37.97 -2.15 -28.53
N ALA E 91 36.66 -2.09 -28.70
CA ALA E 91 35.78 -3.20 -28.42
C ALA E 91 34.35 -2.81 -28.78
N LEU E 92 33.45 -3.76 -28.66
CA LEU E 92 32.04 -3.55 -28.90
C LEU E 92 31.33 -3.37 -27.55
N TYR E 93 30.52 -2.31 -27.42
CA TYR E 93 29.96 -1.95 -26.12
C TYR E 93 28.45 -2.13 -26.13
N TYR E 94 27.98 -3.08 -25.32
CA TYR E 94 26.57 -3.25 -25.00
C TYR E 94 26.24 -2.67 -23.63
N CYS E 95 25.06 -2.05 -23.53
CA CYS E 95 24.38 -1.83 -22.25
C CYS E 95 23.26 -2.85 -22.11
N ALA E 96 23.05 -3.37 -20.90
CA ALA E 96 22.03 -4.38 -20.63
C ALA E 96 21.23 -4.03 -19.39
N ARG E 97 19.94 -4.33 -19.46
CA ARG E 97 19.00 -4.18 -18.36
C ARG E 97 18.75 -5.53 -17.70
N GLY E 98 18.72 -5.53 -16.36
CA GLY E 98 18.76 -6.76 -15.60
C GLY E 98 17.88 -6.68 -14.37
N GLN E 99 17.69 -7.85 -13.77
CA GLN E 99 16.79 -8.03 -12.64
C GLN E 99 17.41 -9.08 -11.73
N ARG E 100 17.67 -8.70 -10.48
CA ARG E 100 18.29 -9.59 -9.50
C ARG E 100 17.40 -9.69 -8.29
N ASN E 101 17.02 -10.90 -7.91
CA ASN E 101 16.04 -11.11 -6.86
C ASN E 101 16.53 -12.17 -5.89
N CYS E 102 16.27 -11.96 -4.60
CA CYS E 102 16.81 -12.81 -3.56
C CYS E 102 15.66 -13.41 -2.77
N SER E 103 15.63 -14.74 -2.72
CA SER E 103 14.69 -15.48 -1.89
C SER E 103 15.40 -15.91 -0.61
N GLY E 104 15.70 -14.91 0.21
CA GLY E 104 16.42 -15.16 1.45
C GLY E 104 17.91 -15.29 1.24
N GLY E 105 18.43 -16.52 1.34
CA GLY E 105 19.85 -16.73 1.12
C GLY E 105 20.22 -16.73 -0.35
N ASN E 106 19.46 -17.45 -1.16
CA ASN E 106 19.78 -17.67 -2.57
C ASN E 106 19.33 -16.48 -3.40
N CYS E 107 20.16 -16.08 -4.37
CA CYS E 107 19.81 -15.04 -5.32
C CYS E 107 20.09 -15.47 -6.75
N TYR E 108 19.50 -14.73 -7.68
CA TYR E 108 19.73 -14.91 -9.10
C TYR E 108 19.72 -13.54 -9.73
N SER E 109 20.56 -13.35 -10.74
CA SER E 109 20.52 -12.14 -11.55
C SER E 109 20.28 -12.57 -13.00
N GLY E 110 20.17 -11.60 -13.90
CA GLY E 110 20.02 -11.90 -15.31
C GLY E 110 19.74 -10.66 -16.10
N LEU E 111 20.23 -10.58 -17.35
CA LEU E 111 20.08 -9.37 -18.18
C LEU E 111 19.10 -9.71 -19.31
N TRP E 112 17.86 -9.29 -19.14
CA TRP E 112 16.80 -9.69 -20.05
C TRP E 112 16.58 -8.69 -21.19
N ALA E 113 17.22 -7.52 -21.13
CA ALA E 113 17.14 -6.50 -22.17
C ALA E 113 18.54 -6.00 -22.49
N TRP E 114 18.80 -5.74 -23.76
CA TRP E 114 20.15 -5.41 -24.20
C TRP E 114 20.13 -4.22 -25.15
N GLY E 115 21.30 -3.63 -25.31
CA GLY E 115 21.49 -2.62 -26.32
C GLY E 115 21.60 -3.25 -27.69
N GLN E 116 21.76 -2.39 -28.69
CA GLN E 116 22.14 -2.80 -30.02
C GLN E 116 23.66 -2.82 -30.19
N GLY E 117 24.39 -2.32 -29.20
CA GLY E 117 25.85 -2.30 -29.25
C GLY E 117 26.39 -1.08 -29.95
N THR E 118 27.50 -0.56 -29.44
CA THR E 118 28.29 0.43 -30.15
C THR E 118 29.68 -0.14 -30.35
N LEU E 119 30.15 -0.16 -31.59
CA LEU E 119 31.56 -0.44 -31.82
C LEU E 119 32.36 0.80 -31.46
N VAL E 120 33.43 0.65 -30.70
CA VAL E 120 34.29 1.80 -30.41
C VAL E 120 35.71 1.49 -30.86
N THR E 121 36.21 2.33 -31.76
CA THR E 121 37.60 2.28 -32.25
C THR E 121 38.31 3.43 -31.57
N VAL E 122 39.31 3.12 -30.76
CA VAL E 122 40.16 4.16 -30.20
C VAL E 122 41.56 3.92 -30.76
N SER E 123 41.92 4.75 -31.76
CA SER E 123 43.15 4.70 -32.53
C SER E 123 43.57 6.12 -32.89
N SER E 124 44.88 6.34 -32.88
CA SER E 124 45.48 7.64 -33.22
C SER E 124 45.42 7.94 -34.72
N ALA E 125 44.79 7.07 -35.51
CA ALA E 125 44.73 7.23 -36.96
C ALA E 125 43.80 8.38 -37.33
N SER E 126 43.71 8.63 -38.62
CA SER E 126 42.83 9.63 -39.19
C SER E 126 42.03 8.99 -40.31
N THR E 127 40.74 9.31 -40.37
CA THR E 127 39.84 8.75 -41.37
C THR E 127 40.41 8.82 -42.78
N LYS E 128 40.57 7.66 -43.40
CA LYS E 128 41.07 7.54 -44.77
C LYS E 128 40.22 6.53 -45.53
N GLY E 129 39.71 6.94 -46.69
CA GLY E 129 39.04 6.02 -47.60
C GLY E 129 40.03 5.05 -48.25
N PRO E 130 39.52 3.94 -48.76
CA PRO E 130 40.40 2.84 -49.17
C PRO E 130 41.00 3.05 -50.56
N SER E 131 42.03 2.26 -50.83
CA SER E 131 42.51 2.02 -52.19
C SER E 131 42.03 0.64 -52.60
N VAL E 132 41.57 0.49 -53.85
CA VAL E 132 40.97 -0.75 -54.31
C VAL E 132 41.78 -1.29 -55.48
N PHE E 133 42.30 -2.51 -55.33
CA PHE E 133 43.09 -3.14 -56.36
C PHE E 133 42.45 -4.47 -56.75
N PRO E 134 42.28 -4.74 -58.04
CA PRO E 134 41.67 -6.01 -58.45
C PRO E 134 42.53 -7.20 -58.04
N LEU E 135 41.85 -8.25 -57.55
CA LEU E 135 42.44 -9.57 -57.37
C LEU E 135 42.02 -10.36 -58.60
N ALA E 136 42.92 -10.47 -59.57
CA ALA E 136 42.46 -10.91 -60.88
C ALA E 136 42.85 -12.36 -61.17
N PRO E 137 41.94 -13.13 -61.77
CA PRO E 137 42.24 -14.54 -62.01
C PRO E 137 43.26 -14.70 -63.12
N SER E 138 44.25 -15.56 -62.89
CA SER E 138 45.25 -15.90 -63.90
C SER E 138 44.73 -17.08 -64.74
N SER E 139 45.61 -17.66 -65.56
CA SER E 139 45.31 -18.96 -66.15
C SER E 139 45.67 -20.10 -65.21
N LYS E 140 46.55 -19.84 -64.23
CA LYS E 140 46.66 -20.70 -63.06
C LYS E 140 45.44 -20.56 -62.17
N SER E 141 44.91 -19.34 -62.03
CA SER E 141 43.68 -19.12 -61.27
C SER E 141 42.42 -19.46 -62.07
N THR E 142 42.53 -19.83 -63.35
CA THR E 142 41.46 -20.59 -64.02
C THR E 142 41.73 -22.08 -63.88
N SER E 143 41.83 -22.49 -62.62
CA SER E 143 42.13 -23.87 -62.25
C SER E 143 40.97 -24.76 -62.66
N GLY E 144 41.16 -25.53 -63.73
CA GLY E 144 40.08 -26.30 -64.27
C GLY E 144 39.02 -25.40 -64.86
N GLY E 145 37.87 -25.29 -64.19
CA GLY E 145 36.75 -24.56 -64.75
C GLY E 145 36.04 -23.61 -63.80
N THR E 146 36.73 -23.18 -62.75
CA THR E 146 36.25 -22.12 -61.87
C THR E 146 37.41 -21.19 -61.56
N ALA E 147 37.18 -19.89 -61.67
CA ALA E 147 38.22 -18.88 -61.43
C ALA E 147 37.84 -18.02 -60.24
N ALA E 148 38.81 -17.68 -59.41
CA ALA E 148 38.60 -16.78 -58.29
C ALA E 148 39.12 -15.40 -58.66
N LEU E 149 38.25 -14.39 -58.54
CA LEU E 149 38.62 -13.01 -58.77
C LEU E 149 38.00 -12.16 -57.67
N GLY E 150 38.67 -11.06 -57.33
CA GLY E 150 38.22 -10.32 -56.18
C GLY E 150 38.78 -8.92 -56.16
N CYS E 151 38.51 -8.23 -55.05
CA CYS E 151 39.05 -6.90 -54.77
C CYS E 151 39.77 -6.89 -53.43
N LEU E 152 40.87 -6.15 -53.35
CA LEU E 152 41.56 -5.88 -52.11
C LEU E 152 41.27 -4.45 -51.71
N VAL E 153 40.76 -4.26 -50.50
CA VAL E 153 40.37 -2.95 -49.98
C VAL E 153 41.40 -2.56 -48.93
N LYS E 154 42.33 -1.69 -49.31
CA LYS E 154 43.59 -1.53 -48.60
C LYS E 154 43.71 -0.13 -48.03
N ASP E 155 44.19 -0.08 -46.79
CA ASP E 155 44.60 1.15 -46.13
C ASP E 155 43.43 2.13 -46.02
N TYR E 156 42.45 1.72 -45.21
CA TYR E 156 41.35 2.58 -44.81
C TYR E 156 41.23 2.58 -43.29
N PHE E 157 40.47 3.55 -42.78
CA PHE E 157 40.21 3.77 -41.37
C PHE E 157 39.11 4.80 -41.20
N PRO E 158 38.17 4.62 -40.27
CA PRO E 158 37.97 3.50 -39.34
C PRO E 158 37.21 2.34 -39.96
N GLU E 159 36.71 1.41 -39.14
CA GLU E 159 36.45 0.05 -39.65
C GLU E 159 35.35 -0.06 -40.70
N PRO E 160 34.13 0.54 -40.54
CA PRO E 160 32.97 0.04 -41.33
C PRO E 160 33.05 0.22 -42.85
N VAL E 161 33.28 -0.87 -43.60
CA VAL E 161 33.39 -0.86 -45.06
C VAL E 161 32.49 -1.95 -45.64
N THR E 162 31.82 -1.66 -46.76
CA THR E 162 30.88 -2.58 -47.38
C THR E 162 31.25 -2.84 -48.84
N VAL E 163 31.24 -4.11 -49.25
CA VAL E 163 31.61 -4.54 -50.59
C VAL E 163 30.52 -5.46 -51.14
N SER E 164 30.04 -5.16 -52.34
CA SER E 164 29.09 -6.02 -53.05
C SER E 164 29.49 -6.08 -54.52
N TRP E 165 29.07 -7.14 -55.19
CA TRP E 165 29.54 -7.43 -56.53
C TRP E 165 28.44 -7.22 -57.56
N ASN E 166 28.85 -6.73 -58.73
CA ASN E 166 27.98 -6.34 -59.83
C ASN E 166 26.76 -5.57 -59.32
N SER E 167 27.04 -4.61 -58.44
CA SER E 167 26.03 -3.75 -57.84
C SER E 167 24.87 -4.57 -57.27
N GLY E 168 25.23 -5.48 -56.35
CA GLY E 168 24.26 -6.29 -55.64
C GLY E 168 23.77 -7.50 -56.39
N ALA E 169 23.87 -7.52 -57.73
CA ALA E 169 23.33 -8.62 -58.52
C ALA E 169 24.06 -9.93 -58.25
N LEU E 170 25.39 -9.89 -58.12
CA LEU E 170 26.20 -11.10 -57.89
C LEU E 170 26.22 -11.39 -56.40
N THR E 171 25.47 -12.43 -56.00
CA THR E 171 25.40 -12.90 -54.62
C THR E 171 26.14 -14.20 -54.42
N SER E 172 25.82 -15.23 -55.22
CA SER E 172 26.29 -16.57 -54.92
C SER E 172 27.79 -16.70 -55.10
N GLY E 173 28.43 -17.38 -54.15
CA GLY E 173 29.84 -17.67 -54.22
C GLY E 173 30.77 -16.54 -53.81
N VAL E 174 30.22 -15.40 -53.40
CA VAL E 174 31.06 -14.32 -52.89
C VAL E 174 31.41 -14.63 -51.45
N HIS E 175 32.66 -14.34 -51.08
CA HIS E 175 33.08 -14.29 -49.69
C HIS E 175 33.77 -12.94 -49.44
N THR E 176 33.49 -12.33 -48.29
CA THR E 176 34.16 -11.10 -47.89
C THR E 176 34.67 -11.31 -46.47
N PHE E 177 35.99 -11.26 -46.32
CA PHE E 177 36.68 -11.68 -45.11
C PHE E 177 36.76 -10.55 -44.06
N PRO E 178 36.79 -10.91 -42.77
CA PRO E 178 36.96 -9.90 -41.73
C PRO E 178 38.25 -9.13 -41.94
N ALA E 179 38.12 -7.81 -42.06
CA ALA E 179 39.28 -6.96 -42.34
C ALA E 179 40.29 -7.07 -41.22
N VAL E 180 41.57 -7.13 -41.58
CA VAL E 180 42.64 -7.13 -40.61
C VAL E 180 43.09 -5.70 -40.40
N LEU E 181 43.76 -5.45 -39.28
CA LEU E 181 44.35 -4.16 -38.95
C LEU E 181 45.87 -4.29 -39.04
N GLN E 182 46.45 -3.75 -40.09
CA GLN E 182 47.87 -3.94 -40.29
C GLN E 182 48.69 -2.99 -39.43
N SER E 183 49.99 -3.27 -39.38
CA SER E 183 50.90 -2.57 -38.47
C SER E 183 50.81 -1.06 -38.60
N SER E 184 50.29 -0.55 -39.72
CA SER E 184 50.19 0.89 -39.92
C SER E 184 49.07 1.53 -39.11
N GLY E 185 48.06 0.76 -38.71
CA GLY E 185 46.87 1.30 -38.08
C GLY E 185 45.70 1.50 -39.02
N LEU E 186 45.87 1.17 -40.30
CA LEU E 186 44.79 1.09 -41.27
C LEU E 186 44.39 -0.38 -41.48
N TYR E 187 43.25 -0.58 -42.12
CA TYR E 187 42.65 -1.90 -42.29
C TYR E 187 42.79 -2.40 -43.73
N SER E 188 42.79 -3.72 -43.89
CA SER E 188 42.88 -4.35 -45.22
C SER E 188 41.83 -5.45 -45.31
N LEU E 189 40.67 -5.06 -45.80
CA LEU E 189 39.60 -5.99 -46.16
C LEU E 189 39.92 -6.65 -47.49
N SER E 190 39.42 -7.87 -47.65
CA SER E 190 39.66 -8.61 -48.88
C SER E 190 38.39 -9.34 -49.26
N SER E 191 37.89 -9.13 -50.49
CA SER E 191 36.66 -9.80 -50.93
C SER E 191 36.85 -10.48 -52.27
N VAL E 192 36.46 -11.75 -52.34
CA VAL E 192 36.63 -12.58 -53.51
C VAL E 192 35.27 -13.16 -53.89
N VAL E 193 35.21 -13.69 -55.11
CA VAL E 193 34.02 -14.40 -55.59
C VAL E 193 34.49 -15.36 -56.68
N THR E 194 34.00 -16.59 -56.60
CA THR E 194 34.32 -17.61 -57.57
C THR E 194 33.22 -17.71 -58.61
N VAL E 195 33.63 -17.82 -59.87
CA VAL E 195 32.74 -17.96 -61.02
C VAL E 195 33.37 -18.96 -61.98
N PRO E 196 32.55 -19.59 -62.83
CA PRO E 196 33.10 -20.52 -63.81
C PRO E 196 34.06 -19.81 -64.76
N SER E 197 35.11 -20.52 -65.18
CA SER E 197 36.10 -19.93 -66.08
C SER E 197 35.43 -19.38 -67.34
N SER E 198 34.62 -20.20 -68.01
CA SER E 198 33.95 -19.76 -69.23
C SER E 198 32.73 -18.92 -68.85
N SER E 199 33.02 -17.84 -68.12
CA SER E 199 32.11 -16.72 -67.97
C SER E 199 32.85 -15.40 -67.94
N LEU E 200 34.17 -15.41 -68.11
CA LEU E 200 34.99 -14.22 -67.95
C LEU E 200 34.88 -13.30 -69.17
N GLY E 201 34.80 -13.87 -70.37
CA GLY E 201 34.76 -13.04 -71.55
C GLY E 201 33.41 -12.49 -71.94
N THR E 202 32.35 -12.85 -71.21
CA THR E 202 30.99 -12.47 -71.57
C THR E 202 30.20 -11.76 -70.46
N GLN E 203 30.55 -11.92 -69.20
CA GLN E 203 29.93 -11.18 -68.11
C GLN E 203 30.97 -10.32 -67.42
N THR E 204 30.58 -9.10 -67.07
CA THR E 204 31.48 -8.11 -66.49
C THR E 204 31.33 -8.09 -64.98
N TYR E 205 32.45 -8.14 -64.27
CA TYR E 205 32.50 -8.22 -62.80
C TYR E 205 33.11 -6.96 -62.23
N ILE E 206 32.34 -6.25 -61.41
CA ILE E 206 32.83 -5.09 -60.67
C ILE E 206 32.46 -5.29 -59.21
N CYS E 207 33.43 -5.10 -58.31
CA CYS E 207 33.12 -4.97 -56.89
C CYS E 207 32.87 -3.50 -56.56
N ASN E 208 31.97 -3.27 -55.62
CA ASN E 208 31.54 -1.93 -55.24
C ASN E 208 31.85 -1.72 -53.75
N VAL E 209 32.87 -0.96 -53.48
CA VAL E 209 33.25 -0.63 -52.11
C VAL E 209 32.53 0.65 -51.70
N ASN E 210 32.11 0.71 -50.44
CA ASN E 210 31.66 1.95 -49.82
C ASN E 210 32.30 2.05 -48.44
N HIS E 211 32.87 3.22 -48.14
CA HIS E 211 33.44 3.52 -46.84
C HIS E 211 32.71 4.76 -46.36
N LYS E 212 31.65 4.55 -45.59
CA LYS E 212 30.82 5.67 -45.14
C LYS E 212 31.59 6.76 -44.40
N PRO E 213 32.57 6.49 -43.52
CA PRO E 213 33.16 7.58 -42.74
C PRO E 213 34.01 8.55 -43.56
N SER E 214 34.30 8.23 -44.83
CA SER E 214 35.10 9.12 -45.68
C SER E 214 34.34 9.60 -46.91
N ASN E 215 33.03 9.39 -46.97
CA ASN E 215 32.20 9.83 -48.10
C ASN E 215 32.69 9.22 -49.40
N THR E 216 33.21 8.00 -49.33
CA THR E 216 33.99 7.39 -50.40
C THR E 216 33.31 6.16 -50.96
N LYS E 217 33.14 6.12 -52.28
CA LYS E 217 32.72 4.92 -53.00
C LYS E 217 33.71 4.69 -54.13
N VAL E 218 33.88 3.43 -54.51
CA VAL E 218 34.72 3.03 -55.63
C VAL E 218 34.07 1.85 -56.30
N ASP E 219 34.07 1.85 -57.64
CA ASP E 219 33.64 0.71 -58.43
C ASP E 219 34.84 0.27 -59.26
N LYS E 220 35.46 -0.84 -58.89
CA LYS E 220 36.63 -1.33 -59.61
C LYS E 220 36.26 -2.58 -60.38
N ARG E 221 36.59 -2.58 -61.66
CA ARG E 221 36.27 -3.67 -62.57
C ARG E 221 37.42 -4.67 -62.52
N VAL E 222 37.16 -5.85 -61.97
CA VAL E 222 38.16 -6.90 -61.88
C VAL E 222 38.10 -7.70 -63.18
N GLU E 223 39.24 -7.80 -63.86
CA GLU E 223 39.30 -8.57 -65.10
C GLU E 223 40.66 -9.25 -65.23
N PRO E 224 40.74 -10.38 -65.96
CA PRO E 224 41.93 -11.26 -65.91
C PRO E 224 43.12 -10.78 -66.75
N LYS E 225 44.15 -11.60 -66.91
CA LYS E 225 45.29 -11.25 -67.78
C LYS E 225 44.81 -11.04 -69.23
N ALA F 1 38.30 -13.59 -6.66
CA ALA F 1 37.52 -13.84 -7.86
C ALA F 1 37.11 -15.31 -7.97
N ILE F 2 36.10 -15.52 -8.79
CA ILE F 2 35.55 -16.85 -9.06
C ILE F 2 35.72 -17.09 -10.55
N HIS F 3 36.82 -17.72 -10.94
CA HIS F 3 37.02 -18.01 -12.36
CA HIS F 3 37.04 -18.01 -12.36
C HIS F 3 36.06 -19.10 -12.82
N MET F 4 35.29 -18.82 -13.87
CA MET F 4 34.40 -19.80 -14.48
C MET F 4 35.12 -20.45 -15.67
N THR F 5 35.28 -21.77 -15.62
CA THR F 5 35.90 -22.50 -16.71
C THR F 5 34.81 -23.25 -17.47
N GLN F 6 34.87 -23.18 -18.79
CA GLN F 6 33.79 -23.69 -19.64
C GLN F 6 34.30 -24.80 -20.54
N SER F 7 33.48 -25.84 -20.74
CA SER F 7 33.81 -26.96 -21.60
C SER F 7 32.73 -27.13 -22.66
N PRO F 8 33.11 -27.37 -23.94
CA PRO F 8 34.43 -27.32 -24.55
C PRO F 8 34.60 -25.93 -25.11
N PHE F 9 35.72 -25.52 -25.70
CA PHE F 9 35.68 -24.19 -26.28
C PHE F 9 34.94 -24.20 -27.61
N SER F 10 35.12 -25.24 -28.42
CA SER F 10 34.35 -25.39 -29.64
C SER F 10 33.69 -26.75 -29.68
N LEU F 11 32.59 -26.84 -30.40
CA LEU F 11 31.75 -28.03 -30.40
C LEU F 11 31.03 -28.12 -31.74
N SER F 12 30.94 -29.32 -32.31
CA SER F 12 30.57 -29.47 -33.71
C SER F 12 29.56 -30.61 -33.87
N ALA F 13 28.28 -30.26 -33.94
CA ALA F 13 27.21 -31.25 -33.97
C ALA F 13 26.25 -30.96 -35.11
N SER F 14 25.64 -32.03 -35.65
CA SER F 14 24.62 -31.88 -36.67
C SER F 14 23.30 -31.44 -36.03
N VAL F 15 22.26 -31.33 -36.85
CA VAL F 15 20.97 -30.84 -36.35
C VAL F 15 20.19 -31.99 -35.75
N GLY F 16 19.68 -31.77 -34.53
CA GLY F 16 18.93 -32.77 -33.81
C GLY F 16 19.71 -33.51 -32.74
N ASP F 17 20.84 -32.97 -32.28
CA ASP F 17 21.70 -33.62 -31.32
C ASP F 17 21.42 -33.16 -29.89
N ARG F 18 21.81 -33.98 -28.93
CA ARG F 18 21.69 -33.67 -27.51
C ARG F 18 22.92 -32.93 -27.00
N VAL F 19 23.31 -31.86 -27.71
CA VAL F 19 24.45 -31.05 -27.31
C VAL F 19 24.32 -30.62 -25.84
N THR F 20 25.42 -30.66 -25.10
CA THR F 20 25.36 -30.23 -23.71
C THR F 20 26.74 -29.71 -23.27
N ILE F 21 26.78 -28.45 -22.84
CA ILE F 21 28.03 -27.78 -22.50
C ILE F 21 28.03 -27.45 -21.01
N THR F 22 29.24 -27.26 -20.48
CA THR F 22 29.48 -27.32 -19.04
C THR F 22 30.15 -26.03 -18.59
N CYS F 23 30.01 -25.73 -17.30
CA CYS F 23 30.54 -24.49 -16.72
C CYS F 23 30.75 -24.72 -15.23
N ARG F 24 31.99 -24.55 -14.76
CA ARG F 24 32.41 -24.95 -13.43
C ARG F 24 33.04 -23.77 -12.71
N ALA F 25 32.66 -23.55 -11.44
CA ALA F 25 33.12 -22.38 -10.70
C ALA F 25 34.28 -22.73 -9.74
N SER F 26 35.21 -21.77 -9.58
CA SER F 26 36.35 -21.88 -8.68
C SER F 26 35.92 -22.43 -7.33
N GLN F 27 35.05 -21.66 -6.68
CA GLN F 27 34.33 -21.98 -5.46
C GLN F 27 32.86 -22.00 -5.78
N GLY F 28 32.09 -22.62 -4.90
CA GLY F 28 30.66 -22.66 -5.06
C GLY F 28 30.08 -21.27 -5.22
N ILE F 29 29.19 -21.11 -6.19
CA ILE F 29 28.52 -19.85 -6.48
C ILE F 29 27.02 -19.93 -6.18
N ARG F 30 26.61 -20.91 -5.36
CA ARG F 30 25.21 -21.18 -5.03
C ARG F 30 24.51 -21.67 -6.29
N ASN F 31 23.51 -20.95 -6.77
CA ASN F 31 23.07 -21.16 -8.15
C ASN F 31 22.78 -19.83 -8.83
N ASP F 32 23.72 -18.90 -8.75
CA ASP F 32 23.56 -17.58 -9.35
C ASP F 32 23.96 -17.55 -10.81
N LEU F 33 23.85 -18.66 -11.51
CA LEU F 33 24.42 -18.78 -12.84
C LEU F 33 23.38 -18.57 -13.93
N ALA F 34 23.76 -17.80 -14.94
CA ALA F 34 22.91 -17.49 -16.09
C ALA F 34 23.64 -17.86 -17.38
N TRP F 35 22.87 -18.25 -18.39
CA TRP F 35 23.40 -18.76 -19.67
C TRP F 35 22.99 -17.85 -20.81
N TYR F 36 23.96 -17.41 -21.61
CA TYR F 36 23.66 -16.49 -22.71
C TYR F 36 24.07 -17.10 -24.04
N GLN F 37 23.30 -16.76 -25.08
CA GLN F 37 23.51 -17.18 -26.45
C GLN F 37 23.93 -16.00 -27.28
N HIS F 38 24.93 -16.18 -28.15
CA HIS F 38 25.49 -15.00 -28.82
C HIS F 38 25.75 -15.30 -30.30
N LYS F 39 24.84 -14.76 -31.20
CA LYS F 39 25.22 -14.92 -32.59
C LYS F 39 25.83 -13.62 -33.10
N PRO F 40 26.83 -13.70 -33.98
CA PRO F 40 27.48 -12.48 -34.45
C PRO F 40 26.47 -11.52 -35.04
N GLY F 41 26.64 -10.24 -34.73
CA GLY F 41 25.78 -9.18 -35.25
C GLY F 41 24.65 -8.76 -34.34
N THR F 42 24.32 -9.56 -33.32
CA THR F 42 23.26 -9.20 -32.38
C THR F 42 23.79 -9.24 -30.96
N ALA F 43 23.03 -8.60 -30.06
CA ALA F 43 23.35 -8.59 -28.65
C ALA F 43 23.20 -9.99 -28.05
N PRO F 44 23.86 -10.24 -26.89
CA PRO F 44 23.61 -11.50 -26.16
C PRO F 44 22.12 -11.70 -25.88
N LYS F 45 21.70 -12.96 -25.68
CA LYS F 45 20.32 -13.34 -25.32
C LYS F 45 20.41 -14.18 -24.07
N VAL F 46 19.54 -13.94 -23.09
CA VAL F 46 19.56 -14.79 -21.90
C VAL F 46 18.63 -15.97 -22.12
N LEU F 47 19.15 -17.17 -21.89
CA LEU F 47 18.36 -18.38 -22.01
C LEU F 47 17.98 -18.94 -20.66
N ILE F 48 18.92 -18.98 -19.74
CA ILE F 48 18.68 -19.54 -18.43
C ILE F 48 19.24 -18.61 -17.36
N TYR F 49 18.46 -18.38 -16.32
CA TYR F 49 18.88 -17.67 -15.13
C TYR F 49 18.59 -18.54 -13.91
N ALA F 50 19.18 -18.17 -12.77
CA ALA F 50 19.06 -18.94 -11.53
C ALA F 50 19.40 -20.42 -11.75
N ALA F 51 20.22 -20.70 -12.78
CA ALA F 51 20.86 -21.95 -13.19
C ALA F 51 19.88 -22.94 -13.80
N SER F 52 18.58 -22.75 -13.64
CA SER F 52 17.63 -23.80 -13.99
C SER F 52 16.33 -23.27 -14.58
N SER F 53 16.21 -21.97 -14.81
CA SER F 53 14.94 -21.34 -15.13
C SER F 53 14.95 -20.87 -16.58
N LEU F 54 13.87 -21.18 -17.29
CA LEU F 54 13.75 -20.88 -18.72
C LEU F 54 13.16 -19.48 -18.88
N GLN F 55 13.97 -18.54 -19.37
CA GLN F 55 13.50 -17.17 -19.51
C GLN F 55 12.35 -17.10 -20.51
N ASP F 56 11.28 -16.38 -20.14
CA ASP F 56 10.02 -16.35 -20.87
C ASP F 56 10.29 -16.36 -22.36
N GLY F 57 9.72 -17.34 -23.06
CA GLY F 57 9.86 -17.39 -24.50
C GLY F 57 11.08 -18.12 -25.05
N VAL F 58 12.20 -18.15 -24.31
CA VAL F 58 13.33 -18.99 -24.69
C VAL F 58 12.88 -20.45 -24.77
N SER F 59 13.30 -21.16 -25.82
CA SER F 59 12.68 -22.43 -26.22
C SER F 59 12.92 -23.54 -25.20
N SER F 60 12.00 -24.51 -25.18
CA SER F 60 12.00 -25.50 -24.11
C SER F 60 13.10 -26.55 -24.27
N ARG F 61 13.72 -26.66 -25.45
CA ARG F 61 14.78 -27.64 -25.58
C ARG F 61 16.05 -27.22 -24.86
N PHE F 62 16.22 -25.91 -24.64
CA PHE F 62 17.27 -25.39 -23.76
C PHE F 62 16.94 -25.70 -22.31
N SER F 63 17.93 -26.22 -21.57
CA SER F 63 17.68 -26.78 -20.25
C SER F 63 18.88 -26.56 -19.36
N GLY F 64 18.69 -25.81 -18.27
CA GLY F 64 19.76 -25.47 -17.36
C GLY F 64 19.76 -26.35 -16.13
N SER F 65 20.93 -26.90 -15.81
CA SER F 65 21.10 -27.78 -14.65
C SER F 65 22.37 -27.40 -13.90
N GLY F 66 22.44 -27.89 -12.67
CA GLY F 66 23.59 -27.78 -11.78
C GLY F 66 23.33 -26.83 -10.61
N SER F 67 24.17 -26.96 -9.59
CA SER F 67 24.32 -25.90 -8.62
C SER F 67 25.61 -26.11 -7.85
N GLY F 68 26.08 -25.03 -7.24
CA GLY F 68 27.29 -25.06 -6.45
C GLY F 68 28.51 -24.77 -7.29
N THR F 69 29.19 -25.83 -7.70
CA THR F 69 30.41 -25.67 -8.47
C THR F 69 30.27 -26.07 -9.93
N LEU F 70 29.36 -26.99 -10.27
CA LEU F 70 29.25 -27.54 -11.62
C LEU F 70 27.87 -27.22 -12.21
N PHE F 71 27.84 -26.75 -13.46
CA PHE F 71 26.60 -26.35 -14.12
C PHE F 71 26.63 -26.80 -15.57
N THR F 72 25.48 -27.19 -16.09
CA THR F 72 25.39 -27.55 -17.50
C THR F 72 24.32 -26.72 -18.18
N LEU F 73 24.38 -26.73 -19.50
CA LEU F 73 23.31 -26.29 -20.39
C LEU F 73 23.09 -27.43 -21.38
N THR F 74 21.84 -27.75 -21.66
CA THR F 74 21.55 -28.87 -22.54
C THR F 74 20.57 -28.44 -23.61
N ILE F 75 20.92 -28.68 -24.87
CA ILE F 75 20.06 -28.38 -25.99
C ILE F 75 19.52 -29.72 -26.52
N SER F 76 18.20 -29.84 -26.53
CA SER F 76 17.60 -31.16 -26.70
C SER F 76 17.74 -31.63 -28.14
N SER F 77 17.11 -30.94 -29.09
CA SER F 77 17.31 -31.20 -30.51
C SER F 77 17.84 -29.93 -31.14
N LEU F 78 19.07 -30.00 -31.65
CA LEU F 78 19.67 -28.81 -32.24
C LEU F 78 18.82 -28.34 -33.42
N GLN F 79 18.77 -27.03 -33.62
CA GLN F 79 18.02 -26.52 -34.75
C GLN F 79 18.97 -25.80 -35.72
N PRO F 80 18.51 -25.35 -36.89
CA PRO F 80 19.40 -24.54 -37.74
C PRO F 80 19.87 -23.27 -37.06
N GLU F 81 19.05 -22.69 -36.18
CA GLU F 81 19.50 -21.67 -35.23
C GLU F 81 20.28 -22.40 -34.15
N ASP F 82 20.49 -21.77 -33.00
CA ASP F 82 21.21 -22.40 -31.90
C ASP F 82 22.69 -22.49 -32.22
N PHE F 83 23.06 -22.24 -33.48
CA PHE F 83 24.45 -22.35 -33.88
C PHE F 83 25.04 -20.97 -33.59
N ALA F 84 25.59 -20.86 -32.39
CA ALA F 84 26.00 -19.59 -31.81
C ALA F 84 27.02 -19.92 -30.73
N THR F 85 27.55 -18.88 -30.12
CA THR F 85 28.45 -19.06 -28.99
C THR F 85 27.70 -18.82 -27.69
N TYR F 86 27.96 -19.70 -26.71
CA TYR F 86 27.28 -19.70 -25.44
C TYR F 86 28.27 -19.39 -24.34
N TYR F 87 27.96 -18.39 -23.52
CA TYR F 87 28.74 -18.04 -22.35
C TYR F 87 27.90 -18.29 -21.11
N CYS F 88 28.53 -18.71 -20.02
CA CYS F 88 27.87 -18.70 -18.73
C CYS F 88 28.34 -17.51 -17.94
N LEU F 89 27.46 -16.99 -17.09
CA LEU F 89 27.77 -15.81 -16.29
C LEU F 89 27.23 -16.00 -14.88
N GLN F 90 28.08 -15.79 -13.88
CA GLN F 90 27.68 -15.87 -12.49
C GLN F 90 27.39 -14.46 -12.00
N GLY F 91 26.37 -14.33 -11.17
CA GLY F 91 26.03 -13.05 -10.57
C GLY F 91 26.14 -13.14 -9.07
N TYR F 92 26.94 -14.12 -8.62
CA TYR F 92 27.05 -14.43 -7.21
C TYR F 92 28.16 -13.65 -6.52
N ASN F 93 29.26 -13.38 -7.20
CA ASN F 93 30.46 -12.88 -6.55
C ASN F 93 30.77 -11.45 -6.98
N TYR F 94 31.86 -10.93 -6.41
CA TYR F 94 32.06 -9.48 -6.37
C TYR F 94 32.22 -8.92 -7.78
N PRO F 95 33.26 -9.33 -8.59
CA PRO F 95 33.26 -8.90 -9.99
C PRO F 95 32.57 -9.97 -10.82
N ARG F 96 31.45 -9.66 -11.42
CA ARG F 96 30.75 -10.71 -12.13
C ARG F 96 31.62 -11.16 -13.28
N THR F 97 31.60 -12.47 -13.57
CA THR F 97 32.56 -13.09 -14.48
C THR F 97 31.90 -14.12 -15.40
N PHE F 98 32.32 -14.11 -16.68
CA PHE F 98 31.87 -15.05 -17.70
C PHE F 98 32.80 -16.26 -17.78
N GLY F 99 32.31 -17.30 -18.46
CA GLY F 99 33.19 -18.30 -19.00
C GLY F 99 33.70 -17.90 -20.39
N GLN F 100 34.57 -18.76 -20.93
CA GLN F 100 35.21 -18.49 -22.21
C GLN F 100 34.19 -18.39 -23.34
N GLY F 101 33.03 -18.99 -23.17
CA GLY F 101 32.14 -19.21 -24.29
C GLY F 101 32.42 -20.53 -24.95
N THR F 102 31.35 -21.21 -25.35
CA THR F 102 31.44 -22.41 -26.17
C THR F 102 30.82 -22.09 -27.51
N LYS F 103 31.59 -22.25 -28.59
CA LYS F 103 31.06 -22.02 -29.93
C LYS F 103 30.53 -23.32 -30.49
N VAL F 104 29.25 -23.31 -30.84
CA VAL F 104 28.58 -24.46 -31.43
C VAL F 104 28.50 -24.23 -32.93
N GLU F 105 29.16 -25.10 -33.68
CA GLU F 105 29.20 -25.08 -35.13
C GLU F 105 28.52 -26.34 -35.64
N MET F 106 28.20 -26.35 -36.92
CA MET F 106 27.55 -27.49 -37.53
C MET F 106 28.59 -28.43 -38.12
N LYS F 107 28.42 -29.73 -37.87
CA LYS F 107 29.32 -30.72 -38.45
C LYS F 107 28.95 -31.03 -39.89
N ARG F 108 29.96 -31.39 -40.66
CA ARG F 108 29.75 -31.77 -42.05
C ARG F 108 30.91 -32.65 -42.46
N THR F 109 30.73 -33.30 -43.61
CA THR F 109 31.80 -34.11 -44.19
C THR F 109 33.06 -33.26 -44.39
N VAL F 110 34.22 -33.91 -44.34
CA VAL F 110 35.48 -33.17 -44.44
C VAL F 110 35.60 -32.56 -45.82
N ALA F 111 36.11 -31.33 -45.88
CA ALA F 111 36.15 -30.57 -47.13
C ALA F 111 37.56 -30.06 -47.37
N ALA F 112 38.10 -30.38 -48.53
CA ALA F 112 39.38 -29.83 -48.93
C ALA F 112 39.23 -28.35 -49.24
N PRO F 113 40.29 -27.55 -49.01
CA PRO F 113 40.25 -26.15 -49.45
C PRO F 113 40.39 -26.06 -50.96
N SER F 114 40.26 -24.86 -51.49
CA SER F 114 40.69 -24.55 -52.85
C SER F 114 41.59 -23.32 -52.74
N VAL F 115 42.77 -23.39 -53.35
CA VAL F 115 43.78 -22.37 -53.17
C VAL F 115 43.94 -21.60 -54.47
N PHE F 116 43.78 -20.29 -54.38
CA PHE F 116 44.18 -19.39 -55.44
C PHE F 116 45.22 -18.44 -54.89
N ILE F 117 46.16 -18.04 -55.72
CA ILE F 117 47.13 -17.04 -55.35
C ILE F 117 46.92 -15.84 -56.28
N PHE F 118 46.84 -14.66 -55.68
CA PHE F 118 46.70 -13.42 -56.42
C PHE F 118 47.97 -12.58 -56.27
N PRO F 119 48.63 -12.20 -57.36
CA PRO F 119 49.80 -11.35 -57.26
C PRO F 119 49.39 -9.89 -57.13
N PRO F 120 50.27 -9.03 -56.65
CA PRO F 120 49.90 -7.61 -56.54
C PRO F 120 49.58 -7.02 -57.90
N SER F 121 48.48 -6.28 -57.96
CA SER F 121 48.15 -5.56 -59.17
C SER F 121 49.18 -4.46 -59.41
N ASP F 122 49.28 -4.02 -60.66
CA ASP F 122 50.16 -2.89 -60.95
C ASP F 122 49.59 -1.60 -60.38
N GLU F 123 48.26 -1.50 -60.29
CA GLU F 123 47.63 -0.32 -59.68
C GLU F 123 48.23 -0.03 -58.32
N GLN F 124 48.52 -1.09 -57.54
CA GLN F 124 49.17 -0.94 -56.26
C GLN F 124 50.66 -0.68 -56.40
N LEU F 125 51.32 -1.28 -57.40
CA LEU F 125 52.77 -1.15 -57.50
C LEU F 125 53.20 0.25 -57.89
N LYS F 126 52.32 1.04 -58.53
CA LYS F 126 52.62 2.45 -58.71
C LYS F 126 52.65 3.16 -57.35
N SER F 127 51.83 2.71 -56.41
CA SER F 127 51.78 3.37 -55.10
C SER F 127 53.02 3.04 -54.27
N GLY F 128 53.66 1.90 -54.51
CA GLY F 128 54.89 1.56 -53.82
C GLY F 128 54.77 0.38 -52.86
N THR F 129 53.58 -0.17 -52.67
CA THR F 129 53.38 -1.35 -51.85
C THR F 129 52.87 -2.50 -52.72
N ALA F 130 53.12 -3.73 -52.26
CA ALA F 130 52.70 -4.91 -53.00
C ALA F 130 52.10 -5.91 -52.02
N SER F 131 50.84 -6.25 -52.22
CA SER F 131 50.16 -7.24 -51.39
C SER F 131 49.97 -8.50 -52.21
N VAL F 132 50.39 -9.64 -51.67
CA VAL F 132 50.13 -10.93 -52.29
C VAL F 132 49.06 -11.64 -51.48
N VAL F 133 47.92 -11.92 -52.12
CA VAL F 133 46.77 -12.56 -51.50
C VAL F 133 46.83 -14.05 -51.79
N CYS F 134 46.43 -14.86 -50.80
CA CYS F 134 46.18 -16.28 -51.02
C CYS F 134 44.80 -16.64 -50.48
N LEU F 135 43.97 -17.24 -51.33
CA LEU F 135 42.60 -17.59 -50.98
C LEU F 135 42.49 -19.10 -50.76
N LEU F 136 41.96 -19.51 -49.61
CA LEU F 136 41.68 -20.91 -49.31
C LEU F 136 40.16 -21.02 -49.12
N ASN F 137 39.48 -21.58 -50.11
CA ASN F 137 38.05 -21.36 -50.28
C ASN F 137 37.27 -22.65 -50.05
N ASN F 138 36.25 -22.57 -49.18
CA ASN F 138 35.22 -23.59 -48.97
C ASN F 138 35.80 -24.93 -48.51
N PHE F 139 36.36 -24.89 -47.32
CA PHE F 139 36.94 -26.08 -46.72
C PHE F 139 36.22 -26.40 -45.43
N TYR F 140 36.57 -27.55 -44.87
CA TYR F 140 36.08 -28.01 -43.57
C TYR F 140 36.93 -29.20 -43.12
N PRO F 141 37.26 -29.29 -41.83
CA PRO F 141 36.96 -28.33 -40.75
C PRO F 141 37.82 -27.07 -40.85
N ARG F 142 37.79 -26.23 -39.83
CA ARG F 142 38.32 -24.88 -39.97
C ARG F 142 39.85 -24.84 -39.95
N GLU F 143 40.51 -25.79 -39.30
CA GLU F 143 41.93 -25.66 -39.04
C GLU F 143 42.75 -25.84 -40.32
N ALA F 144 43.66 -24.91 -40.58
CA ALA F 144 44.54 -24.98 -41.73
C ALA F 144 45.76 -24.11 -41.45
N LYS F 145 46.70 -24.09 -42.39
CA LYS F 145 47.94 -23.36 -42.21
C LYS F 145 48.43 -22.86 -43.57
N VAL F 146 48.65 -21.55 -43.68
CA VAL F 146 49.21 -20.93 -44.86
C VAL F 146 50.61 -20.43 -44.52
N GLN F 147 51.63 -20.96 -45.20
CA GLN F 147 52.98 -20.45 -45.09
C GLN F 147 53.47 -19.96 -46.44
N TRP F 148 54.11 -18.80 -46.45
CA TRP F 148 54.56 -18.14 -47.66
C TRP F 148 56.05 -18.40 -47.85
N LYS F 149 56.41 -18.95 -49.02
CA LYS F 149 57.81 -19.19 -49.39
C LYS F 149 58.16 -18.29 -50.56
N VAL F 150 58.83 -17.17 -50.27
CA VAL F 150 59.21 -16.21 -51.30
C VAL F 150 60.59 -16.61 -51.81
N ASP F 151 60.61 -17.34 -52.93
CA ASP F 151 61.80 -18.05 -53.42
C ASP F 151 62.27 -19.09 -52.39
N ASN F 152 61.32 -19.89 -51.92
CA ASN F 152 61.51 -20.88 -50.87
C ASN F 152 61.88 -20.24 -49.53
N ALA F 153 62.02 -18.92 -49.49
CA ALA F 153 62.30 -18.22 -48.24
C ALA F 153 61.01 -18.20 -47.43
N LEU F 154 60.87 -19.17 -46.51
CA LEU F 154 59.67 -19.26 -45.69
C LEU F 154 59.49 -18.02 -44.84
N GLN F 155 58.40 -17.28 -45.09
CA GLN F 155 58.19 -15.96 -44.51
C GLN F 155 57.56 -16.06 -43.12
N SER F 156 57.29 -14.88 -42.54
CA SER F 156 56.52 -14.71 -41.31
C SER F 156 56.38 -13.21 -41.06
N GLY F 157 55.44 -12.85 -40.19
CA GLY F 157 55.26 -11.46 -39.82
C GLY F 157 54.52 -10.63 -40.86
N ASN F 158 55.05 -10.56 -42.07
CA ASN F 158 54.42 -9.78 -43.14
C ASN F 158 53.06 -10.34 -43.53
N SER F 159 52.80 -11.62 -43.24
CA SER F 159 51.55 -12.24 -43.61
C SER F 159 50.47 -11.92 -42.58
N GLN F 160 49.30 -11.56 -43.05
CA GLN F 160 48.12 -11.43 -42.22
C GLN F 160 47.00 -12.20 -42.89
N GLU F 161 46.23 -12.94 -42.10
CA GLU F 161 45.11 -13.70 -42.63
C GLU F 161 43.87 -13.48 -41.76
N SER F 162 42.70 -13.75 -42.36
CA SER F 162 41.42 -13.77 -41.65
C SER F 162 40.54 -14.84 -42.27
N VAL F 163 39.43 -15.15 -41.62
CA VAL F 163 38.57 -16.26 -42.00
C VAL F 163 37.10 -15.91 -41.80
N THR F 164 36.26 -16.35 -42.74
CA THR F 164 34.84 -16.10 -42.70
C THR F 164 34.18 -16.95 -41.63
N GLU F 165 32.93 -16.61 -41.32
CA GLU F 165 32.08 -17.48 -40.52
C GLU F 165 31.64 -18.68 -41.34
N GLN F 166 31.31 -19.78 -40.65
CA GLN F 166 30.78 -20.96 -41.32
C GLN F 166 29.62 -20.56 -42.22
N ASP F 167 29.77 -20.77 -43.52
CA ASP F 167 28.71 -20.44 -44.45
C ASP F 167 27.47 -21.25 -44.13
N SER F 168 26.31 -20.57 -44.10
CA SER F 168 25.09 -21.20 -43.59
C SER F 168 24.69 -22.41 -44.41
N LYS F 169 24.72 -22.30 -45.75
CA LYS F 169 24.12 -23.31 -46.60
C LYS F 169 25.03 -24.50 -46.90
N ASP F 170 26.36 -24.35 -46.76
CA ASP F 170 27.25 -25.49 -46.98
C ASP F 170 28.12 -25.82 -45.79
N SER F 171 28.09 -25.01 -44.73
CA SER F 171 28.78 -25.31 -43.48
C SER F 171 30.31 -25.28 -43.64
N THR F 172 30.84 -24.45 -44.53
CA THR F 172 32.26 -24.43 -44.84
C THR F 172 32.86 -23.05 -44.68
N TYR F 173 34.13 -23.04 -44.31
CA TYR F 173 34.91 -21.85 -44.02
C TYR F 173 35.74 -21.42 -45.23
N SER F 174 36.30 -20.19 -45.14
CA SER F 174 37.24 -19.68 -46.14
C SER F 174 38.24 -18.73 -45.49
N LEU F 175 39.42 -18.61 -46.09
CA LEU F 175 40.52 -17.85 -45.50
C LEU F 175 41.24 -17.03 -46.57
N SER F 176 41.76 -15.85 -46.17
CA SER F 176 42.49 -14.96 -47.08
C SER F 176 43.73 -14.42 -46.37
N SER F 177 44.87 -15.08 -46.60
CA SER F 177 46.13 -14.55 -46.11
C SER F 177 46.67 -13.51 -47.07
N THR F 178 47.20 -12.42 -46.52
CA THR F 178 47.73 -11.30 -47.31
C THR F 178 49.16 -11.01 -46.84
N LEU F 179 50.13 -11.46 -47.61
CA LEU F 179 51.52 -11.06 -47.45
C LEU F 179 51.73 -9.70 -48.11
N THR F 180 51.95 -8.68 -47.29
CA THR F 180 52.23 -7.34 -47.75
C THR F 180 53.72 -7.09 -47.59
N LEU F 181 54.39 -6.77 -48.71
CA LEU F 181 55.82 -6.45 -48.73
C LEU F 181 56.05 -5.32 -49.71
N SER F 182 57.14 -4.56 -49.48
CA SER F 182 57.40 -3.33 -50.21
C SER F 182 57.63 -3.58 -51.69
N LYS F 183 57.52 -2.51 -52.49
CA LYS F 183 57.72 -2.64 -53.93
C LYS F 183 59.15 -3.07 -54.25
N ALA F 184 60.10 -2.72 -53.38
CA ALA F 184 61.51 -2.99 -53.66
C ALA F 184 61.91 -4.41 -53.26
N ASP F 185 61.41 -4.91 -52.13
CA ASP F 185 61.58 -6.33 -51.82
C ASP F 185 60.96 -7.19 -52.90
N TYR F 186 59.87 -6.72 -53.50
CA TYR F 186 59.16 -7.50 -54.51
C TYR F 186 60.05 -7.72 -55.73
N GLU F 187 60.83 -6.71 -56.12
CA GLU F 187 61.67 -6.79 -57.32
C GLU F 187 62.78 -7.82 -57.20
N LYS F 188 63.05 -8.33 -55.99
CA LYS F 188 64.20 -9.20 -55.79
C LYS F 188 63.88 -10.65 -56.15
N HIS F 189 62.81 -11.19 -55.60
CA HIS F 189 62.52 -12.60 -55.76
C HIS F 189 61.57 -12.84 -56.94
N LYS F 190 61.47 -14.11 -57.34
CA LYS F 190 60.91 -14.49 -58.64
C LYS F 190 59.59 -15.23 -58.52
N VAL F 191 59.57 -16.35 -57.81
CA VAL F 191 58.39 -17.21 -57.70
C VAL F 191 57.83 -17.05 -56.30
N TYR F 192 56.55 -16.71 -56.21
CA TYR F 192 55.84 -16.53 -54.94
C TYR F 192 54.91 -17.72 -54.73
N ALA F 193 55.03 -18.35 -53.56
CA ALA F 193 54.34 -19.61 -53.30
C ALA F 193 53.51 -19.50 -52.03
N CYS F 194 52.32 -20.10 -52.08
CA CYS F 194 51.41 -20.25 -50.96
C CYS F 194 51.27 -21.73 -50.68
N GLU F 195 51.66 -22.17 -49.47
CA GLU F 195 51.72 -23.59 -49.12
C GLU F 195 50.70 -23.90 -48.03
N VAL F 196 49.64 -24.58 -48.41
CA VAL F 196 48.49 -24.82 -47.54
C VAL F 196 48.54 -26.25 -47.04
N THR F 197 48.76 -26.42 -45.75
CA THR F 197 48.50 -27.68 -45.08
C THR F 197 47.04 -27.71 -44.66
N HIS F 198 46.36 -28.81 -44.95
CA HIS F 198 45.01 -28.99 -44.42
C HIS F 198 44.74 -30.48 -44.20
N GLN F 199 43.71 -30.74 -43.39
CA GLN F 199 43.28 -32.11 -43.11
C GLN F 199 42.70 -32.78 -44.35
N GLY F 200 41.89 -32.05 -45.12
CA GLY F 200 41.35 -32.59 -46.34
C GLY F 200 42.35 -32.76 -47.47
N LEU F 201 43.60 -32.35 -47.26
CA LEU F 201 44.65 -32.47 -48.26
C LEU F 201 45.55 -33.65 -47.91
N SER F 202 45.82 -34.51 -48.89
CA SER F 202 46.73 -35.64 -48.74
C SER F 202 48.21 -35.24 -48.86
N SER F 203 48.47 -33.93 -48.98
CA SER F 203 49.77 -33.28 -48.92
C SER F 203 49.53 -31.78 -49.00
N PRO F 204 50.45 -30.94 -48.50
CA PRO F 204 50.26 -29.48 -48.63
C PRO F 204 50.29 -29.02 -50.08
N VAL F 205 49.15 -28.50 -50.55
CA VAL F 205 49.06 -27.92 -51.88
C VAL F 205 49.81 -26.59 -51.92
N THR F 206 50.56 -26.35 -53.00
CA THR F 206 51.30 -25.11 -53.19
C THR F 206 50.90 -24.48 -54.51
N LYS F 207 50.10 -23.42 -54.47
CA LYS F 207 49.82 -22.62 -55.65
C LYS F 207 50.82 -21.47 -55.71
N SER F 208 51.28 -21.16 -56.93
CA SER F 208 52.37 -20.19 -57.08
C SER F 208 52.21 -19.41 -58.39
N PHE F 209 52.96 -18.31 -58.49
CA PHE F 209 53.05 -17.51 -59.72
C PHE F 209 54.48 -17.02 -59.95
N ASN F 210 54.88 -16.97 -61.22
CA ASN F 210 56.07 -16.25 -61.64
C ASN F 210 55.73 -14.78 -61.87
N ARG F 211 56.73 -13.91 -61.65
CA ARG F 211 56.46 -12.47 -61.68
C ARG F 211 56.07 -11.94 -63.06
N GLY F 212 56.12 -12.76 -64.10
CA GLY F 212 55.57 -12.38 -65.40
C GLY F 212 54.47 -13.31 -65.85
N GLU F 213 54.60 -14.58 -65.49
CA GLU F 213 53.63 -15.66 -65.72
C GLU F 213 52.81 -15.50 -67.00
#